data_3VSE
#
_entry.id   3VSE
#
_cell.length_a   95.485
_cell.length_b   91.573
_cell.length_c   102.631
_cell.angle_alpha   90.00
_cell.angle_beta   94.03
_cell.angle_gamma   90.00
#
_symmetry.space_group_name_H-M   'P 1 21 1'
#
loop_
_entity.id
_entity.type
_entity.pdbx_description
1 polymer 'Putative uncharacterized protein'
2 non-polymer S-ADENOSYL-L-HOMOCYSTEINE
3 water water
#
_entity_poly.entity_id   1
_entity_poly.type   'polypeptide(L)'
_entity_poly.pdbx_seq_one_letter_code
;MKIATLNKGKETKYFNGYPLIEEEDIYSQDHLKEGDIFQIVTDKSQYVATAYVGRQHKGLGWVLTYDKAQEINTAFFVKL
FNTALAERDYYFNIDGTNAFRLFNAEGDGVGGLTIDNYDGHLLIQWYSKGIYKFKYAILEAVRKVFDYKSIYEKVRFKDS
EYSGGFVEGDAPEFPIVIEENFTFYNVDLEDGLMTGIFLDQKEVRKKLRGQYAKERHVLNLFSYTGAFSVIAASEASSTT
SVDLANRSRSLTEENFGLNAIDPKSQYIYVMDTFDFYKYAARHGHSYDTIVIDPPSFARNKKRTFSVQKDYDKLINGALN
ILSSEGTLLLCTNASVYPLKQFKNTIKKTLEESGVDYELTEVMGLPKDFKTHPHYKPSKYLKAVFVNIRHLEHHHHHH
;
_entity_poly.pdbx_strand_id   A,B,C,D
#
# COMPACT_ATOMS: atom_id res chain seq x y z
N MET A 1 -8.08 24.15 -58.90
CA MET A 1 -7.59 25.51 -59.04
C MET A 1 -6.59 25.83 -57.92
N LYS A 2 -7.00 25.60 -56.68
CA LYS A 2 -6.14 25.87 -55.54
C LYS A 2 -5.19 24.70 -55.33
N ILE A 3 -3.97 24.97 -54.90
CA ILE A 3 -2.95 23.94 -54.84
C ILE A 3 -2.21 23.91 -53.50
N ALA A 4 -1.89 22.69 -53.06
CA ALA A 4 -1.01 22.50 -51.92
C ALA A 4 0.11 21.57 -52.37
N THR A 5 1.34 21.92 -52.02
CA THR A 5 2.50 21.14 -52.43
C THR A 5 3.00 20.28 -51.29
N LEU A 6 3.25 19.01 -51.55
CA LEU A 6 3.85 18.11 -50.60
C LEU A 6 5.32 18.44 -50.32
N ASN A 7 5.73 18.35 -49.09
CA ASN A 7 7.14 18.42 -48.75
C ASN A 7 7.87 17.25 -49.40
N LYS A 8 9.15 17.43 -49.69
CA LYS A 8 9.92 16.37 -50.33
C LYS A 8 10.00 15.14 -49.43
N GLY A 9 9.82 13.96 -50.03
CA GLY A 9 9.89 12.71 -49.30
C GLY A 9 8.63 12.35 -48.55
N LYS A 10 7.58 13.15 -48.70
CA LYS A 10 6.30 12.90 -48.04
C LYS A 10 5.22 12.44 -49.01
N GLU A 11 5.59 12.31 -50.28
CA GLU A 11 4.65 11.97 -51.36
C GLU A 11 4.02 10.58 -51.24
N THR A 12 4.82 9.62 -50.79
CA THR A 12 4.63 8.25 -51.11
C THR A 12 3.37 7.69 -50.45
N LYS A 13 3.13 8.07 -49.20
CA LYS A 13 1.95 7.61 -48.48
C LYS A 13 0.71 8.11 -49.21
N TYR A 14 0.77 9.32 -49.75
CA TYR A 14 -0.37 9.90 -50.43
C TYR A 14 -0.63 9.24 -51.80
N PHE A 15 0.44 8.92 -52.52
CA PHE A 15 0.31 8.17 -53.75
C PHE A 15 -0.36 6.82 -53.46
N ASN A 16 -0.13 6.31 -52.26
CA ASN A 16 -0.60 4.98 -51.89
C ASN A 16 -1.94 4.97 -51.13
N GLY A 17 -2.62 6.11 -51.11
CA GLY A 17 -4.00 6.14 -50.62
C GLY A 17 -4.26 6.74 -49.26
N TYR A 18 -3.20 7.23 -48.59
CA TYR A 18 -3.36 7.86 -47.29
C TYR A 18 -4.31 9.06 -47.40
N PRO A 19 -5.42 9.03 -46.66
CA PRO A 19 -6.54 9.96 -46.87
C PRO A 19 -6.46 11.28 -46.10
N LEU A 20 -5.70 11.34 -45.02
CA LEU A 20 -5.62 12.55 -44.21
C LEU A 20 -4.45 13.44 -44.63
N ILE A 21 -4.77 14.64 -45.10
CA ILE A 21 -3.72 15.59 -45.47
C ILE A 21 -3.15 16.22 -44.21
N GLU A 22 -1.96 15.89 -43.86
CA GLU A 22 -1.35 16.36 -42.70
C GLU A 22 -0.70 17.72 -42.94
N GLU A 23 -0.91 18.64 -42.02
CA GLU A 23 -0.38 20.01 -42.12
C GLU A 23 1.13 19.99 -42.27
N GLU A 24 1.81 19.11 -41.58
CA GLU A 24 3.23 18.97 -41.60
C GLU A 24 3.78 18.44 -42.84
N ASP A 25 2.91 17.97 -43.68
CA ASP A 25 3.34 17.34 -44.93
C ASP A 25 3.22 18.25 -46.15
N ILE A 26 2.47 19.34 -46.02
CA ILE A 26 2.20 20.20 -47.15
C ILE A 26 2.42 21.68 -46.85
N TYR A 27 2.60 22.47 -47.90
CA TYR A 27 2.57 23.92 -47.80
C TYR A 27 1.75 24.49 -48.95
N SER A 28 1.14 25.64 -48.72
CA SER A 28 0.30 26.27 -49.73
C SER A 28 0.39 27.77 -49.65
N GLN A 29 0.24 28.42 -50.80
CA GLN A 29 0.22 29.89 -50.85
C GLN A 29 -1.15 30.35 -51.32
N ASP A 30 -2.06 29.41 -51.47
CA ASP A 30 -3.38 29.70 -52.03
C ASP A 30 -4.47 29.98 -51.00
N HIS A 31 -4.12 30.37 -49.82
CA HIS A 31 -5.06 30.75 -48.84
C HIS A 31 -6.17 29.78 -48.56
N LEU A 32 -5.76 28.63 -48.09
CA LEU A 32 -6.73 27.55 -47.95
C LEU A 32 -7.70 27.81 -46.80
N LYS A 33 -8.98 27.90 -47.13
CA LYS A 33 -10.01 28.16 -46.15
C LYS A 33 -11.02 27.02 -46.13
N GLU A 34 -11.54 26.73 -44.94
CA GLU A 34 -12.56 25.73 -44.76
C GLU A 34 -13.51 25.73 -45.83
N GLY A 35 -13.62 24.58 -46.40
CA GLY A 35 -14.65 24.56 -47.43
C GLY A 35 -13.89 24.43 -48.76
N ASP A 36 -12.67 24.94 -48.82
CA ASP A 36 -11.93 24.99 -50.09
C ASP A 36 -11.59 23.61 -50.66
N ILE A 37 -11.85 23.43 -51.96
CA ILE A 37 -11.34 22.27 -52.68
C ILE A 37 -9.95 22.60 -53.19
N PHE A 38 -9.00 21.71 -52.99
CA PHE A 38 -7.65 21.94 -53.49
C PHE A 38 -6.97 20.67 -53.96
N GLN A 39 -5.95 20.82 -54.79
CA GLN A 39 -5.18 19.70 -55.30
C GLN A 39 -3.84 19.58 -54.59
N ILE A 40 -3.49 18.35 -54.22
CA ILE A 40 -2.17 18.07 -53.68
C ILE A 40 -1.25 17.71 -54.84
N VAL A 41 -0.08 18.32 -54.90
CA VAL A 41 0.89 18.03 -55.96
C VAL A 41 2.28 17.86 -55.37
N THR A 42 3.10 17.05 -56.05
CA THR A 42 4.50 16.90 -55.64
C THR A 42 5.27 18.18 -55.95
N ASP A 43 6.46 18.26 -55.41
CA ASP A 43 7.45 19.26 -55.75
C ASP A 43 7.73 19.42 -57.22
N LYS A 44 7.59 18.38 -57.99
CA LYS A 44 7.73 18.41 -59.39
C LYS A 44 6.46 18.55 -60.15
N SER A 45 5.49 19.16 -59.51
CA SER A 45 4.21 19.40 -60.09
C SER A 45 3.38 18.25 -60.62
N GLN A 46 3.60 17.06 -60.11
CA GLN A 46 2.72 15.98 -60.41
C GLN A 46 1.50 16.02 -59.54
N TYR A 47 0.36 15.89 -60.18
CA TYR A 47 -0.89 15.83 -59.42
C TYR A 47 -0.94 14.56 -58.59
N VAL A 48 -1.33 14.71 -57.33
CA VAL A 48 -1.45 13.54 -56.45
C VAL A 48 -2.92 13.24 -56.13
N ALA A 49 -3.63 14.24 -55.62
CA ALA A 49 -5.03 14.03 -55.27
C ALA A 49 -5.80 15.34 -55.10
N THR A 50 -7.12 15.22 -55.00
CA THR A 50 -7.99 16.35 -54.74
C THR A 50 -8.61 16.19 -53.37
N ALA A 51 -8.53 17.23 -52.55
CA ALA A 51 -9.02 17.18 -51.17
C ALA A 51 -9.88 18.41 -50.84
N TYR A 52 -10.47 18.42 -49.65
CA TYR A 52 -11.18 19.59 -49.18
C TYR A 52 -10.62 19.99 -47.82
N VAL A 53 -10.68 21.28 -47.50
CA VAL A 53 -10.15 21.78 -46.25
C VAL A 53 -11.16 21.57 -45.12
N GLY A 54 -10.71 20.89 -44.06
CA GLY A 54 -11.45 20.76 -42.80
C GLY A 54 -10.54 20.45 -41.61
N ARG A 55 -9.94 21.47 -40.99
CA ARG A 55 -8.96 21.24 -40.05
C ARG A 55 -9.45 20.57 -38.76
N GLN A 56 -8.70 19.55 -38.34
CA GLN A 56 -8.76 18.99 -37.00
C GLN A 56 -7.34 18.61 -36.61
N HIS A 57 -6.92 18.93 -35.40
CA HIS A 57 -5.58 18.53 -34.96
C HIS A 57 -4.53 19.01 -35.93
N LYS A 58 -3.67 18.08 -36.37
CA LYS A 58 -2.50 18.38 -37.20
C LYS A 58 -2.85 18.20 -38.68
N GLY A 59 -4.16 18.22 -38.90
CA GLY A 59 -4.86 17.81 -40.11
C GLY A 59 -5.43 19.00 -40.88
N LEU A 60 -5.21 19.04 -42.16
CA LEU A 60 -5.74 20.07 -42.99
C LEU A 60 -7.03 19.77 -43.59
N GLY A 61 -7.11 18.58 -44.09
CA GLY A 61 -8.36 18.13 -44.68
C GLY A 61 -8.26 16.67 -45.11
N TRP A 62 -9.18 16.26 -46.00
CA TRP A 62 -9.25 14.88 -46.43
C TRP A 62 -9.28 14.75 -47.95
N VAL A 63 -8.63 13.73 -48.47
CA VAL A 63 -8.70 13.40 -49.88
C VAL A 63 -10.11 12.99 -50.25
N LEU A 64 -10.57 13.46 -51.41
CA LEU A 64 -11.91 13.12 -51.90
C LEU A 64 -11.87 12.31 -53.20
N THR A 65 -10.91 12.63 -54.06
CA THR A 65 -10.81 11.94 -55.34
C THR A 65 -9.41 12.02 -55.93
N TYR A 66 -9.08 11.02 -56.75
CA TYR A 66 -7.79 11.00 -57.44
C TYR A 66 -8.00 11.34 -58.91
N ASP A 67 -9.25 11.64 -59.26
CA ASP A 67 -9.63 11.97 -60.63
C ASP A 67 -9.68 13.48 -60.80
N LYS A 68 -8.74 14.01 -61.57
CA LYS A 68 -8.57 15.45 -61.68
C LYS A 68 -9.87 16.04 -62.21
N ALA A 69 -10.52 15.32 -63.11
CA ALA A 69 -11.71 15.82 -63.77
C ALA A 69 -12.97 15.72 -62.90
N GLN A 70 -12.91 15.12 -61.72
CA GLN A 70 -14.09 14.89 -60.91
C GLN A 70 -14.40 16.07 -60.04
N GLU A 71 -15.57 16.56 -60.29
CA GLU A 71 -16.07 17.70 -59.59
C GLU A 71 -16.77 17.18 -58.34
N ILE A 72 -16.60 17.90 -57.25
CA ILE A 72 -17.21 17.57 -55.97
C ILE A 72 -18.62 18.14 -55.90
N ASN A 73 -19.56 17.41 -56.48
CA ASN A 73 -20.95 17.85 -56.52
C ASN A 73 -21.90 16.77 -56.04
N THR A 74 -23.20 17.00 -56.20
CA THR A 74 -24.21 16.05 -55.75
C THR A 74 -24.03 14.67 -56.37
N ALA A 75 -23.74 14.62 -57.66
CA ALA A 75 -23.51 13.35 -58.35
C ALA A 75 -22.33 12.61 -57.72
N PHE A 76 -21.34 13.36 -57.25
CA PHE A 76 -20.19 12.79 -56.58
C PHE A 76 -20.58 12.03 -55.31
N PHE A 77 -21.32 12.71 -54.42
CA PHE A 77 -21.76 12.10 -53.18
C PHE A 77 -22.76 10.96 -53.44
N VAL A 78 -23.58 11.12 -54.48
CA VAL A 78 -24.56 10.10 -54.83
C VAL A 78 -23.86 8.76 -55.05
N LYS A 79 -22.69 8.79 -55.65
CA LYS A 79 -21.92 7.64 -55.94
C LYS A 79 -21.31 6.98 -54.71
N LEU A 80 -20.72 7.78 -53.86
CA LEU A 80 -20.17 7.29 -52.60
C LEU A 80 -21.27 6.73 -51.70
N PHE A 81 -22.42 7.38 -51.69
CA PHE A 81 -23.53 6.95 -50.86
C PHE A 81 -24.11 5.62 -51.32
N ASN A 82 -24.28 5.47 -52.63
CA ASN A 82 -24.76 4.21 -53.19
C ASN A 82 -23.80 3.07 -52.89
N THR A 83 -22.51 3.35 -53.01
CA THR A 83 -21.49 2.36 -52.71
C THR A 83 -21.51 2.01 -51.22
N ALA A 84 -21.63 3.03 -50.38
CA ALA A 84 -21.70 2.82 -48.94
C ALA A 84 -22.94 1.98 -48.61
N LEU A 85 -24.08 2.37 -49.17
CA LEU A 85 -25.32 1.63 -48.95
C LEU A 85 -25.18 0.16 -49.35
N ALA A 86 -24.60 -0.07 -50.52
CA ALA A 86 -24.46 -1.43 -51.04
C ALA A 86 -23.54 -2.29 -50.16
N GLU A 87 -22.64 -1.71 -49.44
CA GLU A 87 -21.78 -2.45 -48.61
C GLU A 87 -22.40 -2.83 -47.28
N ARG A 88 -23.61 -2.37 -47.08
CA ARG A 88 -24.32 -2.66 -45.85
C ARG A 88 -25.59 -3.50 -46.07
N ASP A 89 -25.59 -4.36 -47.05
CA ASP A 89 -26.73 -5.14 -47.37
C ASP A 89 -27.08 -6.12 -46.25
N TYR A 90 -26.07 -6.54 -45.50
CA TYR A 90 -26.28 -7.43 -44.36
C TYR A 90 -27.15 -6.80 -43.28
N TYR A 91 -26.95 -5.50 -42.98
CA TYR A 91 -27.74 -4.87 -41.92
C TYR A 91 -29.20 -4.66 -42.32
N PHE A 92 -29.49 -4.77 -43.60
CA PHE A 92 -30.87 -4.68 -44.07
C PHE A 92 -31.51 -6.06 -44.14
N ASN A 93 -30.75 -7.08 -43.93
CA ASN A 93 -31.25 -8.37 -44.07
C ASN A 93 -31.38 -9.17 -42.75
N ILE A 94 -30.94 -8.57 -41.67
CA ILE A 94 -30.95 -9.19 -40.36
C ILE A 94 -32.12 -8.83 -39.48
N ASP A 95 -32.69 -9.84 -38.84
CA ASP A 95 -33.76 -9.57 -37.90
C ASP A 95 -33.13 -9.04 -36.62
N GLY A 96 -33.91 -8.29 -35.85
CA GLY A 96 -33.49 -7.87 -34.52
C GLY A 96 -32.68 -6.60 -34.47
N THR A 97 -32.36 -6.02 -35.62
CA THR A 97 -31.61 -4.77 -35.66
C THR A 97 -32.17 -3.81 -36.71
N ASN A 98 -32.55 -2.61 -36.28
CA ASN A 98 -33.03 -1.58 -37.20
C ASN A 98 -32.29 -0.26 -37.06
N ALA A 99 -31.17 -0.29 -36.33
CA ALA A 99 -30.30 0.87 -36.18
C ALA A 99 -28.85 0.51 -36.47
N PHE A 100 -28.22 1.27 -37.34
CA PHE A 100 -26.84 1.02 -37.72
C PHE A 100 -26.29 2.21 -38.50
N ARG A 101 -25.00 2.19 -38.79
CA ARG A 101 -24.37 3.29 -39.50
C ARG A 101 -24.39 3.05 -41.02
N LEU A 102 -24.71 4.10 -41.77
CA LEU A 102 -24.80 4.00 -43.23
C LEU A 102 -23.53 4.51 -43.89
N PHE A 103 -22.88 5.47 -43.25
CA PHE A 103 -21.71 6.12 -43.83
C PHE A 103 -20.74 6.47 -42.71
N ASN A 104 -19.54 5.91 -42.79
CA ASN A 104 -18.55 6.11 -41.74
C ASN A 104 -17.33 6.91 -42.19
N ALA A 105 -17.54 8.20 -42.44
CA ALA A 105 -16.43 9.14 -42.68
C ALA A 105 -15.44 8.64 -43.74
N GLU A 106 -14.15 8.71 -43.42
CA GLU A 106 -13.10 8.40 -44.39
C GLU A 106 -13.16 6.95 -44.87
N GLY A 107 -13.70 6.07 -44.02
CA GLY A 107 -13.86 4.69 -44.41
C GLY A 107 -14.76 4.54 -45.63
N ASP A 108 -15.67 5.48 -45.81
CA ASP A 108 -16.61 5.43 -46.93
C ASP A 108 -16.35 6.52 -47.98
N GLY A 109 -15.26 7.26 -47.82
CA GLY A 109 -14.84 8.20 -48.85
C GLY A 109 -14.89 9.67 -48.50
N VAL A 110 -15.43 10.01 -47.34
CA VAL A 110 -15.49 11.41 -46.95
C VAL A 110 -15.20 11.61 -45.48
N GLY A 111 -13.95 11.91 -45.16
CA GLY A 111 -13.57 12.21 -43.79
C GLY A 111 -14.43 13.32 -43.24
N GLY A 112 -14.76 13.23 -41.95
CA GLY A 112 -15.52 14.28 -41.28
C GLY A 112 -17.03 14.23 -41.50
N LEU A 113 -17.51 13.19 -42.16
CA LEU A 113 -18.94 13.03 -42.41
C LEU A 113 -19.44 11.64 -41.99
N THR A 114 -20.44 11.60 -41.12
CA THR A 114 -21.07 10.33 -40.75
C THR A 114 -22.58 10.37 -40.85
N ILE A 115 -23.17 9.27 -41.31
CA ILE A 115 -24.62 9.15 -41.40
C ILE A 115 -25.08 7.86 -40.71
N ASP A 116 -25.93 8.01 -39.69
CA ASP A 116 -26.46 6.86 -38.97
C ASP A 116 -27.93 6.65 -39.29
N ASN A 117 -28.35 5.40 -39.28
CA ASN A 117 -29.76 5.05 -39.43
C ASN A 117 -30.35 4.57 -38.12
N TYR A 118 -31.18 5.41 -37.50
CA TYR A 118 -31.89 5.02 -36.28
C TYR A 118 -33.34 4.68 -36.62
N ASP A 119 -33.56 3.46 -37.07
CA ASP A 119 -34.89 3.00 -37.47
C ASP A 119 -35.61 4.02 -38.36
N GLY A 120 -34.99 4.39 -39.47
CA GLY A 120 -35.62 5.29 -40.42
C GLY A 120 -35.35 6.77 -40.16
N HIS A 121 -34.89 7.08 -38.95
CA HIS A 121 -34.48 8.44 -38.63
C HIS A 121 -32.98 8.62 -38.80
N LEU A 122 -32.57 9.41 -39.79
CA LEU A 122 -31.16 9.59 -40.10
C LEU A 122 -30.51 10.64 -39.20
N LEU A 123 -29.28 10.38 -38.79
CA LEU A 123 -28.49 11.39 -38.08
C LEU A 123 -27.22 11.65 -38.86
N ILE A 124 -27.08 12.89 -39.34
CA ILE A 124 -25.87 13.30 -40.04
C ILE A 124 -25.00 14.10 -39.07
N GLN A 125 -23.72 13.75 -39.01
CA GLN A 125 -22.79 14.51 -38.18
C GLN A 125 -21.69 15.14 -39.02
N TRP A 126 -21.39 16.41 -38.73
CA TRP A 126 -20.37 17.15 -39.44
C TRP A 126 -19.22 17.43 -38.50
N TYR A 127 -18.00 17.11 -38.92
CA TYR A 127 -16.86 17.24 -38.01
C TYR A 127 -15.97 18.44 -38.32
N SER A 128 -16.42 19.32 -39.20
CA SER A 128 -15.73 20.57 -39.47
C SER A 128 -16.61 21.53 -40.24
N LYS A 129 -16.30 22.82 -40.15
CA LYS A 129 -17.03 23.81 -40.91
C LYS A 129 -16.82 23.47 -42.37
N GLY A 130 -15.62 23.01 -42.68
CA GLY A 130 -15.27 22.64 -44.04
C GLY A 130 -16.26 21.71 -44.71
N ILE A 131 -16.55 20.58 -44.09
CA ILE A 131 -17.46 19.61 -44.69
C ILE A 131 -18.90 20.11 -44.65
N TYR A 132 -19.21 21.03 -43.74
CA TYR A 132 -20.55 21.63 -43.67
C TYR A 132 -20.94 22.40 -44.94
N LYS A 133 -19.97 23.14 -45.51
CA LYS A 133 -20.10 23.84 -46.75
C LYS A 133 -20.74 23.03 -47.79
N PHE A 134 -20.59 21.73 -47.67
CA PHE A 134 -21.17 20.92 -48.74
C PHE A 134 -22.55 20.37 -48.35
N LYS A 135 -23.15 20.96 -47.33
CA LYS A 135 -24.41 20.44 -46.80
C LYS A 135 -25.51 20.30 -47.85
N TYR A 136 -25.76 21.31 -48.67
CA TYR A 136 -26.77 21.25 -49.72
C TYR A 136 -26.57 20.17 -50.72
N ALA A 137 -25.36 20.06 -51.18
CA ALA A 137 -25.05 19.03 -52.16
C ALA A 137 -25.18 17.64 -51.54
N ILE A 138 -24.80 17.53 -50.27
CA ILE A 138 -24.86 16.25 -49.57
C ILE A 138 -26.31 15.84 -49.29
N LEU A 139 -27.13 16.80 -48.88
CA LEU A 139 -28.54 16.52 -48.61
C LEU A 139 -29.27 16.07 -49.87
N GLU A 140 -29.05 16.72 -50.98
CA GLU A 140 -29.60 16.26 -52.24
C GLU A 140 -29.25 14.87 -52.60
N ALA A 141 -28.05 14.51 -52.29
CA ALA A 141 -27.62 13.13 -52.54
C ALA A 141 -28.27 12.15 -51.55
N VAL A 142 -28.42 12.59 -50.30
CA VAL A 142 -29.11 11.76 -49.31
C VAL A 142 -30.54 11.48 -49.79
N ARG A 143 -31.21 12.53 -50.24
CA ARG A 143 -32.57 12.38 -50.77
C ARG A 143 -32.62 11.44 -51.96
N LYS A 144 -31.58 11.41 -52.79
CA LYS A 144 -31.49 10.55 -53.95
C LYS A 144 -31.12 9.12 -53.66
N VAL A 145 -30.47 8.88 -52.54
CA VAL A 145 -30.00 7.53 -52.26
C VAL A 145 -30.75 6.80 -51.14
N PHE A 146 -31.07 7.51 -50.07
CA PHE A 146 -31.61 6.85 -48.87
C PHE A 146 -33.12 6.99 -48.68
N ASP A 147 -33.70 6.02 -48.06
CA ASP A 147 -35.01 6.10 -47.59
C ASP A 147 -34.99 6.55 -46.12
N TYR A 148 -35.97 7.32 -45.69
CA TYR A 148 -35.97 7.81 -44.32
C TYR A 148 -37.31 8.40 -43.92
N LYS A 149 -37.55 8.43 -42.60
CA LYS A 149 -38.72 9.09 -42.05
C LYS A 149 -38.36 10.54 -41.77
N SER A 150 -37.11 10.76 -41.39
CA SER A 150 -36.64 12.10 -41.07
C SER A 150 -35.12 12.21 -41.13
N ILE A 151 -34.63 13.44 -41.06
CA ILE A 151 -33.20 13.70 -41.03
C ILE A 151 -32.87 14.67 -39.91
N TYR A 152 -31.99 14.24 -39.02
CA TYR A 152 -31.45 15.12 -37.98
C TYR A 152 -29.96 15.29 -38.21
N GLU A 153 -29.43 16.35 -37.65
CA GLU A 153 -28.08 16.65 -37.67
C GLU A 153 -27.52 17.15 -36.40
N LYS A 154 -26.27 16.86 -36.24
CA LYS A 154 -25.39 17.41 -35.31
C LYS A 154 -24.06 17.92 -35.86
N VAL A 155 -23.69 19.09 -35.36
CA VAL A 155 -22.43 19.71 -35.67
C VAL A 155 -21.46 19.29 -34.58
N ARG A 156 -20.38 18.65 -35.00
CA ARG A 156 -19.39 18.10 -34.09
C ARG A 156 -18.08 18.88 -34.22
N PHE A 157 -18.19 20.20 -34.28
CA PHE A 157 -17.00 21.06 -34.33
C PHE A 157 -17.20 22.34 -33.53
N LYS A 158 -16.12 22.92 -33.07
CA LYS A 158 -16.08 24.13 -32.27
C LYS A 158 -16.59 25.42 -32.86
N ASP A 159 -16.84 26.37 -31.96
CA ASP A 159 -17.17 27.73 -32.37
C ASP A 159 -18.30 27.82 -33.40
N SER A 160 -19.35 27.04 -33.18
CA SER A 160 -20.58 27.17 -33.94
C SER A 160 -21.74 27.27 -32.96
N GLU A 161 -22.42 28.41 -32.96
CA GLU A 161 -23.58 28.58 -32.09
C GLU A 161 -24.63 27.52 -32.41
N TYR A 162 -24.87 27.30 -33.69
CA TYR A 162 -25.77 26.25 -34.13
C TYR A 162 -25.17 24.88 -33.83
N SER A 163 -25.89 23.94 -33.14
CA SER A 163 -25.45 22.65 -32.70
C SER A 163 -26.02 21.49 -33.51
N GLY A 164 -27.12 21.88 -34.23
CA GLY A 164 -27.82 20.88 -34.99
C GLY A 164 -29.29 20.76 -34.61
N GLY A 165 -29.92 19.66 -35.03
CA GLY A 165 -31.33 19.47 -34.77
C GLY A 165 -32.05 18.92 -35.99
N PHE A 166 -33.38 19.01 -35.98
CA PHE A 166 -34.21 18.54 -37.08
C PHE A 166 -33.85 19.23 -38.40
N VAL A 167 -33.77 18.45 -39.48
CA VAL A 167 -33.46 18.98 -40.80
C VAL A 167 -34.69 18.97 -41.69
N GLU A 168 -35.27 17.78 -41.87
CA GLU A 168 -36.46 17.64 -42.70
C GLU A 168 -37.11 16.27 -42.50
N GLY A 169 -38.32 16.12 -43.01
CA GLY A 169 -39.05 14.86 -42.88
C GLY A 169 -40.13 14.91 -41.81
N ASP A 170 -40.51 13.75 -41.31
CA ASP A 170 -41.51 13.69 -40.27
C ASP A 170 -40.81 13.53 -38.93
N ALA A 171 -40.77 14.62 -38.17
CA ALA A 171 -40.17 14.61 -36.85
C ALA A 171 -40.95 13.74 -35.87
N PRO A 172 -40.25 12.81 -35.19
CA PRO A 172 -40.90 11.99 -34.17
C PRO A 172 -40.77 12.64 -32.81
N GLU A 173 -41.51 12.14 -31.84
CA GLU A 173 -41.34 12.44 -30.43
C GLU A 173 -40.23 11.65 -29.87
N PHE A 174 -39.30 12.32 -29.26
CA PHE A 174 -38.23 11.58 -28.60
C PHE A 174 -38.55 11.37 -27.12
N PRO A 175 -38.09 10.24 -26.58
CA PRO A 175 -37.24 9.29 -27.29
C PRO A 175 -38.00 8.38 -28.25
N ILE A 176 -37.32 7.93 -29.31
CA ILE A 176 -37.81 6.83 -30.12
C ILE A 176 -37.17 5.55 -29.64
N VAL A 177 -37.76 4.42 -29.98
CA VAL A 177 -37.22 3.13 -29.56
C VAL A 177 -36.60 2.41 -30.75
N ILE A 178 -35.34 2.03 -30.61
CA ILE A 178 -34.69 1.25 -31.66
C ILE A 178 -34.47 -0.18 -31.19
N GLU A 179 -34.16 -1.05 -32.13
CA GLU A 179 -33.85 -2.44 -31.81
C GLU A 179 -32.48 -2.82 -32.34
N GLU A 180 -31.71 -3.55 -31.54
CA GLU A 180 -30.41 -4.03 -31.94
C GLU A 180 -30.11 -5.31 -31.20
N ASN A 181 -29.77 -6.36 -31.93
CA ASN A 181 -29.56 -7.68 -31.32
C ASN A 181 -30.80 -8.06 -30.53
N PHE A 182 -31.97 -7.84 -31.13
CA PHE A 182 -33.26 -8.16 -30.51
C PHE A 182 -33.40 -7.50 -29.14
N THR A 183 -32.78 -6.33 -28.98
CA THR A 183 -32.82 -5.63 -27.72
C THR A 183 -33.24 -4.18 -27.97
N PHE A 184 -34.11 -3.65 -27.11
CA PHE A 184 -34.69 -2.34 -27.34
C PHE A 184 -34.03 -1.23 -26.52
N TYR A 185 -33.83 -0.08 -27.14
CA TYR A 185 -33.19 1.05 -26.47
C TYR A 185 -33.86 2.36 -26.85
N ASN A 186 -33.88 3.29 -25.91
CA ASN A 186 -34.34 4.64 -26.19
C ASN A 186 -33.27 5.46 -26.89
N VAL A 187 -33.70 6.26 -27.84
CA VAL A 187 -32.80 7.16 -28.55
C VAL A 187 -33.41 8.56 -28.65
N ASP A 188 -32.56 9.57 -28.52
CA ASP A 188 -32.97 10.96 -28.68
C ASP A 188 -31.94 11.68 -29.55
N LEU A 189 -32.35 12.09 -30.74
CA LEU A 189 -31.42 12.65 -31.70
C LEU A 189 -31.23 14.16 -31.56
N GLU A 190 -31.83 14.72 -30.53
CA GLU A 190 -31.96 16.14 -30.25
C GLU A 190 -31.63 16.58 -28.85
N ASP A 191 -30.77 15.87 -28.20
CA ASP A 191 -30.45 16.29 -26.88
C ASP A 191 -29.06 16.02 -26.40
N GLY A 192 -28.27 17.08 -26.43
CA GLY A 192 -26.83 16.99 -26.20
C GLY A 192 -26.14 16.27 -27.33
N LEU A 193 -24.84 16.02 -27.19
CA LEU A 193 -24.10 15.33 -28.25
C LEU A 193 -24.53 13.88 -28.52
N MET A 194 -24.75 13.11 -27.46
CA MET A 194 -24.94 11.71 -27.57
C MET A 194 -26.40 11.31 -27.75
N THR A 195 -26.61 10.19 -28.39
CA THR A 195 -27.95 9.82 -28.83
C THR A 195 -28.64 8.84 -27.89
N GLY A 196 -27.91 8.32 -26.91
CA GLY A 196 -28.44 7.32 -26.02
C GLY A 196 -27.82 5.95 -26.21
N ILE A 197 -27.12 5.77 -27.33
CA ILE A 197 -26.43 4.51 -27.61
C ILE A 197 -25.24 4.73 -28.53
N PHE A 198 -24.22 3.89 -28.38
CA PHE A 198 -23.10 3.91 -29.31
C PHE A 198 -23.20 2.69 -30.20
N LEU A 199 -23.59 2.92 -31.45
CA LEU A 199 -23.86 1.84 -32.39
C LEU A 199 -22.62 1.01 -32.69
N ASP A 200 -21.44 1.59 -32.51
CA ASP A 200 -20.21 0.90 -32.87
C ASP A 200 -19.92 -0.32 -31.98
N GLN A 201 -20.67 -0.44 -30.89
CA GLN A 201 -20.48 -1.56 -29.97
C GLN A 201 -21.52 -2.66 -30.14
N LYS A 202 -22.24 -2.63 -31.26
CA LYS A 202 -23.24 -3.66 -31.57
C LYS A 202 -22.76 -5.09 -31.32
N GLU A 203 -21.62 -5.45 -31.92
CA GLU A 203 -21.16 -6.83 -31.85
C GLU A 203 -20.50 -7.16 -30.52
N VAL A 204 -19.91 -6.15 -29.88
CA VAL A 204 -19.35 -6.32 -28.54
C VAL A 204 -20.48 -6.65 -27.56
N ARG A 205 -21.58 -5.90 -27.65
CA ARG A 205 -22.75 -6.15 -26.80
C ARG A 205 -23.29 -7.56 -27.03
N LYS A 206 -23.37 -8.03 -28.26
CA LYS A 206 -23.83 -9.36 -28.61
C LYS A 206 -23.04 -10.45 -27.95
N LYS A 207 -21.72 -10.34 -28.09
CA LYS A 207 -20.78 -11.29 -27.53
C LYS A 207 -20.86 -11.30 -26.01
N LEU A 208 -20.99 -10.12 -25.41
CA LEU A 208 -21.12 -10.08 -23.96
C LEU A 208 -22.30 -10.95 -23.51
N ARG A 209 -23.47 -10.82 -24.07
CA ARG A 209 -24.61 -11.63 -23.76
C ARG A 209 -24.47 -13.04 -24.14
N GLY A 210 -23.88 -13.26 -25.29
CA GLY A 210 -23.80 -14.60 -25.81
C GLY A 210 -22.88 -15.55 -25.08
N GLN A 211 -21.78 -15.00 -24.58
CA GLN A 211 -20.73 -15.77 -24.06
C GLN A 211 -20.23 -15.42 -22.68
N TYR A 212 -20.57 -14.29 -22.19
CA TYR A 212 -20.00 -13.81 -20.94
C TYR A 212 -21.02 -13.21 -19.97
N ALA A 213 -22.25 -13.72 -20.01
CA ALA A 213 -23.31 -13.20 -19.15
C ALA A 213 -24.05 -14.26 -18.34
N LYS A 214 -24.22 -15.48 -18.85
CA LYS A 214 -25.10 -16.50 -18.24
C LYS A 214 -24.86 -16.75 -16.81
N GLU A 215 -25.87 -16.41 -16.03
CA GLU A 215 -25.83 -16.78 -14.61
C GLU A 215 -24.72 -16.06 -13.84
N ARG A 216 -24.20 -14.97 -14.42
CA ARG A 216 -23.11 -14.21 -13.80
C ARG A 216 -23.63 -12.93 -13.16
N HIS A 217 -22.89 -12.43 -12.18
CA HIS A 217 -22.99 -11.02 -11.77
C HIS A 217 -22.18 -10.21 -12.75
N VAL A 218 -22.85 -9.36 -13.54
CA VAL A 218 -22.14 -8.57 -14.55
C VAL A 218 -22.05 -7.10 -14.15
N LEU A 219 -20.81 -6.62 -14.03
CA LEU A 219 -20.57 -5.23 -13.67
C LEU A 219 -20.27 -4.39 -14.93
N ASN A 220 -20.94 -3.25 -15.03
CA ASN A 220 -20.80 -2.37 -16.20
C ASN A 220 -20.40 -0.97 -15.76
N LEU A 221 -19.14 -0.61 -16.00
CA LEU A 221 -18.58 0.67 -15.54
C LEU A 221 -18.56 1.73 -16.64
N PHE A 222 -18.84 2.98 -16.25
CA PHE A 222 -19.05 4.06 -17.22
C PHE A 222 -20.24 3.67 -18.10
N SER A 223 -21.34 3.31 -17.45
CA SER A 223 -22.46 2.65 -18.12
C SER A 223 -23.29 3.51 -19.07
N TYR A 224 -23.23 4.82 -18.86
CA TYR A 224 -24.02 5.71 -19.70
C TYR A 224 -25.48 5.33 -19.46
N THR A 225 -26.09 4.87 -20.53
CA THR A 225 -27.44 4.45 -20.54
C THR A 225 -27.69 2.99 -20.24
N GLY A 226 -26.63 2.31 -19.86
CA GLY A 226 -26.71 0.92 -19.45
C GLY A 226 -26.89 -0.11 -20.54
N ALA A 227 -26.55 0.24 -21.78
CA ALA A 227 -26.73 -0.68 -22.90
C ALA A 227 -26.12 -2.07 -22.69
N PHE A 228 -24.87 -2.11 -22.23
CA PHE A 228 -24.22 -3.39 -21.92
C PHE A 228 -25.02 -4.16 -20.88
N SER A 229 -25.49 -3.45 -19.85
CA SER A 229 -26.23 -4.08 -18.77
C SER A 229 -27.57 -4.59 -19.26
N VAL A 230 -28.24 -3.79 -20.08
CA VAL A 230 -29.56 -4.15 -20.57
C VAL A 230 -29.56 -5.44 -21.37
N ILE A 231 -28.59 -5.60 -22.27
CA ILE A 231 -28.54 -6.81 -23.09
C ILE A 231 -28.04 -8.01 -22.29
N ALA A 232 -27.08 -7.78 -21.39
CA ALA A 232 -26.55 -8.87 -20.59
C ALA A 232 -27.56 -9.42 -19.59
N ALA A 233 -28.52 -8.59 -19.20
CA ALA A 233 -29.47 -8.94 -18.13
C ALA A 233 -30.43 -10.06 -18.50
N SER A 234 -30.61 -10.31 -19.79
CA SER A 234 -31.47 -11.41 -20.22
C SER A 234 -30.82 -12.75 -19.92
N GLU A 235 -29.54 -12.72 -19.57
CA GLU A 235 -28.76 -13.92 -19.32
C GLU A 235 -28.13 -13.92 -17.93
N ALA A 236 -27.70 -12.75 -17.48
CA ALA A 236 -27.04 -12.61 -16.19
C ALA A 236 -28.00 -12.90 -15.05
N SER A 237 -27.46 -13.29 -13.90
CA SER A 237 -28.27 -13.41 -12.70
C SER A 237 -28.76 -12.01 -12.38
N SER A 238 -27.84 -11.06 -12.46
CA SER A 238 -28.19 -9.65 -12.37
C SER A 238 -27.02 -8.78 -12.81
N THR A 239 -27.31 -7.54 -13.17
CA THR A 239 -26.26 -6.63 -13.60
C THR A 239 -26.13 -5.48 -12.63
N THR A 240 -24.94 -4.90 -12.58
CA THR A 240 -24.71 -3.68 -11.81
C THR A 240 -24.13 -2.64 -12.74
N SER A 241 -24.77 -1.48 -12.78
CA SER A 241 -24.36 -0.40 -13.66
C SER A 241 -23.83 0.77 -12.83
N VAL A 242 -22.75 1.39 -13.31
CA VAL A 242 -22.15 2.49 -12.58
C VAL A 242 -21.79 3.64 -13.51
N ASP A 243 -22.40 4.80 -13.29
CA ASP A 243 -22.10 5.98 -14.08
C ASP A 243 -22.17 7.23 -13.22
N LEU A 244 -21.32 8.19 -13.47
CA LEU A 244 -21.26 9.43 -12.76
C LEU A 244 -22.42 10.38 -12.95
N ALA A 245 -23.06 10.30 -14.10
CA ALA A 245 -24.15 11.22 -14.43
C ALA A 245 -25.47 10.83 -13.79
N ASN A 246 -26.10 11.76 -13.09
CA ASN A 246 -27.41 11.65 -12.52
C ASN A 246 -28.45 10.98 -13.41
N ARG A 247 -28.48 11.42 -14.66
CA ARG A 247 -29.49 10.98 -15.62
C ARG A 247 -29.39 9.48 -15.82
N SER A 248 -28.17 8.96 -15.72
CA SER A 248 -27.92 7.58 -16.12
C SER A 248 -28.89 6.60 -15.47
N ARG A 249 -29.30 6.89 -14.24
CA ARG A 249 -30.18 6.00 -13.53
C ARG A 249 -31.54 5.81 -14.13
N SER A 250 -32.25 6.88 -14.37
CA SER A 250 -33.57 6.81 -14.97
C SER A 250 -33.49 6.31 -16.42
N LEU A 251 -32.46 6.74 -17.14
CA LEU A 251 -32.28 6.29 -18.52
C LEU A 251 -32.04 4.79 -18.57
N THR A 252 -31.23 4.30 -17.63
CA THR A 252 -30.95 2.87 -17.55
C THR A 252 -32.20 2.10 -17.15
N GLU A 253 -32.91 2.61 -16.15
CA GLU A 253 -34.15 1.98 -15.71
C GLU A 253 -35.13 1.81 -16.87
N GLU A 254 -35.27 2.85 -17.66
CA GLU A 254 -36.16 2.86 -18.77
C GLU A 254 -35.79 1.87 -19.87
N ASN A 255 -34.52 1.75 -20.13
CA ASN A 255 -34.03 0.76 -21.07
C ASN A 255 -34.35 -0.66 -20.59
N PHE A 256 -34.11 -0.93 -19.31
CA PHE A 256 -34.48 -2.21 -18.72
C PHE A 256 -35.97 -2.45 -18.95
N GLY A 257 -36.76 -1.41 -18.74
CA GLY A 257 -38.21 -1.50 -18.87
C GLY A 257 -38.67 -1.87 -20.27
N LEU A 258 -37.99 -1.35 -21.29
CA LEU A 258 -38.32 -1.64 -22.68
C LEU A 258 -38.14 -3.12 -22.99
N ASN A 259 -37.33 -3.80 -22.19
CA ASN A 259 -37.01 -5.19 -22.45
C ASN A 259 -37.62 -6.17 -21.44
N ALA A 260 -38.70 -5.75 -20.78
CA ALA A 260 -39.44 -6.61 -19.87
C ALA A 260 -38.58 -7.02 -18.68
N ILE A 261 -37.66 -6.14 -18.29
CA ILE A 261 -36.83 -6.37 -17.14
C ILE A 261 -37.16 -5.39 -16.03
N ASP A 262 -37.53 -5.91 -14.87
CA ASP A 262 -37.82 -5.07 -13.71
C ASP A 262 -36.53 -4.40 -13.26
N PRO A 263 -36.48 -3.06 -13.32
CA PRO A 263 -35.28 -2.34 -12.90
C PRO A 263 -34.88 -2.72 -11.47
N LYS A 264 -35.85 -3.11 -10.66
CA LYS A 264 -35.67 -3.47 -9.28
C LYS A 264 -34.91 -4.77 -9.11
N SER A 265 -34.80 -5.55 -10.19
CA SER A 265 -34.06 -6.81 -10.17
C SER A 265 -32.59 -6.56 -10.54
N GLN A 266 -32.24 -5.30 -10.77
CA GLN A 266 -30.90 -4.93 -11.19
C GLN A 266 -30.34 -3.88 -10.24
N TYR A 267 -29.01 -3.72 -10.26
CA TYR A 267 -28.34 -2.74 -9.41
C TYR A 267 -27.86 -1.55 -10.24
N ILE A 268 -28.24 -0.36 -9.83
CA ILE A 268 -27.88 0.86 -10.56
C ILE A 268 -27.34 1.94 -9.64
N TYR A 269 -26.08 2.31 -9.85
CA TYR A 269 -25.42 3.29 -9.00
C TYR A 269 -24.96 4.52 -9.77
N VAL A 270 -25.21 5.69 -9.19
CA VAL A 270 -24.68 6.93 -9.73
C VAL A 270 -23.48 7.31 -8.89
N MET A 271 -22.29 7.04 -9.41
CA MET A 271 -21.09 7.44 -8.70
C MET A 271 -19.85 7.29 -9.57
N ASP A 272 -18.73 7.82 -9.09
CA ASP A 272 -17.46 7.70 -9.78
C ASP A 272 -16.98 6.25 -9.74
N THR A 273 -16.57 5.73 -10.89
CA THR A 273 -16.08 4.35 -10.98
C THR A 273 -15.06 4.02 -9.90
N PHE A 274 -14.13 4.96 -9.65
CA PHE A 274 -13.08 4.70 -8.68
C PHE A 274 -13.59 4.68 -7.25
N ASP A 275 -14.63 5.47 -6.96
CA ASP A 275 -15.28 5.38 -5.66
C ASP A 275 -15.99 4.04 -5.54
N PHE A 276 -16.62 3.60 -6.62
CA PHE A 276 -17.33 2.33 -6.61
C PHE A 276 -16.41 1.13 -6.33
N TYR A 277 -15.18 1.20 -6.85
CA TYR A 277 -14.21 0.13 -6.61
C TYR A 277 -14.03 -0.07 -5.11
N LYS A 278 -13.96 1.01 -4.37
CA LYS A 278 -13.80 1.03 -2.95
C LYS A 278 -14.99 0.50 -2.15
N TYR A 279 -16.15 1.03 -2.50
CA TYR A 279 -17.40 0.65 -1.93
C TYR A 279 -17.73 -0.81 -2.20
N ALA A 280 -17.59 -1.25 -3.43
CA ALA A 280 -17.78 -2.66 -3.73
C ALA A 280 -16.81 -3.53 -2.95
N ALA A 281 -15.54 -3.16 -2.95
CA ALA A 281 -14.51 -3.93 -2.25
C ALA A 281 -14.71 -3.89 -0.74
N ARG A 282 -15.24 -2.83 -0.17
CA ARG A 282 -15.50 -2.71 1.25
C ARG A 282 -16.68 -3.54 1.68
N HIS A 283 -17.59 -3.79 0.77
CA HIS A 283 -18.73 -4.64 1.10
C HIS A 283 -18.51 -6.07 0.60
N GLY A 284 -17.29 -6.38 0.23
CA GLY A 284 -16.94 -7.73 -0.19
C GLY A 284 -17.74 -8.24 -1.38
N HIS A 285 -18.08 -7.36 -2.31
CA HIS A 285 -18.72 -7.72 -3.52
C HIS A 285 -17.76 -8.25 -4.55
N SER A 286 -18.25 -9.17 -5.38
N SER A 286 -18.23 -9.27 -5.36
CA SER A 286 -17.45 -9.73 -6.46
CA SER A 286 -17.43 -9.83 -6.44
C SER A 286 -18.29 -9.84 -7.73
C SER A 286 -18.27 -9.94 -7.72
N TYR A 287 -17.65 -9.75 -8.90
CA TYR A 287 -18.38 -9.85 -10.15
C TYR A 287 -17.71 -10.85 -11.10
N ASP A 288 -18.50 -11.56 -11.89
CA ASP A 288 -17.97 -12.58 -12.79
C ASP A 288 -17.54 -12.01 -14.12
N THR A 289 -18.17 -10.91 -14.52
CA THR A 289 -17.74 -10.18 -15.71
C THR A 289 -17.77 -8.70 -15.41
N ILE A 290 -16.67 -8.01 -15.70
CA ILE A 290 -16.59 -6.58 -15.50
C ILE A 290 -16.32 -5.85 -16.81
N VAL A 291 -17.31 -5.10 -17.28
CA VAL A 291 -17.18 -4.32 -18.50
C VAL A 291 -16.68 -2.92 -18.18
N ILE A 292 -15.61 -2.53 -18.86
CA ILE A 292 -15.03 -1.21 -18.68
C ILE A 292 -14.94 -0.51 -20.03
N ASP A 293 -15.70 0.57 -20.18
CA ASP A 293 -15.77 1.28 -21.46
C ASP A 293 -15.83 2.79 -21.22
N PRO A 294 -14.70 3.38 -20.80
CA PRO A 294 -14.63 4.78 -20.38
C PRO A 294 -14.46 5.74 -21.54
N PRO A 295 -14.83 7.02 -21.34
CA PRO A 295 -14.47 8.04 -22.32
C PRO A 295 -12.96 8.18 -22.33
N SER A 296 -12.39 8.70 -23.42
CA SER A 296 -10.94 8.79 -23.52
C SER A 296 -10.39 9.78 -22.49
N PHE A 297 -11.16 10.81 -22.22
CA PHE A 297 -10.90 11.79 -21.22
C PHE A 297 -12.13 12.25 -20.48
N ALA A 298 -12.01 12.43 -19.18
CA ALA A 298 -13.14 12.95 -18.42
C ALA A 298 -12.67 13.77 -17.22
N ARG A 299 -13.42 14.80 -16.86
CA ARG A 299 -13.13 15.67 -15.73
C ARG A 299 -14.34 15.84 -14.82
N ASN A 300 -14.07 15.63 -13.54
CA ASN A 300 -15.04 15.78 -12.43
C ASN A 300 -14.42 16.81 -11.46
N LYS A 301 -14.73 18.12 -11.61
CA LYS A 301 -14.06 19.15 -10.85
C LYS A 301 -12.55 19.01 -10.93
N LYS A 302 -11.89 18.80 -9.79
CA LYS A 302 -10.45 18.58 -9.75
C LYS A 302 -10.00 17.27 -10.41
N ARG A 303 -10.97 16.38 -10.60
CA ARG A 303 -10.65 14.98 -10.74
C ARG A 303 -10.60 14.66 -12.19
N THR A 304 -9.52 14.07 -12.65
CA THR A 304 -9.48 13.85 -14.10
C THR A 304 -9.17 12.40 -14.41
N PHE A 305 -9.71 11.92 -15.52
CA PHE A 305 -9.40 10.59 -16.02
C PHE A 305 -8.90 10.65 -17.45
N SER A 306 -7.77 10.00 -17.68
CA SER A 306 -7.22 9.86 -19.03
C SER A 306 -7.05 8.38 -19.35
N VAL A 307 -7.62 7.96 -20.47
CA VAL A 307 -7.60 6.56 -20.83
C VAL A 307 -6.14 6.15 -20.97
N GLN A 308 -5.33 7.04 -21.51
CA GLN A 308 -3.90 6.73 -21.72
C GLN A 308 -3.07 6.42 -20.45
N LYS A 309 -3.37 7.16 -19.39
CA LYS A 309 -2.61 7.23 -18.20
C LYS A 309 -3.25 6.50 -17.06
N ASP A 310 -4.54 6.30 -17.14
CA ASP A 310 -5.23 5.74 -15.98
C ASP A 310 -5.82 4.35 -16.18
N TYR A 311 -5.58 3.72 -17.33
CA TYR A 311 -6.20 2.43 -17.59
C TYR A 311 -5.71 1.32 -16.67
N ASP A 312 -4.44 1.37 -16.28
CA ASP A 312 -3.92 0.39 -15.32
C ASP A 312 -4.67 0.47 -13.99
N LYS A 313 -5.05 1.63 -13.54
CA LYS A 313 -5.81 1.83 -12.35
C LYS A 313 -7.19 1.19 -12.49
N LEU A 314 -7.79 1.31 -13.67
CA LEU A 314 -9.08 0.70 -13.92
C LEU A 314 -9.00 -0.82 -13.80
N ILE A 315 -7.93 -1.37 -14.34
CA ILE A 315 -7.75 -2.82 -14.35
C ILE A 315 -7.51 -3.37 -12.95
N ASN A 316 -6.67 -2.67 -12.18
CA ASN A 316 -6.37 -3.10 -10.82
C ASN A 316 -7.57 -3.01 -9.89
N GLY A 317 -8.39 -1.98 -10.09
CA GLY A 317 -9.62 -1.85 -9.31
C GLY A 317 -10.58 -2.98 -9.58
N ALA A 318 -10.76 -3.30 -10.86
CA ALA A 318 -11.67 -4.37 -11.26
C ALA A 318 -11.21 -5.72 -10.75
N LEU A 319 -9.95 -6.01 -10.88
CA LEU A 319 -9.40 -7.25 -10.41
C LEU A 319 -9.70 -7.49 -8.95
N ASN A 320 -9.68 -6.43 -8.15
CA ASN A 320 -9.91 -6.56 -6.72
C ASN A 320 -11.37 -6.87 -6.36
N ILE A 321 -12.24 -6.86 -7.37
CA ILE A 321 -13.62 -7.23 -7.17
C ILE A 321 -14.08 -8.22 -8.23
N LEU A 322 -13.13 -8.88 -8.89
CA LEU A 322 -13.45 -9.89 -9.88
C LEU A 322 -13.37 -11.25 -9.23
N SER A 323 -14.26 -12.13 -9.62
CA SER A 323 -14.31 -13.50 -9.14
C SER A 323 -13.09 -14.35 -9.54
N SER A 324 -12.91 -15.47 -8.89
CA SER A 324 -11.68 -16.19 -9.03
C SER A 324 -11.53 -16.55 -10.44
N GLU A 325 -12.64 -17.07 -10.96
CA GLU A 325 -12.89 -17.22 -12.36
C GLU A 325 -13.76 -16.04 -12.73
N GLY A 326 -13.31 -15.32 -13.73
CA GLY A 326 -13.87 -14.05 -14.17
C GLY A 326 -13.37 -13.57 -15.51
N THR A 327 -14.11 -12.65 -16.10
CA THR A 327 -13.73 -12.04 -17.37
C THR A 327 -13.72 -10.52 -17.27
N LEU A 328 -12.74 -9.91 -17.89
CA LEU A 328 -12.72 -8.46 -18.06
C LEU A 328 -13.00 -8.14 -19.52
N LEU A 329 -13.94 -7.24 -19.75
CA LEU A 329 -14.16 -6.71 -21.09
C LEU A 329 -13.63 -5.30 -21.10
N LEU A 330 -12.43 -5.14 -21.67
CA LEU A 330 -11.73 -3.85 -21.62
C LEU A 330 -11.82 -3.15 -22.97
N CYS A 331 -12.45 -1.98 -22.98
CA CYS A 331 -12.66 -1.25 -24.22
C CYS A 331 -12.08 0.15 -24.17
N THR A 332 -11.80 0.70 -25.33
CA THR A 332 -11.61 2.10 -25.56
C THR A 332 -12.04 2.56 -26.96
N ASN A 333 -12.20 3.80 -27.14
CA ASN A 333 -12.57 4.37 -28.37
C ASN A 333 -11.60 5.40 -28.86
N ALA A 334 -10.51 5.54 -28.15
CA ALA A 334 -9.57 6.60 -28.43
C ALA A 334 -8.74 6.31 -29.68
N SER A 335 -8.94 7.10 -30.73
CA SER A 335 -8.22 6.91 -31.98
C SER A 335 -6.71 7.10 -31.79
N VAL A 336 -6.33 7.88 -30.79
CA VAL A 336 -4.93 8.14 -30.46
C VAL A 336 -4.24 6.95 -29.78
N TYR A 337 -5.06 6.01 -29.33
CA TYR A 337 -4.61 4.88 -28.51
C TYR A 337 -4.68 3.57 -29.31
N PRO A 338 -3.59 3.26 -30.01
CA PRO A 338 -3.56 2.10 -30.91
C PRO A 338 -3.72 0.77 -30.18
N LEU A 339 -4.28 -0.23 -30.87
CA LEU A 339 -4.54 -1.53 -30.28
C LEU A 339 -3.29 -2.16 -29.66
N LYS A 340 -2.14 -2.06 -30.31
CA LYS A 340 -0.87 -2.66 -29.89
C LYS A 340 -0.54 -2.24 -28.49
N GLN A 341 -0.68 -0.91 -28.30
CA GLN A 341 -0.32 -0.21 -27.14
C GLN A 341 -1.36 -0.50 -26.06
N PHE A 342 -2.62 -0.58 -26.46
CA PHE A 342 -3.69 -0.94 -25.55
C PHE A 342 -3.44 -2.33 -24.98
N LYS A 343 -3.23 -3.29 -25.88
CA LYS A 343 -2.95 -4.67 -25.47
C LYS A 343 -1.72 -4.75 -24.56
N ASN A 344 -0.65 -3.95 -24.92
CA ASN A 344 0.55 -3.85 -24.10
C ASN A 344 0.24 -3.43 -22.66
N THR A 345 -0.54 -2.38 -22.53
CA THR A 345 -0.92 -1.85 -21.22
C THR A 345 -1.68 -2.93 -20.44
N ILE A 346 -2.61 -3.59 -21.12
CA ILE A 346 -3.40 -4.65 -20.51
C ILE A 346 -2.51 -5.80 -20.03
N LYS A 347 -1.62 -6.26 -20.85
CA LYS A 347 -0.71 -7.31 -20.54
C LYS A 347 0.24 -7.01 -19.38
N LYS A 348 0.80 -5.83 -19.39
CA LYS A 348 1.69 -5.34 -18.39
C LYS A 348 1.03 -5.23 -17.07
N THR A 349 -0.13 -4.65 -17.12
CA THR A 349 -0.86 -4.52 -15.86
C THR A 349 -1.17 -5.88 -15.26
N LEU A 350 -1.70 -6.78 -16.07
CA LEU A 350 -2.09 -8.10 -15.60
C LEU A 350 -0.88 -8.91 -15.14
N GLU A 351 0.23 -8.87 -15.84
CA GLU A 351 1.49 -9.47 -15.43
C GLU A 351 2.00 -8.95 -14.09
N GLU A 352 1.91 -7.66 -13.88
CA GLU A 352 2.27 -7.04 -12.65
C GLU A 352 1.43 -7.52 -11.45
N SER A 353 0.21 -7.97 -11.71
CA SER A 353 -0.67 -8.36 -10.69
CA SER A 353 -0.65 -8.46 -10.67
C SER A 353 -0.51 -9.77 -10.31
N GLY A 354 0.12 -10.42 -11.17
CA GLY A 354 0.45 -11.79 -10.82
C GLY A 354 -0.67 -12.79 -11.07
N VAL A 355 -1.71 -12.36 -11.77
CA VAL A 355 -2.85 -13.23 -12.04
C VAL A 355 -2.66 -14.01 -13.34
N ASP A 356 -3.33 -15.10 -13.47
CA ASP A 356 -3.35 -15.81 -14.69
C ASP A 356 -4.38 -15.16 -15.60
N TYR A 357 -4.02 -14.97 -16.86
CA TYR A 357 -4.92 -14.31 -17.81
C TYR A 357 -4.77 -14.85 -19.21
N GLU A 358 -5.79 -14.63 -20.03
CA GLU A 358 -5.74 -14.97 -21.45
C GLU A 358 -6.65 -14.05 -22.25
N LEU A 359 -6.06 -13.30 -23.18
CA LEU A 359 -6.85 -12.51 -24.11
C LEU A 359 -7.60 -13.47 -25.03
N THR A 360 -8.88 -13.66 -24.77
CA THR A 360 -9.66 -14.64 -25.51
C THR A 360 -10.22 -14.05 -26.81
N GLU A 361 -10.61 -12.79 -26.75
CA GLU A 361 -11.15 -12.12 -27.92
C GLU A 361 -10.60 -10.70 -28.05
N VAL A 362 -10.38 -10.29 -29.29
CA VAL A 362 -10.06 -8.90 -29.59
C VAL A 362 -10.95 -8.42 -30.74
N MET A 363 -11.82 -7.45 -30.44
CA MET A 363 -12.77 -6.97 -31.43
C MET A 363 -12.52 -5.51 -31.77
N GLY A 364 -12.81 -5.16 -33.02
CA GLY A 364 -12.71 -3.79 -33.48
C GLY A 364 -14.04 -3.30 -34.03
N LEU A 365 -14.00 -2.26 -34.85
CA LEU A 365 -15.23 -1.69 -35.41
C LEU A 365 -15.98 -2.71 -36.25
N PRO A 366 -17.31 -2.75 -36.12
CA PRO A 366 -18.18 -3.61 -36.92
C PRO A 366 -18.23 -3.14 -38.37
N LYS A 367 -18.77 -3.89 -39.27
CA LYS A 367 -18.76 -3.60 -40.68
C LYS A 367 -19.52 -2.40 -41.11
N ASP A 368 -20.55 -2.03 -40.40
CA ASP A 368 -21.25 -0.79 -40.71
C ASP A 368 -20.40 0.43 -40.36
N PHE A 369 -19.34 0.21 -39.57
CA PHE A 369 -18.36 1.25 -39.29
C PHE A 369 -17.10 1.00 -40.11
N LYS A 370 -17.18 1.15 -41.43
CA LYS A 370 -16.13 0.84 -42.37
C LYS A 370 -14.92 1.63 -42.07
N THR A 371 -13.82 0.93 -41.93
CA THR A 371 -12.56 1.63 -41.68
C THR A 371 -11.82 1.89 -42.99
N HIS A 372 -10.75 2.68 -42.90
CA HIS A 372 -9.94 3.00 -44.06
C HIS A 372 -8.65 2.18 -43.99
N PRO A 373 -8.37 1.40 -45.05
CA PRO A 373 -7.22 0.49 -45.05
C PRO A 373 -5.87 1.20 -45.05
N HIS A 374 -5.86 2.51 -45.32
CA HIS A 374 -4.60 3.25 -45.36
C HIS A 374 -4.56 4.36 -44.30
N TYR A 375 -5.44 4.25 -43.31
CA TYR A 375 -5.45 5.20 -42.21
C TYR A 375 -5.78 4.47 -40.91
N LYS A 376 -4.76 4.17 -40.15
CA LYS A 376 -4.80 3.29 -39.05
C LYS A 376 -5.71 3.80 -37.94
N PRO A 377 -5.67 5.10 -37.68
CA PRO A 377 -6.49 5.72 -36.64
C PRO A 377 -7.99 5.56 -36.89
N SER A 378 -8.39 5.17 -38.09
CA SER A 378 -9.81 4.95 -38.38
C SER A 378 -10.35 3.74 -37.62
N LYS A 379 -9.49 2.85 -37.23
CA LYS A 379 -9.77 1.68 -36.49
C LYS A 379 -9.71 1.98 -34.97
N TYR A 380 -10.60 2.86 -34.53
CA TYR A 380 -10.44 3.48 -33.22
C TYR A 380 -11.00 2.67 -32.06
N LEU A 381 -11.81 1.66 -32.36
CA LEU A 381 -12.44 0.88 -31.31
C LEU A 381 -11.65 -0.38 -30.97
N LYS A 382 -11.37 -0.56 -29.69
CA LYS A 382 -10.75 -1.78 -29.21
C LYS A 382 -11.58 -2.34 -28.06
N ALA A 383 -12.03 -3.58 -28.20
CA ALA A 383 -12.72 -4.28 -27.13
C ALA A 383 -12.02 -5.61 -26.91
N VAL A 384 -11.43 -5.76 -25.72
CA VAL A 384 -10.60 -6.93 -25.42
C VAL A 384 -11.22 -7.74 -24.29
N PHE A 385 -11.66 -8.95 -24.61
CA PHE A 385 -12.18 -9.86 -23.60
C PHE A 385 -11.00 -10.63 -23.00
N VAL A 386 -10.89 -10.60 -21.68
CA VAL A 386 -9.78 -11.24 -20.99
C VAL A 386 -10.27 -12.16 -19.87
N ASN A 387 -10.05 -13.46 -20.03
CA ASN A 387 -10.38 -14.41 -18.96
C ASN A 387 -9.31 -14.42 -17.88
N ILE A 388 -9.74 -14.37 -16.62
CA ILE A 388 -8.84 -14.25 -15.49
C ILE A 388 -8.91 -15.46 -14.56
N ARG A 389 -7.76 -15.87 -14.07
CA ARG A 389 -7.62 -16.76 -12.94
C ARG A 389 -6.78 -16.21 -11.82
N HIS A 390 -7.40 -16.06 -10.67
CA HIS A 390 -6.80 -15.57 -9.43
C HIS A 390 -7.46 -15.97 -8.14
N MET B 1 -5.90 -23.36 35.65
CA MET B 1 -6.00 -23.12 37.03
C MET B 1 -4.61 -23.10 37.64
N LYS B 2 -3.60 -22.92 36.78
CA LYS B 2 -2.34 -22.37 37.19
C LYS B 2 -2.57 -20.89 37.49
N ILE B 3 -2.04 -20.41 38.58
CA ILE B 3 -2.25 -19.02 38.93
C ILE B 3 -0.98 -18.32 39.38
N ALA B 4 -0.97 -17.00 39.21
CA ALA B 4 0.05 -16.13 39.77
C ALA B 4 -0.67 -15.09 40.62
N THR B 5 -0.16 -14.82 41.80
CA THR B 5 -0.83 -13.92 42.73
C THR B 5 -0.19 -12.54 42.71
N LEU B 6 -1.03 -11.52 42.70
CA LEU B 6 -0.56 -10.13 42.68
C LEU B 6 -0.06 -9.71 44.06
N ASN B 7 1.08 -9.03 44.08
CA ASN B 7 1.57 -8.44 45.31
C ASN B 7 0.56 -7.42 45.82
N LYS B 8 0.43 -7.31 47.13
CA LYS B 8 -0.50 -6.35 47.69
C LYS B 8 -0.07 -4.98 47.21
N GLY B 9 -1.04 -4.18 46.76
CA GLY B 9 -0.78 -2.85 46.26
C GLY B 9 -0.64 -2.77 44.75
N LYS B 10 -0.53 -3.89 44.08
CA LYS B 10 -0.53 -3.97 42.65
C LYS B 10 -1.76 -4.50 41.96
N GLU B 11 -2.83 -4.63 42.68
CA GLU B 11 -4.10 -5.12 42.13
C GLU B 11 -4.72 -4.12 41.16
N THR B 12 -4.81 -2.87 41.60
CA THR B 12 -5.48 -1.83 40.82
C THR B 12 -4.87 -1.70 39.43
N LYS B 13 -3.57 -1.81 39.33
CA LYS B 13 -2.89 -1.63 38.08
C LYS B 13 -3.42 -2.64 37.06
N TYR B 14 -3.61 -3.86 37.47
CA TYR B 14 -4.08 -4.90 36.58
C TYR B 14 -5.60 -4.96 36.43
N PHE B 15 -6.32 -4.56 37.47
CA PHE B 15 -7.77 -4.44 37.36
C PHE B 15 -8.13 -3.44 36.26
N ASN B 16 -7.26 -2.45 36.09
CA ASN B 16 -7.53 -1.35 35.15
C ASN B 16 -6.96 -1.52 33.74
N GLY B 17 -6.49 -2.74 33.43
CA GLY B 17 -6.14 -3.06 32.06
C GLY B 17 -4.67 -3.15 31.68
N TYR B 18 -3.77 -3.02 32.65
CA TYR B 18 -2.35 -3.14 32.36
C TYR B 18 -2.04 -4.53 31.83
N PRO B 19 -1.58 -4.62 30.58
CA PRO B 19 -1.50 -5.90 29.85
C PRO B 19 -0.22 -6.70 30.11
N LEU B 20 0.83 -6.06 30.58
CA LEU B 20 2.10 -6.75 30.78
C LEU B 20 2.26 -7.24 32.22
N ILE B 21 2.30 -8.57 32.38
CA ILE B 21 2.51 -9.14 33.70
C ILE B 21 3.97 -9.00 34.08
N GLU B 22 4.26 -8.06 34.98
CA GLU B 22 5.62 -7.83 35.44
C GLU B 22 6.01 -8.85 36.49
N GLU B 23 7.24 -9.38 36.39
CA GLU B 23 7.71 -10.39 37.33
C GLU B 23 7.72 -9.86 38.76
N GLU B 24 7.92 -8.58 38.89
CA GLU B 24 8.06 -7.91 40.15
C GLU B 24 6.74 -7.61 40.82
N ASP B 25 5.68 -7.83 40.07
CA ASP B 25 4.33 -7.53 40.57
C ASP B 25 3.60 -8.78 41.06
N ILE B 26 4.15 -9.95 40.77
CA ILE B 26 3.45 -11.19 41.09
C ILE B 26 4.36 -12.26 41.69
N TYR B 27 3.75 -13.31 42.21
CA TYR B 27 4.47 -14.50 42.63
C TYR B 27 3.64 -15.76 42.37
N SER B 28 4.33 -16.85 42.05
CA SER B 28 3.64 -18.09 41.69
C SER B 28 4.39 -19.32 42.18
N GLN B 29 3.64 -20.38 42.47
CA GLN B 29 4.24 -21.64 42.88
C GLN B 29 3.83 -22.73 41.90
N ASP B 30 3.17 -22.33 40.82
CA ASP B 30 2.63 -23.29 39.86
C ASP B 30 3.56 -23.61 38.69
N HIS B 31 4.80 -23.35 38.83
CA HIS B 31 5.75 -23.71 37.86
C HIS B 31 5.44 -23.21 36.45
N LEU B 32 5.33 -21.91 36.32
CA LEU B 32 4.91 -21.34 35.05
C LEU B 32 6.02 -21.51 34.02
N LYS B 33 5.73 -22.17 32.94
CA LYS B 33 6.58 -22.43 31.78
C LYS B 33 6.09 -21.72 30.53
N GLU B 34 7.01 -21.37 29.61
CA GLU B 34 6.63 -20.73 28.36
C GLU B 34 5.41 -21.39 27.73
N GLY B 35 4.41 -20.58 27.39
CA GLY B 35 3.24 -21.09 26.70
C GLY B 35 2.09 -21.43 27.62
N ASP B 36 2.36 -21.54 28.92
CA ASP B 36 1.32 -21.85 29.89
C ASP B 36 0.27 -20.76 29.90
N ILE B 37 -1.00 -21.16 29.98
CA ILE B 37 -2.05 -20.23 30.31
C ILE B 37 -2.13 -20.21 31.82
N PHE B 38 -2.35 -19.02 32.40
CA PHE B 38 -2.51 -18.91 33.84
C PHE B 38 -3.42 -17.74 34.18
N GLN B 39 -3.90 -17.73 35.42
CA GLN B 39 -4.78 -16.66 35.85
C GLN B 39 -4.07 -15.76 36.84
N ILE B 40 -4.30 -14.46 36.72
CA ILE B 40 -3.84 -13.51 37.72
C ILE B 40 -4.95 -13.38 38.74
N VAL B 41 -4.60 -13.53 40.01
CA VAL B 41 -5.58 -13.43 41.08
C VAL B 41 -5.03 -12.59 42.21
N THR B 42 -5.89 -12.03 42.99
CA THR B 42 -5.50 -11.24 44.12
C THR B 42 -5.12 -12.21 45.23
N ASP B 43 -4.54 -11.70 46.28
CA ASP B 43 -4.21 -12.51 47.41
C ASP B 43 -5.45 -12.86 48.20
N LYS B 44 -6.57 -12.29 47.83
CA LYS B 44 -7.84 -12.74 48.34
C LYS B 44 -8.52 -13.80 47.46
N SER B 45 -7.79 -14.32 46.51
CA SER B 45 -8.33 -15.28 45.58
C SER B 45 -9.46 -14.71 44.69
N GLN B 46 -9.40 -13.43 44.37
CA GLN B 46 -10.31 -12.87 43.38
C GLN B 46 -9.66 -12.92 41.99
N TYR B 47 -10.37 -13.50 41.04
CA TYR B 47 -9.89 -13.57 39.66
C TYR B 47 -9.73 -12.18 39.07
N VAL B 48 -8.60 -11.95 38.42
CA VAL B 48 -8.34 -10.67 37.77
C VAL B 48 -8.31 -10.81 36.24
N ALA B 49 -7.47 -11.73 35.75
CA ALA B 49 -7.35 -11.91 34.31
C ALA B 49 -6.70 -13.24 33.95
N THR B 50 -6.76 -13.59 32.67
CA THR B 50 -6.09 -14.78 32.16
C THR B 50 -4.93 -14.34 31.26
N ALA B 51 -3.78 -14.99 31.42
CA ALA B 51 -2.58 -14.61 30.69
C ALA B 51 -1.87 -15.83 30.12
N TYR B 52 -0.83 -15.59 29.32
CA TYR B 52 0.03 -16.66 28.85
C TYR B 52 1.46 -16.31 29.20
N VAL B 53 2.27 -17.34 29.48
CA VAL B 53 3.67 -17.13 29.82
C VAL B 53 4.52 -16.91 28.56
N GLY B 54 5.12 -15.73 28.48
CA GLY B 54 6.08 -15.38 27.43
C GLY B 54 7.17 -14.47 27.97
N ARG B 55 8.14 -15.02 28.70
CA ARG B 55 9.09 -14.17 29.41
C ARG B 55 9.91 -13.32 28.45
N GLN B 56 9.88 -12.03 28.72
CA GLN B 56 10.80 -11.07 28.14
C GLN B 56 11.14 -10.06 29.22
N HIS B 57 12.41 -9.72 29.34
CA HIS B 57 12.80 -8.59 30.16
C HIS B 57 12.38 -8.85 31.56
N LYS B 58 11.62 -7.92 32.11
CA LYS B 58 11.24 -8.04 33.45
C LYS B 58 9.83 -8.64 33.43
N GLY B 59 9.44 -9.14 32.27
CA GLY B 59 8.08 -9.53 31.99
C GLY B 59 7.86 -11.02 32.07
N LEU B 60 6.69 -11.42 32.57
CA LEU B 60 6.32 -12.82 32.68
C LEU B 60 5.52 -13.25 31.46
N GLY B 61 4.58 -12.42 31.04
CA GLY B 61 3.72 -12.70 29.91
C GLY B 61 2.70 -11.61 29.71
N TRP B 62 1.65 -11.91 28.94
CA TRP B 62 0.65 -10.90 28.59
C TRP B 62 -0.77 -11.35 28.93
N VAL B 63 -1.61 -10.38 29.28
CA VAL B 63 -3.02 -10.65 29.49
C VAL B 63 -3.71 -10.96 28.16
N LEU B 64 -4.58 -11.97 28.17
CA LEU B 64 -5.27 -12.36 26.95
C LEU B 64 -6.77 -12.10 27.03
N THR B 65 -7.31 -12.21 28.24
CA THR B 65 -8.75 -12.01 28.41
C THR B 65 -9.10 -11.77 29.88
N TYR B 66 -10.20 -11.05 30.09
CA TYR B 66 -10.70 -10.79 31.43
C TYR B 66 -11.96 -11.63 31.72
N ASP B 67 -12.22 -12.58 30.83
CA ASP B 67 -13.36 -13.49 30.95
C ASP B 67 -12.87 -14.86 31.41
N LYS B 68 -13.11 -15.24 32.64
CA LYS B 68 -12.70 -16.53 33.23
C LYS B 68 -13.18 -17.72 32.48
N ALA B 69 -14.25 -17.54 31.78
CA ALA B 69 -14.83 -18.64 31.02
C ALA B 69 -14.20 -18.79 29.63
N GLN B 70 -13.34 -17.88 29.21
CA GLN B 70 -12.80 -17.91 27.90
C GLN B 70 -11.50 -18.66 27.71
N GLU B 71 -11.64 -19.67 26.89
CA GLU B 71 -10.59 -20.58 26.56
C GLU B 71 -9.71 -19.94 25.50
N ILE B 72 -8.41 -20.11 25.64
CA ILE B 72 -7.47 -19.60 24.65
C ILE B 72 -7.27 -20.61 23.53
N ASN B 73 -8.14 -20.53 22.52
CA ASN B 73 -8.12 -21.45 21.40
C ASN B 73 -8.27 -20.73 20.07
N THR B 74 -8.47 -21.47 18.99
CA THR B 74 -8.60 -20.89 17.67
C THR B 74 -9.73 -19.87 17.59
N ALA B 75 -10.89 -20.23 18.13
CA ALA B 75 -12.06 -19.34 18.11
C ALA B 75 -11.78 -18.03 18.85
N PHE B 76 -10.90 -18.08 19.84
CA PHE B 76 -10.51 -16.88 20.57
C PHE B 76 -9.68 -15.95 19.67
N PHE B 77 -8.69 -16.53 19.00
CA PHE B 77 -7.85 -15.75 18.08
C PHE B 77 -8.64 -15.25 16.87
N VAL B 78 -9.63 -16.03 16.44
CA VAL B 78 -10.48 -15.62 15.33
C VAL B 78 -11.22 -14.34 15.69
N LYS B 79 -11.74 -14.27 16.92
CA LYS B 79 -12.44 -13.07 17.39
C LYS B 79 -11.55 -11.83 17.49
N LEU B 80 -10.34 -12.01 18.03
CA LEU B 80 -9.38 -10.92 18.10
C LEU B 80 -8.94 -10.47 16.72
N PHE B 81 -8.76 -11.43 15.81
CA PHE B 81 -8.30 -11.11 14.46
C PHE B 81 -9.37 -10.37 13.68
N ASN B 82 -10.62 -10.82 13.81
CA ASN B 82 -11.75 -10.14 13.20
C ASN B 82 -11.92 -8.70 13.71
N THR B 83 -11.72 -8.50 15.01
CA THR B 83 -11.82 -7.17 15.59
C THR B 83 -10.70 -6.26 15.07
N ALA B 84 -9.48 -6.78 15.03
CA ALA B 84 -8.35 -6.01 14.51
C ALA B 84 -8.59 -5.63 13.05
N LEU B 85 -9.18 -6.55 12.30
CA LEU B 85 -9.47 -6.31 10.89
C LEU B 85 -10.53 -5.23 10.72
N ALA B 86 -11.62 -5.36 11.48
CA ALA B 86 -12.70 -4.39 11.43
C ALA B 86 -12.19 -3.01 11.86
N GLU B 87 -11.28 -2.97 12.82
CA GLU B 87 -10.75 -1.70 13.29
C GLU B 87 -10.07 -1.01 12.12
N ARG B 88 -9.39 -1.84 11.34
CA ARG B 88 -8.64 -1.39 10.19
C ARG B 88 -9.59 -1.12 9.05
N ASP B 89 -10.76 -1.75 9.05
CA ASP B 89 -11.69 -1.44 7.96
C ASP B 89 -12.39 -0.08 8.07
N TYR B 90 -12.58 0.45 9.26
CA TYR B 90 -13.45 1.59 9.43
C TYR B 90 -12.59 2.76 9.73
N TYR B 91 -11.45 2.50 10.29
CA TYR B 91 -10.58 3.59 10.67
C TYR B 91 -9.22 3.73 9.98
N PHE B 92 -8.86 2.80 9.10
CA PHE B 92 -7.56 2.88 8.43
C PHE B 92 -7.71 3.09 6.93
N ASN B 93 -7.01 4.12 6.47
CA ASN B 93 -7.03 4.51 5.08
C ASN B 93 -5.96 3.88 4.19
N ILE B 94 -6.48 3.31 3.13
CA ILE B 94 -5.82 2.35 2.28
C ILE B 94 -5.62 2.83 0.83
N ASP B 95 -5.98 4.07 0.52
CA ASP B 95 -5.85 4.55 -0.85
C ASP B 95 -4.38 4.54 -1.13
N GLY B 96 -3.93 3.96 -2.22
CA GLY B 96 -2.55 4.23 -2.60
C GLY B 96 -1.60 3.32 -1.84
N THR B 97 -2.19 2.32 -1.20
CA THR B 97 -1.47 1.49 -0.23
C THR B 97 -1.97 0.05 -0.19
N ASN B 98 -1.08 -0.90 -0.45
CA ASN B 98 -1.41 -2.32 -0.35
C ASN B 98 -0.54 -3.06 0.68
N ALA B 99 0.14 -2.30 1.53
CA ALA B 99 0.94 -2.90 2.61
C ALA B 99 0.74 -2.14 3.91
N PHE B 100 0.30 -2.86 4.94
CA PHE B 100 -0.04 -2.27 6.24
C PHE B 100 -0.04 -3.34 7.34
N ARG B 101 -0.03 -2.93 8.59
CA ARG B 101 -0.08 -3.88 9.69
C ARG B 101 -1.53 -4.28 10.01
N LEU B 102 -1.76 -5.58 10.08
CA LEU B 102 -3.10 -6.12 10.38
C LEU B 102 -3.29 -6.32 11.87
N PHE B 103 -2.21 -6.65 12.57
CA PHE B 103 -2.28 -6.98 13.99
C PHE B 103 -1.04 -6.49 14.71
N ASN B 104 -1.24 -5.62 15.70
CA ASN B 104 -0.13 -5.01 16.41
C ASN B 104 0.00 -5.42 17.87
N ALA B 105 0.24 -6.71 18.10
CA ALA B 105 0.57 -7.22 19.43
C ALA B 105 -0.41 -6.76 20.51
N GLU B 106 0.11 -6.26 21.62
CA GLU B 106 -0.75 -5.94 22.76
C GLU B 106 -1.84 -4.93 22.40
N GLY B 107 -1.54 -4.05 21.45
CA GLY B 107 -2.52 -3.08 20.99
C GLY B 107 -3.78 -3.75 20.47
N ASP B 108 -3.62 -4.93 19.88
CA ASP B 108 -4.77 -5.66 19.34
C ASP B 108 -5.15 -6.88 20.19
N GLY B 109 -4.55 -7.01 21.37
CA GLY B 109 -4.97 -8.02 22.32
C GLY B 109 -4.06 -9.22 22.50
N VAL B 110 -2.89 -9.23 21.87
CA VAL B 110 -1.93 -10.31 22.09
C VAL B 110 -0.49 -9.83 22.04
N GLY B 111 0.06 -9.47 23.18
CA GLY B 111 1.45 -9.08 23.26
C GLY B 111 2.34 -10.14 22.64
N GLY B 112 3.40 -9.72 21.98
CA GLY B 112 4.35 -10.65 21.39
C GLY B 112 3.96 -11.22 20.04
N LEU B 113 2.87 -10.73 19.46
CA LEU B 113 2.42 -11.20 18.15
C LEU B 113 2.10 -10.05 17.19
N THR B 114 2.74 -10.05 16.03
CA THR B 114 2.42 -9.07 15.00
C THR B 114 2.20 -9.72 13.65
N ILE B 115 1.24 -9.20 12.91
CA ILE B 115 0.94 -9.69 11.57
C ILE B 115 0.90 -8.53 10.59
N ASP B 116 1.77 -8.57 9.60
CA ASP B 116 1.81 -7.54 8.57
C ASP B 116 1.29 -8.07 7.24
N ASN B 117 0.62 -7.20 6.50
CA ASN B 117 0.17 -7.52 5.15
C ASN B 117 1.01 -6.80 4.11
N TYR B 118 1.86 -7.54 3.42
CA TYR B 118 2.65 -6.98 2.34
C TYR B 118 2.03 -7.36 1.00
N ASP B 119 0.95 -6.65 0.64
CA ASP B 119 0.22 -6.89 -0.61
C ASP B 119 -0.15 -8.36 -0.79
N GLY B 120 -0.84 -8.93 0.19
CA GLY B 120 -1.27 -10.31 0.09
C GLY B 120 -0.31 -11.30 0.72
N HIS B 121 0.96 -10.91 0.83
CA HIS B 121 1.95 -11.77 1.47
C HIS B 121 2.11 -11.39 2.93
N LEU B 122 1.69 -12.27 3.83
CA LEU B 122 1.66 -11.97 5.25
C LEU B 122 2.98 -12.28 5.96
N LEU B 123 3.34 -11.41 6.89
CA LEU B 123 4.49 -11.65 7.76
C LEU B 123 4.03 -11.73 9.21
N ILE B 124 4.14 -12.92 9.79
CA ILE B 124 3.81 -13.13 11.20
C ILE B 124 5.10 -13.16 12.00
N GLN B 125 5.13 -12.40 13.09
CA GLN B 125 6.31 -12.38 13.95
C GLN B 125 5.99 -12.82 15.38
N TRP B 126 6.77 -13.79 15.88
CA TRP B 126 6.60 -14.31 17.23
C TRP B 126 7.74 -13.82 18.11
N TYR B 127 7.40 -13.19 19.24
CA TYR B 127 8.41 -12.55 20.06
C TYR B 127 8.79 -13.33 21.31
N SER B 128 8.24 -14.54 21.43
CA SER B 128 8.64 -15.43 22.52
C SER B 128 8.30 -16.87 22.18
N LYS B 129 9.08 -17.81 22.71
CA LYS B 129 8.78 -19.23 22.70
C LYS B 129 7.37 -19.47 23.14
N GLY B 130 6.97 -18.68 24.12
CA GLY B 130 5.66 -18.79 24.72
C GLY B 130 4.51 -18.61 23.73
N ILE B 131 4.52 -17.51 22.99
CA ILE B 131 3.46 -17.28 22.02
C ILE B 131 3.59 -18.25 20.84
N TYR B 132 4.79 -18.74 20.57
CA TYR B 132 5.02 -19.67 19.46
C TYR B 132 4.23 -20.98 19.61
N LYS B 133 4.05 -21.37 20.86
CA LYS B 133 3.40 -22.62 21.21
C LYS B 133 2.00 -22.59 20.62
N PHE B 134 1.42 -21.40 20.51
CA PHE B 134 0.06 -21.34 19.98
C PHE B 134 0.05 -21.23 18.47
N LYS B 135 1.11 -21.53 17.76
CA LYS B 135 1.16 -21.44 16.29
C LYS B 135 0.05 -21.99 15.49
N TYR B 136 -0.34 -23.21 15.77
CA TYR B 136 -1.35 -23.91 15.04
C TYR B 136 -2.71 -23.36 15.26
N ALA B 137 -3.03 -22.95 16.46
CA ALA B 137 -4.33 -22.33 16.64
C ALA B 137 -4.37 -20.97 15.94
N ILE B 138 -3.27 -20.23 16.04
CA ILE B 138 -3.19 -18.90 15.45
C ILE B 138 -3.21 -18.96 13.91
N LEU B 139 -2.45 -19.87 13.32
CA LEU B 139 -2.46 -20.03 11.87
C LEU B 139 -3.85 -20.39 11.34
N GLU B 140 -4.55 -21.25 12.01
CA GLU B 140 -5.91 -21.53 11.66
C GLU B 140 -6.85 -20.40 11.79
N ALA B 141 -6.58 -19.55 12.75
CA ALA B 141 -7.34 -18.32 12.91
C ALA B 141 -7.03 -17.38 11.74
N VAL B 142 -5.75 -17.27 11.42
CA VAL B 142 -5.32 -16.46 10.27
C VAL B 142 -6.03 -16.91 9.00
N ARG B 143 -6.00 -18.21 8.74
CA ARG B 143 -6.51 -18.75 7.49
C ARG B 143 -7.97 -18.38 7.37
N LYS B 144 -8.66 -18.33 8.49
CA LYS B 144 -10.06 -18.11 8.49
C LYS B 144 -10.51 -16.66 8.54
N VAL B 145 -9.59 -15.76 8.78
CA VAL B 145 -9.93 -14.35 8.84
C VAL B 145 -9.27 -13.51 7.76
N PHE B 146 -8.00 -13.78 7.48
CA PHE B 146 -7.22 -12.91 6.60
C PHE B 146 -7.02 -13.52 5.22
N ASP B 147 -7.10 -12.67 4.22
CA ASP B 147 -6.73 -13.02 2.88
C ASP B 147 -5.22 -13.07 2.74
N TYR B 148 -4.70 -14.00 1.95
CA TYR B 148 -3.26 -14.10 1.79
C TYR B 148 -2.90 -14.90 0.55
N LYS B 149 -1.81 -14.52 -0.10
CA LYS B 149 -1.26 -15.28 -1.20
C LYS B 149 -0.26 -16.25 -0.61
N SER B 150 0.45 -15.77 0.42
CA SER B 150 1.42 -16.59 1.13
C SER B 150 1.52 -16.14 2.59
N ILE B 151 2.22 -16.93 3.40
CA ILE B 151 2.43 -16.61 4.80
C ILE B 151 3.88 -16.86 5.18
N TYR B 152 4.54 -15.80 5.63
CA TYR B 152 5.91 -15.91 6.13
C TYR B 152 5.92 -15.62 7.63
N GLU B 153 6.93 -16.17 8.30
CA GLU B 153 7.05 -16.00 9.74
C GLU B 153 8.48 -15.70 10.15
N LYS B 154 8.58 -14.86 11.17
CA LYS B 154 9.74 -14.62 11.89
C LYS B 154 9.65 -14.89 13.38
N VAL B 155 10.70 -15.54 13.84
CA VAL B 155 10.81 -15.99 15.20
C VAL B 155 11.87 -15.12 15.81
N ARG B 156 11.48 -14.42 16.85
CA ARG B 156 12.32 -13.40 17.46
C ARG B 156 12.35 -13.54 18.98
N PHE B 157 12.96 -14.57 19.45
CA PHE B 157 13.11 -14.72 20.83
C PHE B 157 14.25 -13.97 21.41
N SER B 163 15.43 -15.96 13.18
CA SER B 163 15.03 -17.13 12.44
C SER B 163 13.67 -17.06 11.77
N GLY B 164 13.41 -17.96 10.82
CA GLY B 164 12.08 -18.05 10.24
C GLY B 164 12.07 -18.33 8.76
N GLY B 165 10.94 -18.03 8.10
CA GLY B 165 10.84 -18.21 6.67
C GLY B 165 9.43 -18.50 6.21
N PHE B 166 9.32 -19.11 5.04
CA PHE B 166 8.03 -19.39 4.43
C PHE B 166 7.23 -20.38 5.27
N VAL B 167 5.92 -20.17 5.31
CA VAL B 167 5.04 -21.02 6.11
C VAL B 167 4.07 -21.82 5.24
N GLU B 168 3.42 -21.14 4.32
CA GLU B 168 2.37 -21.68 3.52
C GLU B 168 1.87 -20.81 2.38
N GLY B 169 1.17 -21.40 1.42
CA GLY B 169 0.64 -20.61 0.32
C GLY B 169 1.56 -20.66 -0.88
N ASP B 170 1.50 -19.63 -1.69
CA ASP B 170 2.30 -19.56 -2.85
C ASP B 170 3.46 -18.52 -2.76
N ALA B 171 4.68 -18.98 -2.54
CA ALA B 171 5.84 -18.12 -2.37
C ALA B 171 6.11 -17.31 -3.63
N PRO B 172 6.13 -15.98 -3.50
CA PRO B 172 6.48 -15.13 -4.64
C PRO B 172 8.00 -15.15 -4.85
N GLU B 173 8.45 -14.54 -5.93
CA GLU B 173 9.88 -14.28 -6.08
C GLU B 173 10.17 -12.94 -5.40
N PHE B 174 11.18 -12.92 -4.55
CA PHE B 174 11.58 -11.69 -3.90
C PHE B 174 12.71 -11.03 -4.69
N PRO B 175 12.75 -9.69 -4.70
CA PRO B 175 11.86 -8.84 -3.90
C PRO B 175 10.49 -8.68 -4.55
N ILE B 176 9.45 -8.51 -3.71
CA ILE B 176 8.14 -8.13 -4.23
C ILE B 176 8.01 -6.61 -4.16
N VAL B 177 7.11 -6.06 -4.97
CA VAL B 177 6.90 -4.62 -4.97
C VAL B 177 5.59 -4.24 -4.31
N ILE B 178 5.67 -3.41 -3.27
CA ILE B 178 4.49 -2.93 -2.57
C ILE B 178 4.26 -1.47 -2.88
N GLU B 179 3.05 -0.99 -2.58
CA GLU B 179 2.71 0.41 -2.75
C GLU B 179 2.25 1.00 -1.43
N GLU B 180 2.69 2.23 -1.15
CA GLU B 180 2.27 2.96 0.04
C GLU B 180 2.32 4.46 -0.27
N ASN B 181 1.23 5.17 0.01
CA ASN B 181 1.14 6.56 -0.34
C ASN B 181 1.45 6.75 -1.82
N PHE B 182 0.92 5.86 -2.64
CA PHE B 182 1.12 5.91 -4.09
C PHE B 182 2.60 5.90 -4.46
N THR B 183 3.41 5.29 -3.60
CA THR B 183 4.84 5.17 -3.84
C THR B 183 5.24 3.71 -3.76
N PHE B 184 6.10 3.27 -4.68
CA PHE B 184 6.47 1.85 -4.74
C PHE B 184 7.79 1.54 -4.06
N TYR B 185 7.87 0.40 -3.40
CA TYR B 185 9.08 -0.03 -2.72
C TYR B 185 9.32 -1.52 -2.88
N ASN B 186 10.58 -1.92 -2.75
CA ASN B 186 10.92 -3.34 -2.74
C ASN B 186 10.83 -3.92 -1.33
N VAL B 187 10.34 -5.15 -1.25
CA VAL B 187 10.19 -5.83 0.04
C VAL B 187 10.64 -7.27 -0.07
N ASP B 188 11.36 -7.74 0.94
CA ASP B 188 11.77 -9.13 1.01
C ASP B 188 11.44 -9.66 2.40
N LEU B 189 10.63 -10.72 2.45
CA LEU B 189 10.12 -11.23 3.72
C LEU B 189 11.00 -12.33 4.32
N GLU B 190 12.06 -12.68 3.64
CA GLU B 190 12.97 -13.72 3.98
C GLU B 190 14.47 -13.39 4.00
N ASP B 191 14.83 -12.18 4.36
CA ASP B 191 16.20 -11.76 4.42
C ASP B 191 16.57 -10.91 5.56
N GLY B 192 16.92 -11.56 6.65
CA GLY B 192 17.32 -10.86 7.84
C GLY B 192 16.11 -10.42 8.65
N LEU B 193 16.32 -9.56 9.58
CA LEU B 193 15.27 -9.15 10.44
C LEU B 193 14.31 -8.22 9.79
N MET B 194 14.83 -7.35 8.98
CA MET B 194 14.11 -6.33 8.30
C MET B 194 13.54 -6.74 6.93
N THR B 195 12.54 -6.00 6.48
CA THR B 195 11.84 -6.41 5.27
C THR B 195 12.10 -5.46 4.11
N GLY B 196 12.78 -4.35 4.38
CA GLY B 196 13.05 -3.36 3.35
C GLY B 196 12.31 -2.05 3.61
N ILE B 197 11.39 -2.06 4.56
CA ILE B 197 10.64 -0.86 4.90
C ILE B 197 10.04 -0.96 6.29
N PHE B 198 9.94 0.18 6.97
CA PHE B 198 9.26 0.23 8.26
C PHE B 198 7.86 0.80 8.07
N LEU B 199 6.88 -0.10 8.05
CA LEU B 199 5.50 0.28 7.78
C LEU B 199 4.96 1.29 8.78
N ASP B 200 5.58 1.36 9.95
CA ASP B 200 5.03 2.24 11.00
C ASP B 200 5.26 3.72 10.73
N GLN B 201 6.00 4.03 9.68
CA GLN B 201 6.28 5.43 9.34
C GLN B 201 5.51 5.90 8.11
N LYS B 202 4.44 5.17 7.77
CA LYS B 202 3.59 5.51 6.63
C LYS B 202 3.21 6.99 6.60
N GLU B 203 2.69 7.47 7.73
CA GLU B 203 2.17 8.83 7.80
C GLU B 203 3.26 9.87 7.96
N VAL B 204 4.39 9.48 8.55
CA VAL B 204 5.52 10.37 8.64
C VAL B 204 6.06 10.62 7.23
N ARG B 205 6.15 9.56 6.43
CA ARG B 205 6.58 9.68 5.04
C ARG B 205 5.61 10.53 4.25
N LYS B 206 4.31 10.31 4.46
CA LYS B 206 3.29 11.09 3.77
C LYS B 206 3.44 12.56 4.12
N LYS B 207 3.59 12.85 5.41
CA LYS B 207 3.73 14.23 5.86
C LYS B 207 4.98 14.88 5.25
N LEU B 208 6.08 14.12 5.21
CA LEU B 208 7.33 14.64 4.66
C LEU B 208 7.16 15.14 3.24
N ARG B 209 6.62 14.29 2.37
CA ARG B 209 6.38 14.62 0.99
C ARG B 209 5.43 15.76 0.87
N GLY B 210 4.44 15.73 1.72
CA GLY B 210 3.30 16.63 1.63
C GLY B 210 3.59 18.07 1.99
N GLN B 211 4.45 18.29 2.96
CA GLN B 211 4.58 19.55 3.61
C GLN B 211 6.03 19.99 3.84
N TYR B 212 7.01 19.12 3.63
CA TYR B 212 8.40 19.43 3.97
C TYR B 212 9.42 18.96 2.95
N ALA B 213 9.01 18.88 1.68
CA ALA B 213 9.88 18.36 0.63
C ALA B 213 9.92 19.22 -0.63
N LYS B 214 8.78 19.74 -1.07
CA LYS B 214 8.63 20.48 -2.33
C LYS B 214 9.69 21.53 -2.56
N GLU B 215 10.49 21.35 -3.57
CA GLU B 215 11.49 22.35 -3.93
C GLU B 215 12.53 22.57 -2.83
N ARG B 216 12.90 21.48 -2.15
CA ARG B 216 13.93 21.57 -1.12
C ARG B 216 15.07 20.61 -1.41
N HIS B 217 16.19 20.89 -0.82
CA HIS B 217 17.19 19.91 -0.65
C HIS B 217 16.85 19.08 0.58
N VAL B 218 16.47 17.84 0.38
CA VAL B 218 16.10 16.98 1.51
C VAL B 218 17.23 16.02 1.85
N LEU B 219 17.72 16.11 3.08
CA LEU B 219 18.74 15.19 3.56
C LEU B 219 18.10 14.09 4.41
N ASN B 220 18.50 12.84 4.17
CA ASN B 220 17.94 11.70 4.87
C ASN B 220 19.03 10.85 5.51
N LEU B 221 19.12 10.89 6.83
CA LEU B 221 20.20 10.24 7.56
C LEU B 221 19.76 8.89 8.16
N PHE B 222 20.66 7.92 8.15
CA PHE B 222 20.33 6.55 8.50
C PHE B 222 19.23 6.06 7.55
N SER B 223 19.45 6.27 6.26
CA SER B 223 18.44 6.04 5.24
C SER B 223 17.91 4.61 5.11
N TYR B 224 18.77 3.62 5.37
CA TYR B 224 18.35 2.25 5.15
C TYR B 224 18.13 2.10 3.65
N THR B 225 16.89 1.83 3.27
CA THR B 225 16.55 1.57 1.87
C THR B 225 16.08 2.85 1.19
N GLY B 226 16.18 3.96 1.91
CA GLY B 226 15.90 5.28 1.35
C GLY B 226 14.43 5.64 1.23
N ALA B 227 13.57 4.98 2.00
CA ALA B 227 12.13 5.20 1.90
C ALA B 227 11.76 6.69 1.97
N PHE B 228 12.32 7.40 2.95
CA PHE B 228 12.07 8.83 3.09
C PHE B 228 12.47 9.61 1.84
N SER B 229 13.64 9.29 1.31
CA SER B 229 14.17 10.00 0.14
C SER B 229 13.31 9.71 -1.09
N VAL B 230 12.92 8.46 -1.25
CA VAL B 230 12.17 8.03 -2.41
C VAL B 230 10.83 8.74 -2.55
N ILE B 231 10.12 8.90 -1.44
CA ILE B 231 8.82 9.57 -1.50
C ILE B 231 8.98 11.08 -1.59
N ALA B 232 10.03 11.60 -0.94
CA ALA B 232 10.30 13.04 -0.98
C ALA B 232 10.79 13.46 -2.36
N ALA B 233 11.50 12.59 -3.04
CA ALA B 233 12.13 12.91 -4.31
C ALA B 233 11.12 13.21 -5.40
N SER B 234 9.85 12.92 -5.14
CA SER B 234 8.78 13.21 -6.09
C SER B 234 8.47 14.70 -6.11
N GLU B 235 8.93 15.42 -5.14
CA GLU B 235 8.61 16.80 -5.00
C GLU B 235 9.85 17.66 -4.71
N ALA B 236 10.89 17.06 -4.14
CA ALA B 236 12.10 17.80 -3.80
C ALA B 236 12.91 18.17 -5.03
N SER B 237 13.73 19.21 -4.88
CA SER B 237 14.70 19.57 -5.91
C SER B 237 15.61 18.37 -6.11
N SER B 238 16.00 17.77 -4.98
CA SER B 238 16.80 16.55 -4.98
C SER B 238 16.90 16.04 -3.54
N THR B 239 17.19 14.76 -3.39
CA THR B 239 17.34 14.18 -2.06
C THR B 239 18.77 13.71 -1.87
N THR B 240 19.22 13.72 -0.62
CA THR B 240 20.51 13.18 -0.25
C THR B 240 20.34 12.12 0.83
N SER B 241 20.74 10.89 0.52
CA SER B 241 20.58 9.78 1.45
C SER B 241 21.93 9.33 2.00
N VAL B 242 21.97 9.11 3.32
CA VAL B 242 23.21 8.68 3.97
C VAL B 242 22.96 7.46 4.85
N ASP B 243 23.63 6.36 4.53
CA ASP B 243 23.55 5.17 5.37
C ASP B 243 24.92 4.50 5.45
N LEU B 244 25.21 3.90 6.59
CA LEU B 244 26.47 3.20 6.82
C LEU B 244 26.66 1.97 5.93
N ALA B 245 25.58 1.21 5.75
CA ALA B 245 25.65 -0.09 5.09
C ALA B 245 25.85 0.02 3.59
N ASN B 246 26.87 -0.66 3.07
CA ASN B 246 27.16 -0.64 1.64
C ASN B 246 25.96 -1.05 0.80
N ARG B 247 25.20 -2.01 1.31
CA ARG B 247 24.06 -2.57 0.59
C ARG B 247 23.05 -1.47 0.33
N SER B 248 22.99 -0.51 1.24
CA SER B 248 21.97 0.52 1.22
C SER B 248 21.87 1.25 -0.12
N ARG B 249 23.02 1.48 -0.75
CA ARG B 249 23.04 2.20 -2.02
C ARG B 249 22.22 1.50 -3.09
N SER B 250 22.54 0.22 -3.33
CA SER B 250 21.81 -0.57 -4.32
CA SER B 250 21.81 -0.55 -4.34
C SER B 250 20.31 -0.54 -4.04
N LEU B 251 19.94 -0.94 -2.83
CA LEU B 251 18.54 -0.99 -2.44
C LEU B 251 17.86 0.36 -2.67
N THR B 252 18.56 1.43 -2.32
CA THR B 252 18.03 2.78 -2.48
C THR B 252 17.88 3.14 -3.95
N GLU B 253 18.88 2.79 -4.75
CA GLU B 253 18.82 3.04 -6.19
C GLU B 253 17.61 2.32 -6.79
N GLU B 254 17.44 1.04 -6.45
CA GLU B 254 16.31 0.26 -6.93
C GLU B 254 14.97 0.94 -6.62
N ASN B 255 14.82 1.43 -5.39
CA ASN B 255 13.58 2.08 -4.98
C ASN B 255 13.27 3.34 -5.77
N PHE B 256 14.30 4.11 -6.08
CA PHE B 256 14.14 5.27 -6.96
C PHE B 256 13.61 4.81 -8.31
N GLY B 257 14.23 3.78 -8.85
CA GLY B 257 13.84 3.23 -10.15
C GLY B 257 12.39 2.80 -10.23
N LEU B 258 11.89 2.19 -9.16
CA LEU B 258 10.49 1.75 -9.10
C LEU B 258 9.53 2.92 -9.27
N ASN B 259 10.01 4.12 -8.94
CA ASN B 259 9.17 5.31 -9.01
C ASN B 259 9.55 6.25 -10.14
N ALA B 260 10.16 5.75 -11.19
CA ALA B 260 10.52 6.54 -12.34
C ALA B 260 11.39 7.69 -11.98
N ILE B 261 12.33 7.42 -11.11
CA ILE B 261 13.29 8.45 -10.71
C ILE B 261 14.70 8.01 -11.02
N ASP B 262 15.42 8.79 -11.77
CA ASP B 262 16.79 8.48 -12.04
C ASP B 262 17.64 8.69 -10.85
N PRO B 263 18.25 7.64 -10.37
CA PRO B 263 19.13 7.63 -9.25
C PRO B 263 20.19 8.60 -9.39
N LYS B 264 20.51 8.89 -10.62
CA LYS B 264 21.61 9.81 -10.88
C LYS B 264 21.23 11.26 -10.60
N SER B 265 19.94 11.53 -10.49
CA SER B 265 19.46 12.87 -10.16
C SER B 265 19.39 13.06 -8.64
N GLN B 266 19.83 12.04 -7.90
CA GLN B 266 19.81 12.08 -6.44
C GLN B 266 21.20 11.76 -5.91
N TYR B 267 21.44 12.02 -4.65
CA TYR B 267 22.69 11.74 -4.02
C TYR B 267 22.58 10.64 -2.99
N ILE B 268 23.50 9.71 -3.05
CA ILE B 268 23.49 8.58 -2.13
C ILE B 268 24.90 8.32 -1.64
N TYR B 269 25.10 8.41 -0.37
CA TYR B 269 26.37 8.21 0.21
C TYR B 269 26.35 6.99 1.12
N VAL B 270 27.42 6.20 1.05
CA VAL B 270 27.70 5.17 2.03
C VAL B 270 28.59 5.79 3.10
N MET B 271 28.03 6.64 3.94
CA MET B 271 28.82 7.34 4.93
C MET B 271 28.22 7.23 6.33
N ASP B 272 29.07 7.10 7.33
CA ASP B 272 28.61 7.16 8.70
C ASP B 272 28.07 8.56 8.88
N THR B 273 26.90 8.67 9.51
CA THR B 273 26.25 9.96 9.63
C THR B 273 27.14 11.04 10.21
N PHE B 274 27.96 10.66 11.20
CA PHE B 274 28.79 11.64 11.89
C PHE B 274 29.99 12.08 11.06
N ASP B 275 30.36 11.25 10.08
CA ASP B 275 31.39 11.62 9.13
C ASP B 275 30.78 12.50 8.04
N PHE B 276 29.54 12.22 7.68
CA PHE B 276 28.85 13.04 6.69
C PHE B 276 28.67 14.48 7.18
N TYR B 277 28.39 14.62 8.48
CA TYR B 277 28.25 15.94 9.08
C TYR B 277 29.49 16.78 8.81
N LYS B 278 30.67 16.22 8.95
CA LYS B 278 31.91 16.88 8.64
C LYS B 278 32.12 17.20 7.18
N TYR B 279 31.97 16.21 6.33
CA TYR B 279 32.11 16.37 4.90
C TYR B 279 31.21 17.41 4.41
N ALA B 280 29.97 17.27 4.76
CA ALA B 280 28.99 18.24 4.29
C ALA B 280 29.29 19.64 4.81
N ALA B 281 29.90 19.78 5.95
CA ALA B 281 30.16 21.05 6.54
C ALA B 281 31.26 21.79 5.82
N ARG B 282 32.31 21.11 5.48
CA ARG B 282 33.41 21.73 4.87
C ARG B 282 33.30 21.89 3.40
N HIS B 283 32.41 21.19 2.78
CA HIS B 283 32.04 21.59 1.46
C HIS B 283 30.93 22.59 1.40
N GLY B 284 30.51 23.03 2.55
CA GLY B 284 29.54 24.10 2.66
C GLY B 284 28.13 23.70 2.22
N HIS B 285 27.78 22.46 2.32
CA HIS B 285 26.44 22.09 1.99
C HIS B 285 25.45 22.46 3.00
N SER B 286 24.23 22.56 2.54
CA SER B 286 23.12 22.76 3.38
C SER B 286 21.83 22.21 2.88
N TYR B 287 20.95 21.91 3.82
CA TYR B 287 19.70 21.28 3.42
C TYR B 287 18.51 21.95 4.08
N ASP B 288 17.37 21.92 3.39
CA ASP B 288 16.18 22.60 3.84
C ASP B 288 15.37 21.72 4.79
N THR B 289 15.49 20.41 4.61
CA THR B 289 14.88 19.45 5.51
C THR B 289 15.87 18.34 5.80
N ILE B 290 16.14 18.11 7.08
CA ILE B 290 17.03 17.03 7.48
C ILE B 290 16.25 16.00 8.28
N VAL B 291 16.14 14.79 7.72
CA VAL B 291 15.45 13.69 8.37
C VAL B 291 16.44 12.82 9.11
N ILE B 292 16.17 12.59 10.39
CA ILE B 292 17.01 11.75 11.22
C ILE B 292 16.19 10.64 11.88
N ASP B 293 16.52 9.40 11.56
CA ASP B 293 15.79 8.26 12.09
C ASP B 293 16.74 7.11 12.36
N PRO B 294 17.52 7.21 13.45
CA PRO B 294 18.58 6.25 13.76
C PRO B 294 18.07 5.02 14.50
N PRO B 295 18.86 3.94 14.50
CA PRO B 295 18.58 2.77 15.33
C PRO B 295 18.80 3.15 16.79
N SER B 296 18.12 2.47 17.71
CA SER B 296 18.23 2.80 19.12
C SER B 296 19.66 2.69 19.61
N PHE B 297 20.42 1.77 19.06
CA PHE B 297 21.83 1.62 19.35
C PHE B 297 22.64 1.20 18.17
N ALA B 298 23.89 1.65 18.13
CA ALA B 298 24.78 1.31 17.01
C ALA B 298 26.24 1.48 17.38
N ARG B 299 27.09 0.67 16.75
CA ARG B 299 28.53 0.76 16.92
C ARG B 299 29.25 0.78 15.57
N ASN B 300 30.15 1.72 15.39
CA ASN B 300 30.99 1.77 14.19
C ASN B 300 32.38 2.27 14.53
N LYS B 301 33.39 1.69 13.93
CA LYS B 301 34.72 2.04 14.19
C LYS B 301 34.84 2.16 15.74
N LYS B 302 35.24 3.32 16.24
CA LYS B 302 35.41 3.57 17.62
C LYS B 302 34.24 4.25 18.29
N ARG B 303 33.24 4.57 17.49
CA ARG B 303 32.03 5.27 17.91
C ARG B 303 30.96 4.33 18.44
N THR B 304 30.28 4.76 19.49
CA THR B 304 29.08 4.07 19.96
C THR B 304 27.94 5.08 20.06
N PHE B 305 26.78 4.70 19.54
CA PHE B 305 25.61 5.58 19.55
C PHE B 305 24.46 4.96 20.32
N SER B 306 24.03 5.65 21.35
CA SER B 306 22.79 5.35 22.02
C SER B 306 21.81 6.47 21.88
N VAL B 307 20.59 6.14 21.48
CA VAL B 307 19.64 7.18 21.16
C VAL B 307 19.39 8.07 22.38
N GLN B 308 19.32 7.45 23.55
CA GLN B 308 19.05 8.18 24.78
C GLN B 308 20.13 9.20 25.16
N LYS B 309 21.40 8.82 25.00
CA LYS B 309 22.50 9.68 25.43
C LYS B 309 23.15 10.54 24.34
N ASP B 310 22.86 10.26 23.07
CA ASP B 310 23.56 10.87 21.99
C ASP B 310 22.75 11.60 20.94
N TYR B 311 21.50 11.86 21.22
CA TYR B 311 20.67 12.57 20.24
C TYR B 311 21.07 14.04 20.11
N ASP B 312 21.65 14.60 21.16
CA ASP B 312 22.13 15.98 21.08
C ASP B 312 23.22 16.13 20.01
N LYS B 313 24.06 15.10 19.86
CA LYS B 313 25.11 15.07 18.84
C LYS B 313 24.54 15.09 17.42
N LEU B 314 23.47 14.32 17.21
CA LEU B 314 22.80 14.26 15.91
C LEU B 314 22.16 15.60 15.58
N ILE B 315 21.59 16.24 16.58
CA ILE B 315 20.91 17.52 16.39
C ILE B 315 21.91 18.64 16.14
N ASN B 316 23.01 18.63 16.87
CA ASN B 316 24.04 19.64 16.70
C ASN B 316 24.70 19.57 15.32
N GLY B 317 25.04 18.36 14.90
CA GLY B 317 25.63 18.15 13.58
C GLY B 317 24.68 18.60 12.48
N ALA B 318 23.40 18.31 12.64
CA ALA B 318 22.40 18.68 11.65
C ALA B 318 22.28 20.20 11.49
N LEU B 319 22.35 20.92 12.57
CA LEU B 319 22.13 22.31 12.54
C LEU B 319 23.21 23.02 11.79
N ASN B 320 24.39 22.43 11.83
CA ASN B 320 25.54 22.97 11.11
C ASN B 320 25.41 22.92 9.57
N ILE B 321 24.53 22.04 9.08
CA ILE B 321 24.32 21.94 7.63
C ILE B 321 22.86 22.16 7.26
N LEU B 322 22.13 22.85 8.13
CA LEU B 322 20.75 23.21 7.84
C LEU B 322 20.69 24.65 7.33
N SER B 323 19.86 24.88 6.38
CA SER B 323 19.63 26.15 5.83
C SER B 323 19.15 27.08 6.87
N SER B 324 19.06 28.35 6.52
CA SER B 324 18.71 29.36 7.48
C SER B 324 17.33 29.17 8.02
N GLU B 325 16.46 28.65 7.23
CA GLU B 325 15.08 28.57 7.55
C GLU B 325 14.50 27.12 7.48
N GLY B 326 15.28 26.17 7.94
CA GLY B 326 15.14 24.74 7.75
C GLY B 326 14.21 23.98 8.69
N THR B 327 13.92 22.73 8.32
CA THR B 327 13.09 21.86 9.13
C THR B 327 13.84 20.59 9.52
N LEU B 328 13.80 20.27 10.80
CA LEU B 328 14.35 19.01 11.28
C LEU B 328 13.23 18.01 11.50
N LEU B 329 13.36 16.82 10.91
CA LEU B 329 12.45 15.73 11.21
C LEU B 329 13.19 14.75 12.11
N LEU B 330 12.91 14.81 13.40
CA LEU B 330 13.63 14.02 14.38
C LEU B 330 12.80 12.83 14.83
N CYS B 331 13.33 11.62 14.61
CA CYS B 331 12.58 10.40 14.88
C CYS B 331 13.32 9.44 15.79
N THR B 332 12.54 8.57 16.46
CA THR B 332 13.08 7.44 17.18
C THR B 332 11.99 6.39 17.34
N ASN B 333 12.36 5.14 17.17
CA ASN B 333 11.57 3.96 17.36
C ASN B 333 11.76 3.24 18.71
N ALA B 334 12.54 3.83 19.58
CA ALA B 334 12.96 3.18 20.82
C ALA B 334 11.88 3.22 21.90
N SER B 335 11.40 2.05 22.31
CA SER B 335 10.34 1.96 23.29
C SER B 335 10.77 2.47 24.67
N VAL B 336 12.04 2.37 24.96
CA VAL B 336 12.56 2.79 26.20
C VAL B 336 12.84 4.25 26.28
N TYR B 337 12.61 4.92 25.17
CA TYR B 337 12.81 6.36 25.06
C TYR B 337 11.47 7.07 24.93
N PRO B 338 10.85 7.40 26.06
CA PRO B 338 9.52 8.01 26.04
C PRO B 338 9.50 9.35 25.32
N LEU B 339 8.33 9.73 24.81
CA LEU B 339 8.19 11.00 24.11
C LEU B 339 8.65 12.16 24.99
N LYS B 340 8.26 12.19 26.25
CA LYS B 340 8.60 13.22 27.21
C LYS B 340 10.05 13.50 27.24
N GLN B 341 10.83 12.46 27.41
CA GLN B 341 12.25 12.54 27.48
C GLN B 341 12.88 12.95 26.14
N PHE B 342 12.35 12.45 25.03
CA PHE B 342 12.82 12.79 23.69
C PHE B 342 12.65 14.28 23.42
N LYS B 343 11.46 14.80 23.70
CA LYS B 343 11.16 16.21 23.49
C LYS B 343 12.08 17.06 24.36
N ASN B 344 12.33 16.61 25.59
CA ASN B 344 13.22 17.32 26.50
C ASN B 344 14.65 17.40 25.95
N THR B 345 15.11 16.31 25.33
CA THR B 345 16.44 16.28 24.75
C THR B 345 16.51 17.25 23.59
N ILE B 346 15.44 17.30 22.81
CA ILE B 346 15.36 18.19 21.66
C ILE B 346 15.32 19.65 22.07
N LYS B 347 14.35 20.04 22.87
CA LYS B 347 14.23 21.39 23.32
C LYS B 347 15.51 21.95 23.93
N LYS B 348 16.08 21.21 24.87
CA LYS B 348 17.26 21.64 25.60
C LYS B 348 18.44 21.82 24.64
N THR B 349 18.58 20.88 23.71
CA THR B 349 19.64 20.95 22.72
C THR B 349 19.44 22.18 21.83
N LEU B 350 18.20 22.44 21.45
CA LEU B 350 17.89 23.58 20.60
C LEU B 350 17.98 24.89 21.36
N GLU B 351 17.68 24.90 22.64
CA GLU B 351 17.81 26.09 23.46
C GLU B 351 19.28 26.39 23.66
N GLU B 352 20.10 25.40 23.91
CA GLU B 352 21.50 25.56 24.10
C GLU B 352 22.25 25.96 22.87
N SER B 353 21.60 25.75 21.74
CA SER B 353 22.18 26.09 20.48
C SER B 353 21.95 27.51 20.13
N GLY B 354 20.95 28.08 20.74
CA GLY B 354 20.69 29.50 20.57
C GLY B 354 19.80 29.84 19.38
N VAL B 355 19.34 28.83 18.69
CA VAL B 355 18.50 29.06 17.59
C VAL B 355 17.07 29.26 17.85
N ASP B 356 16.35 29.65 16.86
CA ASP B 356 14.96 29.74 17.01
C ASP B 356 14.33 28.49 16.52
N TYR B 357 13.36 28.06 17.28
CA TYR B 357 12.69 26.81 17.14
C TYR B 357 11.24 26.70 17.45
N GLU B 358 10.62 25.85 16.68
CA GLU B 358 9.27 25.47 16.96
C GLU B 358 8.93 24.03 16.61
N LEU B 359 8.38 23.29 17.57
CA LEU B 359 7.85 21.96 17.29
C LEU B 359 6.49 22.11 16.62
N THR B 360 6.50 22.13 15.28
CA THR B 360 5.27 22.26 14.52
C THR B 360 4.36 21.05 14.71
N GLU B 361 4.93 19.84 14.69
CA GLU B 361 4.10 18.65 14.78
C GLU B 361 4.79 17.46 15.46
N VAL B 362 4.03 16.76 16.28
CA VAL B 362 4.50 15.53 16.91
C VAL B 362 3.64 14.39 16.39
N MET B 363 4.27 13.34 15.86
CA MET B 363 3.52 12.20 15.37
C MET B 363 3.91 10.91 16.08
N GLY B 364 2.92 10.06 16.33
CA GLY B 364 3.15 8.74 16.89
C GLY B 364 2.80 7.65 15.90
N LEU B 365 2.49 6.46 16.41
CA LEU B 365 2.14 5.33 15.55
C LEU B 365 0.83 5.57 14.80
N PRO B 366 0.77 5.16 13.52
CA PRO B 366 -0.43 5.27 12.70
C PRO B 366 -1.51 4.26 13.10
N LYS B 367 -2.67 4.29 12.53
CA LYS B 367 -3.80 3.58 13.01
C LYS B 367 -3.68 2.08 12.81
N ASP B 368 -2.89 1.64 11.87
CA ASP B 368 -2.66 0.20 11.69
C ASP B 368 -1.68 -0.36 12.73
N PHE B 369 -1.01 0.53 13.45
CA PHE B 369 -0.19 0.13 14.59
C PHE B 369 -0.89 0.50 15.88
N LYS B 370 -2.01 -0.13 16.17
CA LYS B 370 -2.81 0.10 17.33
C LYS B 370 -2.04 -0.04 18.60
N THR B 371 -2.12 0.98 19.40
CA THR B 371 -1.37 0.91 20.64
C THR B 371 -2.26 0.51 21.81
N HIS B 372 -1.65 0.21 22.95
CA HIS B 372 -2.40 -0.12 24.14
C HIS B 372 -2.45 1.09 25.07
N PRO B 373 -3.68 1.55 25.39
CA PRO B 373 -3.91 2.73 26.22
C PRO B 373 -3.39 2.64 27.65
N HIS B 374 -3.02 1.43 28.09
CA HIS B 374 -2.53 1.27 29.45
C HIS B 374 -1.09 0.78 29.48
N TYR B 375 -0.42 0.84 28.34
CA TYR B 375 0.97 0.44 28.24
C TYR B 375 1.73 1.34 27.27
N LYS B 376 2.05 2.55 27.72
CA LYS B 376 2.74 3.50 26.89
C LYS B 376 3.96 2.92 26.13
N PRO B 377 4.86 2.11 26.74
CA PRO B 377 5.93 1.65 25.85
C PRO B 377 5.43 1.14 24.50
N SER B 378 4.14 0.80 24.41
CA SER B 378 3.58 0.36 23.13
C SER B 378 3.57 1.51 22.12
N LYS B 379 3.52 2.74 22.62
CA LYS B 379 3.62 3.93 21.77
C LYS B 379 5.09 4.27 21.59
N TYR B 380 5.80 3.48 20.78
CA TYR B 380 7.24 3.58 20.70
C TYR B 380 7.75 4.50 19.60
N LEU B 381 6.88 4.91 18.68
CA LEU B 381 7.30 5.80 17.60
C LEU B 381 7.12 7.26 17.97
N LYS B 382 8.21 8.02 17.86
CA LYS B 382 8.15 9.47 17.98
C LYS B 382 8.76 10.12 16.75
N ALA B 383 8.00 10.99 16.10
CA ALA B 383 8.48 11.74 14.95
C ALA B 383 8.15 13.21 15.18
N VAL B 384 9.19 14.02 15.36
CA VAL B 384 9.00 15.41 15.74
C VAL B 384 9.49 16.36 14.66
N PHE B 385 8.57 17.12 14.07
CA PHE B 385 8.90 18.14 13.07
C PHE B 385 9.23 19.46 13.75
N VAL B 386 10.45 19.95 13.55
CA VAL B 386 10.87 21.21 14.15
C VAL B 386 11.35 22.19 13.09
N ASN B 387 10.65 23.32 12.98
CA ASN B 387 11.10 24.40 12.10
C ASN B 387 12.20 25.23 12.78
N ILE B 388 13.21 25.61 12.01
CA ILE B 388 14.39 26.28 12.56
C ILE B 388 14.71 27.57 11.83
N ARG B 389 15.04 28.60 12.60
CA ARG B 389 15.63 29.80 12.05
C ARG B 389 16.96 30.03 12.75
N HIS B 390 18.04 30.16 11.97
CA HIS B 390 19.34 30.46 12.56
C HIS B 390 20.25 31.18 11.58
N LEU B 391 21.36 31.64 12.11
CA LEU B 391 22.40 32.34 11.40
C LEU B 391 23.21 31.44 10.48
N GLU B 392 23.11 31.58 9.17
CA GLU B 392 24.02 30.86 8.31
C GLU B 392 25.27 31.66 8.61
N HIS B 393 26.32 30.93 8.83
CA HIS B 393 27.55 31.54 9.03
C HIS B 393 28.39 31.66 7.76
N HIS B 394 29.63 32.13 7.88
CA HIS B 394 30.47 32.30 6.70
C HIS B 394 31.08 30.98 6.23
N HIS B 395 30.86 30.65 4.97
CA HIS B 395 31.41 29.47 4.30
C HIS B 395 32.63 29.73 3.47
N LYS C 2 14.43 -52.16 14.60
CA LYS C 2 13.50 -52.13 13.56
C LYS C 2 14.14 -52.65 12.28
N ILE C 3 13.40 -53.52 11.61
CA ILE C 3 13.95 -54.25 10.48
C ILE C 3 13.10 -54.09 9.24
N ALA C 4 13.78 -53.79 8.14
CA ALA C 4 13.14 -53.84 6.83
C ALA C 4 13.74 -55.00 6.04
N THR C 5 12.89 -55.88 5.54
CA THR C 5 13.35 -57.05 4.80
C THR C 5 13.25 -56.80 3.31
N LEU C 6 14.35 -57.01 2.61
CA LEU C 6 14.42 -56.70 1.18
C LEU C 6 13.73 -57.76 0.32
N ASN C 7 13.13 -57.32 -0.78
CA ASN C 7 12.62 -58.25 -1.79
C ASN C 7 13.76 -59.11 -2.32
N LYS C 8 13.50 -60.35 -2.70
CA LYS C 8 14.51 -61.22 -3.26
C LYS C 8 15.03 -60.68 -4.56
N GLY C 9 16.33 -60.73 -4.69
CA GLY C 9 16.98 -60.23 -5.89
C GLY C 9 17.32 -58.75 -5.79
N LYS C 10 17.01 -58.12 -4.69
CA LYS C 10 17.35 -56.73 -4.59
C LYS C 10 18.38 -56.57 -3.48
N GLU C 11 18.88 -57.68 -2.96
CA GLU C 11 19.96 -57.73 -2.07
C GLU C 11 21.27 -57.12 -2.57
N THR C 12 21.61 -57.51 -3.76
CA THR C 12 22.93 -57.23 -4.34
C THR C 12 23.26 -55.75 -4.38
N LYS C 13 22.31 -54.94 -4.83
CA LYS C 13 22.56 -53.51 -5.00
C LYS C 13 22.95 -52.86 -3.68
N TYR C 14 22.28 -53.27 -2.60
CA TYR C 14 22.56 -52.72 -1.28
C TYR C 14 23.82 -53.33 -0.67
N PHE C 15 24.04 -54.61 -0.94
CA PHE C 15 25.28 -55.25 -0.53
C PHE C 15 26.46 -54.51 -1.15
N ASN C 16 26.26 -53.99 -2.36
CA ASN C 16 27.34 -53.36 -3.10
C ASN C 16 27.47 -51.85 -2.89
N GLY C 17 26.71 -51.31 -1.95
CA GLY C 17 26.92 -49.94 -1.51
C GLY C 17 25.85 -48.91 -1.85
N TYR C 18 24.82 -49.31 -2.58
CA TYR C 18 23.75 -48.37 -2.92
C TYR C 18 23.17 -47.82 -1.64
N PRO C 19 23.26 -46.49 -1.45
CA PRO C 19 22.98 -45.84 -0.17
C PRO C 19 21.52 -45.41 0.04
N LEU C 20 20.73 -45.40 -1.04
CA LEU C 20 19.35 -44.94 -0.95
C LEU C 20 18.38 -46.11 -0.84
N ILE C 21 17.77 -46.28 0.32
CA ILE C 21 16.80 -47.35 0.52
C ILE C 21 15.51 -47.01 -0.21
N GLU C 22 15.14 -47.81 -1.14
CA GLU C 22 13.93 -47.62 -1.84
C GLU C 22 12.81 -48.55 -1.35
N GLU C 23 11.62 -47.99 -1.13
CA GLU C 23 10.50 -48.77 -0.60
C GLU C 23 10.03 -49.85 -1.47
N GLU C 24 10.19 -49.68 -2.77
CA GLU C 24 9.81 -50.69 -3.74
C GLU C 24 10.63 -51.92 -3.42
N ASP C 25 11.82 -51.72 -2.86
CA ASP C 25 12.71 -52.86 -2.68
C ASP C 25 12.42 -53.61 -1.39
N ILE C 26 11.51 -53.13 -0.61
CA ILE C 26 11.23 -53.74 0.65
C ILE C 26 9.99 -54.62 0.65
N TYR C 27 10.22 -55.88 1.00
CA TYR C 27 9.16 -56.88 1.04
C TYR C 27 8.28 -56.71 2.27
N SER C 28 8.93 -56.53 3.42
CA SER C 28 8.21 -56.44 4.69
C SER C 28 9.01 -55.58 5.65
N GLN C 29 8.33 -54.93 6.59
CA GLN C 29 9.02 -54.04 7.51
C GLN C 29 8.24 -53.78 8.80
N ASP C 30 8.96 -53.56 9.89
CA ASP C 30 8.38 -53.04 11.12
C ASP C 30 7.84 -51.63 10.86
N HIS C 31 7.28 -51.02 11.86
CA HIS C 31 6.68 -49.74 11.67
C HIS C 31 7.77 -48.73 11.70
N LEU C 32 7.97 -48.11 10.57
CA LEU C 32 9.07 -47.17 10.44
C LEU C 32 8.59 -45.71 10.46
N LYS C 33 9.04 -45.00 11.43
CA LYS C 33 8.75 -43.63 11.50
C LYS C 33 9.93 -42.69 11.17
N GLU C 34 9.60 -41.53 10.61
CA GLU C 34 10.62 -40.57 10.24
C GLU C 34 11.62 -40.41 11.38
N GLY C 35 12.91 -40.47 11.06
CA GLY C 35 13.94 -40.31 12.07
C GLY C 35 14.41 -41.61 12.67
N ASP C 36 13.60 -42.66 12.53
CA ASP C 36 13.95 -43.99 13.05
C ASP C 36 15.24 -44.54 12.46
N ILE C 37 16.06 -45.13 13.33
CA ILE C 37 17.17 -45.95 12.87
C ILE C 37 16.64 -47.37 12.68
N PHE C 38 16.98 -48.00 11.56
CA PHE C 38 16.52 -49.36 11.29
C PHE C 38 17.55 -50.14 10.50
N GLN C 39 17.39 -51.42 10.41
CA GLN C 39 18.21 -52.29 9.66
C GLN C 39 17.59 -52.84 8.41
N ILE C 40 18.41 -53.02 7.44
CA ILE C 40 18.06 -53.75 6.29
C ILE C 40 18.58 -55.09 6.27
N VAL C 41 17.72 -56.05 5.95
CA VAL C 41 18.17 -57.43 5.95
C VAL C 41 17.61 -58.16 4.74
N THR C 42 18.27 -59.24 4.36
CA THR C 42 17.81 -60.06 3.24
C THR C 42 16.63 -60.89 3.72
N ASP C 43 16.17 -61.65 2.72
CA ASP C 43 14.99 -62.51 2.86
C ASP C 43 15.29 -63.55 3.93
N LYS C 44 16.55 -63.75 4.05
CA LYS C 44 17.02 -64.78 4.87
C LYS C 44 17.65 -64.33 6.15
N SER C 45 17.41 -63.14 6.53
CA SER C 45 17.84 -62.65 7.80
C SER C 45 19.27 -62.19 7.88
N GLN C 46 19.91 -62.04 6.74
CA GLN C 46 21.29 -61.57 6.79
C GLN C 46 21.29 -60.05 6.87
N TYR C 47 21.97 -59.52 7.88
CA TYR C 47 22.12 -58.07 8.02
C TYR C 47 22.82 -57.48 6.80
N VAL C 48 22.33 -56.33 6.35
CA VAL C 48 22.90 -55.67 5.18
C VAL C 48 23.47 -54.32 5.55
N ALA C 49 22.66 -53.52 6.23
CA ALA C 49 23.10 -52.17 6.59
C ALA C 49 22.17 -51.55 7.61
N THR C 50 22.62 -50.45 8.20
CA THR C 50 21.81 -49.65 9.11
C THR C 50 21.49 -48.34 8.41
N ALA C 51 20.23 -47.93 8.49
CA ALA C 51 19.77 -46.71 7.83
C ALA C 51 18.89 -45.88 8.74
N TYR C 52 18.60 -44.65 8.33
CA TYR C 52 17.65 -43.82 9.05
C TYR C 52 16.48 -43.50 8.13
N VAL C 53 15.30 -43.33 8.73
CA VAL C 53 14.10 -43.03 7.98
C VAL C 53 14.02 -41.54 7.68
N GLY C 54 14.05 -41.22 6.38
CA GLY C 54 13.86 -39.86 5.89
C GLY C 54 13.10 -39.89 4.58
N ARG C 55 11.78 -40.09 4.64
CA ARG C 55 11.01 -40.36 3.44
C ARG C 55 11.01 -39.22 2.42
N GLN C 56 11.34 -39.59 1.19
CA GLN C 56 11.21 -38.73 0.02
C GLN C 56 10.54 -39.61 -1.01
N HIS C 57 9.86 -39.02 -2.00
CA HIS C 57 9.08 -39.85 -2.90
C HIS C 57 10.02 -40.82 -3.55
N LYS C 58 9.64 -42.09 -3.50
CA LYS C 58 10.43 -43.17 -4.09
C LYS C 58 11.63 -43.55 -3.20
N GLY C 59 11.72 -42.93 -2.03
CA GLY C 59 12.84 -43.19 -1.14
C GLY C 59 12.37 -43.32 0.30
N LEU C 60 12.88 -44.34 0.98
CA LEU C 60 12.54 -44.58 2.38
C LEU C 60 13.54 -43.88 3.31
N GLY C 61 14.82 -43.98 2.97
CA GLY C 61 15.87 -43.39 3.78
C GLY C 61 17.26 -43.65 3.22
N TRP C 62 18.28 -43.37 4.03
CA TRP C 62 19.67 -43.47 3.59
C TRP C 62 20.47 -44.40 4.49
N VAL C 63 21.36 -45.17 3.89
CA VAL C 63 22.28 -46.03 4.63
C VAL C 63 23.28 -45.16 5.39
N LEU C 64 23.58 -45.55 6.62
CA LEU C 64 24.50 -44.80 7.47
C LEU C 64 25.74 -45.59 7.82
N THR C 65 25.60 -46.91 7.97
CA THR C 65 26.73 -47.75 8.35
C THR C 65 26.47 -49.19 7.97
N TYR C 66 27.55 -49.95 7.79
CA TYR C 66 27.47 -51.37 7.49
C TYR C 66 27.94 -52.19 8.70
N ASP C 67 28.27 -51.47 9.77
CA ASP C 67 28.69 -52.09 11.02
C ASP C 67 27.49 -52.22 11.95
N LYS C 68 27.03 -53.42 12.13
CA LYS C 68 25.84 -53.69 12.90
C LYS C 68 25.93 -53.20 14.35
N ALA C 69 27.13 -53.06 14.85
CA ALA C 69 27.35 -52.63 16.23
C ALA C 69 27.56 -51.13 16.36
N GLN C 70 27.43 -50.40 15.29
CA GLN C 70 27.57 -48.96 15.29
C GLN C 70 26.30 -48.20 15.57
N GLU C 71 26.34 -47.51 16.67
CA GLU C 71 25.26 -46.69 17.13
C GLU C 71 25.28 -45.33 16.42
N ILE C 72 24.11 -44.82 16.05
CA ILE C 72 24.04 -43.50 15.43
C ILE C 72 23.97 -42.42 16.51
N ASN C 73 25.14 -41.95 16.93
CA ASN C 73 25.25 -40.96 17.98
C ASN C 73 26.31 -39.91 17.64
N THR C 74 26.61 -39.05 18.60
CA THR C 74 27.55 -37.96 18.39
C THR C 74 28.92 -38.49 17.97
N ALA C 75 29.32 -39.62 18.55
CA ALA C 75 30.60 -40.23 18.21
C ALA C 75 30.64 -40.69 16.75
N PHE C 76 29.53 -41.25 16.29
CA PHE C 76 29.39 -41.65 14.90
C PHE C 76 29.62 -40.47 13.98
N PHE C 77 28.94 -39.36 14.26
CA PHE C 77 29.05 -38.17 13.43
C PHE C 77 30.43 -37.52 13.51
N VAL C 78 31.05 -37.52 14.67
CA VAL C 78 32.41 -37.06 14.82
C VAL C 78 33.38 -37.75 13.91
N LYS C 79 33.16 -39.07 13.78
CA LYS C 79 33.97 -39.90 12.89
C LYS C 79 33.82 -39.52 11.43
N LEU C 80 32.57 -39.36 11.02
CA LEU C 80 32.27 -39.01 9.63
C LEU C 80 32.77 -37.61 9.31
N PHE C 81 32.59 -36.69 10.25
CA PHE C 81 33.01 -35.30 10.04
C PHE C 81 34.53 -35.18 9.99
N ASN C 82 35.22 -35.91 10.86
CA ASN C 82 36.68 -35.95 10.83
C ASN C 82 37.22 -36.51 9.51
N THR C 83 36.55 -37.51 8.96
CA THR C 83 36.96 -38.08 7.69
C THR C 83 36.68 -37.09 6.56
N ALA C 84 35.52 -36.44 6.63
CA ALA C 84 35.17 -35.42 5.65
C ALA C 84 36.21 -34.30 5.67
N LEU C 85 36.54 -33.84 6.88
CA LEU C 85 37.51 -32.75 7.06
C LEU C 85 38.87 -33.11 6.47
N ALA C 86 39.30 -34.36 6.68
CA ALA C 86 40.59 -34.81 6.17
C ALA C 86 40.61 -34.91 4.65
N GLU C 87 39.47 -35.21 4.06
CA GLU C 87 39.36 -35.33 2.61
C GLU C 87 39.68 -34.00 1.96
N ARG C 88 39.51 -32.93 2.74
CA ARG C 88 39.51 -31.57 2.20
C ARG C 88 40.72 -30.74 2.62
N ASP C 89 41.81 -31.42 2.91
CA ASP C 89 43.02 -30.78 3.42
C ASP C 89 43.49 -29.74 2.40
N TYR C 90 43.23 -30.05 1.13
CA TYR C 90 43.65 -29.25 -0.03
C TYR C 90 43.07 -27.86 0.03
N TYR C 91 41.83 -27.75 0.49
CA TYR C 91 41.14 -26.46 0.53
C TYR C 91 41.61 -25.57 1.69
N PHE C 92 42.32 -26.17 2.64
CA PHE C 92 42.88 -25.43 3.76
C PHE C 92 44.32 -25.00 3.51
N ASN C 93 44.91 -25.50 2.45
CA ASN C 93 46.26 -25.20 2.10
C ASN C 93 46.39 -24.47 0.81
N ILE C 94 45.31 -23.81 0.50
CA ILE C 94 45.25 -23.02 -0.73
C ILE C 94 44.97 -21.51 -0.55
N ASP C 95 45.83 -20.59 -1.19
CA ASP C 95 45.66 -19.17 -1.26
C ASP C 95 44.56 -18.94 -2.27
N GLY C 96 43.73 -17.97 -1.97
CA GLY C 96 42.76 -17.47 -2.93
C GLY C 96 41.35 -18.00 -2.74
N THR C 97 41.18 -18.97 -1.86
CA THR C 97 39.87 -19.53 -1.57
C THR C 97 39.63 -19.72 -0.07
N ASN C 98 38.53 -19.17 0.43
CA ASN C 98 38.15 -19.36 1.83
C ASN C 98 36.71 -19.83 1.99
N ALA C 99 36.09 -20.24 0.88
CA ALA C 99 34.73 -20.77 0.92
C ALA C 99 34.64 -22.08 0.14
N PHE C 100 34.17 -23.13 0.81
CA PHE C 100 34.06 -24.44 0.19
C PHE C 100 33.19 -25.36 1.03
N ARG C 101 32.81 -26.51 0.48
CA ARG C 101 31.94 -27.44 1.19
C ARG C 101 32.75 -28.39 2.07
N LEU C 102 32.29 -28.56 3.30
CA LEU C 102 32.94 -29.44 4.27
C LEU C 102 32.34 -30.85 4.26
N PHE C 103 31.06 -30.94 3.96
CA PHE C 103 30.35 -32.22 4.03
C PHE C 103 29.25 -32.25 2.96
N ASN C 104 29.33 -33.23 2.07
CA ASN C 104 28.40 -33.32 0.95
C ASN C 104 27.47 -34.53 0.97
N ALA C 105 26.59 -34.57 1.97
CA ALA C 105 25.52 -35.57 2.03
C ALA C 105 26.01 -37.01 1.86
N GLU C 106 25.36 -37.77 0.99
CA GLU C 106 25.64 -39.20 0.88
C GLU C 106 27.08 -39.49 0.44
N GLY C 107 27.68 -38.56 -0.27
CA GLY C 107 29.07 -38.69 -0.68
C GLY C 107 30.01 -38.76 0.52
N ASP C 108 29.61 -38.11 1.62
CA ASP C 108 30.42 -38.11 2.83
C ASP C 108 29.81 -38.96 3.95
N GLY C 109 28.74 -39.68 3.64
CA GLY C 109 28.23 -40.69 4.57
C GLY C 109 26.86 -40.46 5.16
N VAL C 110 26.25 -39.30 4.90
CA VAL C 110 24.91 -39.03 5.42
C VAL C 110 24.01 -38.32 4.40
N GLY C 111 23.22 -39.09 3.67
CA GLY C 111 22.26 -38.52 2.75
C GLY C 111 21.39 -37.50 3.46
N GLY C 112 21.07 -36.40 2.78
CA GLY C 112 20.16 -35.40 3.33
C GLY C 112 20.82 -34.37 4.23
N LEU C 113 22.14 -34.42 4.34
CA LEU C 113 22.86 -33.48 5.19
C LEU C 113 24.05 -32.83 4.47
N THR C 114 24.08 -31.50 4.41
CA THR C 114 25.24 -30.81 3.85
C THR C 114 25.76 -29.74 4.80
N ILE C 115 27.06 -29.48 4.73
CA ILE C 115 27.67 -28.43 5.54
C ILE C 115 28.66 -27.66 4.69
N ASP C 116 28.43 -26.35 4.57
CA ASP C 116 29.32 -25.49 3.80
C ASP C 116 30.09 -24.54 4.71
N ASN C 117 31.30 -24.21 4.30
CA ASN C 117 32.11 -23.25 5.03
C ASN C 117 32.25 -21.95 4.26
N TYR C 118 31.52 -20.93 4.68
CA TYR C 118 31.65 -19.61 4.06
C TYR C 118 32.56 -18.71 4.88
N ASP C 119 33.86 -18.89 4.70
CA ASP C 119 34.88 -18.13 5.43
C ASP C 119 34.62 -18.08 6.94
N GLY C 120 34.39 -19.25 7.54
CA GLY C 120 34.20 -19.33 8.98
C GLY C 120 32.76 -19.46 9.42
N HIS C 121 31.84 -19.01 8.58
CA HIS C 121 30.41 -19.13 8.87
C HIS C 121 29.81 -20.36 8.20
N LEU C 122 29.47 -21.36 8.99
CA LEU C 122 28.98 -22.62 8.47
C LEU C 122 27.50 -22.59 8.10
N LEU C 123 27.15 -23.22 6.99
CA LEU C 123 25.76 -23.38 6.60
C LEU C 123 25.38 -24.86 6.59
N ILE C 124 24.49 -25.25 7.50
CA ILE C 124 24.03 -26.63 7.57
C ILE C 124 22.65 -26.73 6.97
N GLN C 125 22.47 -27.67 6.05
CA GLN C 125 21.18 -27.85 5.41
C GLN C 125 20.61 -29.25 5.66
N TRP C 126 19.34 -29.29 6.05
CA TRP C 126 18.66 -30.54 6.38
C TRP C 126 17.60 -30.79 5.32
N TYR C 127 17.65 -31.95 4.67
CA TYR C 127 16.73 -32.22 3.56
C TYR C 127 15.55 -33.10 3.96
N SER C 128 15.45 -33.43 5.24
CA SER C 128 14.33 -34.21 5.74
C SER C 128 14.14 -34.02 7.24
N LYS C 129 12.91 -34.19 7.66
CA LYS C 129 12.54 -34.21 9.04
C LYS C 129 13.32 -35.29 9.77
N GLY C 130 13.50 -36.40 9.08
CA GLY C 130 14.21 -37.56 9.57
C GLY C 130 15.63 -37.26 10.03
N ILE C 131 16.38 -36.57 9.18
CA ILE C 131 17.76 -36.24 9.54
C ILE C 131 17.81 -35.08 10.53
N TYR C 132 16.77 -34.24 10.52
CA TYR C 132 16.69 -33.11 11.44
C TYR C 132 16.56 -33.62 12.88
N LYS C 133 15.97 -34.81 13.09
CA LYS C 133 15.92 -35.46 14.40
C LYS C 133 17.25 -35.59 15.06
N PHE C 134 18.27 -35.66 14.26
CA PHE C 134 19.60 -35.87 14.82
C PHE C 134 20.37 -34.57 14.99
N LYS C 135 19.67 -33.44 14.87
CA LYS C 135 20.29 -32.12 14.95
C LYS C 135 21.20 -31.98 16.19
N TYR C 136 20.75 -32.43 17.35
CA TYR C 136 21.50 -32.42 18.59
C TYR C 136 22.83 -33.08 18.50
N ALA C 137 22.76 -34.35 18.21
CA ALA C 137 23.98 -35.14 18.09
C ALA C 137 24.93 -34.53 17.07
N ILE C 138 24.38 -34.09 15.95
CA ILE C 138 25.20 -33.55 14.86
C ILE C 138 25.86 -32.24 15.24
N LEU C 139 25.18 -31.32 15.86
CA LEU C 139 25.78 -30.11 16.34
C LEU C 139 26.89 -30.27 17.30
N GLU C 140 26.74 -31.18 18.26
CA GLU C 140 27.78 -31.62 19.12
C GLU C 140 29.00 -32.09 18.38
N ALA C 141 28.79 -32.95 17.39
CA ALA C 141 29.87 -33.42 16.55
C ALA C 141 30.56 -32.24 15.87
N VAL C 142 29.76 -31.34 15.32
CA VAL C 142 30.29 -30.14 14.67
C VAL C 142 31.19 -29.35 15.61
N ARG C 143 30.72 -29.12 16.83
CA ARG C 143 31.50 -28.38 17.83
C ARG C 143 32.82 -29.07 18.14
N LYS C 144 32.82 -30.37 18.17
CA LYS C 144 33.99 -31.15 18.43
C LYS C 144 34.97 -31.28 17.31
N VAL C 145 34.48 -31.05 16.12
CA VAL C 145 35.31 -31.25 14.94
C VAL C 145 35.75 -29.96 14.23
N PHE C 146 34.81 -29.05 14.01
CA PHE C 146 35.12 -27.86 13.21
C PHE C 146 35.35 -26.59 14.03
N ASP C 147 36.27 -25.76 13.55
CA ASP C 147 36.38 -24.38 14.01
C ASP C 147 35.43 -23.54 13.19
N TYR C 148 34.90 -22.48 13.78
CA TYR C 148 33.96 -21.61 13.06
C TYR C 148 33.65 -20.33 13.80
N LYS C 149 33.04 -19.43 13.07
CA LYS C 149 32.65 -18.16 13.53
C LYS C 149 31.23 -18.17 13.94
N SER C 150 30.44 -18.83 13.15
CA SER C 150 29.02 -19.00 13.40
C SER C 150 28.44 -20.19 12.64
N ILE C 151 27.21 -20.56 12.98
CA ILE C 151 26.53 -21.64 12.31
C ILE C 151 25.14 -21.21 11.90
N TYR C 152 24.86 -21.32 10.61
CA TYR C 152 23.53 -21.06 10.07
C TYR C 152 22.95 -22.36 9.54
N GLU C 153 21.62 -22.45 9.47
CA GLU C 153 20.99 -23.69 9.00
C GLU C 153 19.82 -23.40 8.08
N LYS C 154 19.56 -24.32 7.16
CA LYS C 154 18.36 -24.25 6.35
C LYS C 154 17.57 -25.55 6.44
N VAL C 155 16.29 -25.42 6.76
CA VAL C 155 15.37 -26.55 6.76
C VAL C 155 14.71 -26.67 5.39
N ARG C 156 15.04 -27.75 4.68
CA ARG C 156 14.57 -27.90 3.31
C ARG C 156 13.70 -29.15 3.11
N PHE C 157 12.48 -29.04 3.58
CA PHE C 157 11.42 -29.95 3.27
C PHE C 157 10.04 -29.39 3.44
N SER C 163 13.09 -22.28 4.94
CA SER C 163 13.13 -21.95 6.35
C SER C 163 14.45 -22.14 7.14
N GLY C 164 14.66 -21.37 8.20
CA GLY C 164 15.91 -21.56 8.92
C GLY C 164 16.50 -20.25 9.41
N GLY C 165 17.81 -20.23 9.61
CA GLY C 165 18.49 -19.03 10.05
C GLY C 165 19.63 -19.32 11.01
N PHE C 166 19.98 -18.37 11.84
CA PHE C 166 21.03 -18.47 12.81
C PHE C 166 20.85 -19.56 13.79
N VAL C 167 21.92 -20.29 14.00
CA VAL C 167 21.87 -21.35 15.01
C VAL C 167 22.67 -20.98 16.26
N GLU C 168 23.93 -20.59 16.07
CA GLU C 168 24.77 -20.19 17.19
C GLU C 168 26.09 -19.59 16.73
N GLY C 169 26.85 -19.07 17.68
CA GLY C 169 28.13 -18.43 17.38
C GLY C 169 27.99 -16.93 17.34
N ASP C 170 28.77 -16.31 16.49
CA ASP C 170 28.78 -14.89 16.37
C ASP C 170 28.26 -14.39 15.02
N ALA C 171 27.02 -13.93 15.01
CA ALA C 171 26.36 -13.53 13.77
C ALA C 171 27.06 -12.35 13.11
N PRO C 172 27.40 -12.49 11.81
CA PRO C 172 27.98 -11.39 11.05
C PRO C 172 26.89 -10.53 10.43
N GLU C 173 27.22 -9.35 9.98
CA GLU C 173 26.36 -8.55 9.13
C GLU C 173 26.45 -9.03 7.71
N PHE C 174 25.31 -9.39 7.16
CA PHE C 174 25.29 -9.79 5.76
C PHE C 174 25.05 -8.56 4.89
N PRO C 175 25.60 -8.56 3.67
CA PRO C 175 26.34 -9.70 3.13
C PRO C 175 27.76 -9.76 3.62
N ILE C 176 28.32 -10.97 3.72
CA ILE C 176 29.74 -11.12 3.98
C ILE C 176 30.46 -11.34 2.67
N VAL C 177 31.74 -11.13 2.69
CA VAL C 177 32.52 -11.27 1.55
C VAL C 177 33.44 -12.48 1.58
N ILE C 178 33.34 -13.33 0.57
CA ILE C 178 34.17 -14.52 0.54
C ILE C 178 35.14 -14.42 -0.62
N GLU C 179 36.15 -15.28 -0.61
CA GLU C 179 37.11 -15.32 -1.70
C GLU C 179 37.13 -16.72 -2.28
N GLU C 180 37.19 -16.81 -3.61
CA GLU C 180 37.33 -18.09 -4.28
C GLU C 180 38.08 -17.85 -5.58
N ASN C 181 39.16 -18.59 -5.79
CA ASN C 181 40.02 -18.35 -6.94
C ASN C 181 40.48 -16.90 -6.98
N PHE C 182 40.82 -16.35 -5.82
CA PHE C 182 41.32 -14.98 -5.72
C PHE C 182 40.29 -13.96 -6.20
N THR C 183 39.02 -14.39 -6.24
CA THR C 183 37.94 -13.50 -6.65
C THR C 183 37.00 -13.33 -5.46
N PHE C 184 36.41 -12.14 -5.33
CA PHE C 184 35.56 -11.85 -4.19
C PHE C 184 34.07 -11.81 -4.53
N TYR C 185 33.25 -12.39 -3.67
CA TYR C 185 31.81 -12.47 -3.90
C TYR C 185 31.02 -12.14 -2.64
N ASN C 186 29.86 -11.53 -2.82
CA ASN C 186 28.93 -11.30 -1.73
C ASN C 186 28.16 -12.58 -1.39
N VAL C 187 27.96 -12.80 -0.09
CA VAL C 187 27.20 -13.97 0.35
C VAL C 187 26.28 -13.62 1.52
N ASP C 188 25.08 -14.19 1.48
CA ASP C 188 24.08 -13.98 2.52
C ASP C 188 23.52 -15.35 2.88
N LEU C 189 23.73 -15.76 4.13
CA LEU C 189 23.36 -17.11 4.55
C LEU C 189 21.93 -17.22 5.10
N GLU C 190 21.23 -16.09 5.15
CA GLU C 190 19.89 -16.09 5.72
C GLU C 190 18.88 -15.45 4.78
N ASP C 191 19.08 -15.61 3.48
CA ASP C 191 18.22 -14.99 2.49
C ASP C 191 17.63 -16.00 1.52
N GLY C 192 16.67 -16.79 2.00
CA GLY C 192 16.02 -17.78 1.16
C GLY C 192 16.87 -19.01 0.92
N LEU C 193 16.73 -19.68 -0.19
CA LEU C 193 17.44 -20.91 -0.46
C LEU C 193 18.81 -20.80 -1.04
N MET C 194 19.04 -19.68 -1.72
CA MET C 194 20.29 -19.38 -2.38
C MET C 194 21.12 -18.43 -1.52
N THR C 195 22.45 -18.57 -1.61
CA THR C 195 23.37 -17.83 -0.76
C THR C 195 24.12 -16.73 -1.51
N GLY C 196 23.97 -16.70 -2.84
CA GLY C 196 24.65 -15.72 -3.66
C GLY C 196 25.72 -16.34 -4.54
N ILE C 197 26.06 -17.59 -4.26
CA ILE C 197 27.03 -18.29 -5.10
C ILE C 197 26.84 -19.81 -5.04
N PHE C 198 27.14 -20.47 -6.16
CA PHE C 198 27.12 -21.91 -6.21
C PHE C 198 28.55 -22.42 -6.10
N LEU C 199 28.91 -22.86 -4.90
CA LEU C 199 30.26 -23.28 -4.60
C LEU C 199 30.74 -24.44 -5.47
N ASP C 200 29.80 -25.27 -5.93
CA ASP C 200 30.17 -26.46 -6.69
C ASP C 200 30.78 -26.16 -8.06
N GLN C 201 30.76 -24.90 -8.46
CA GLN C 201 31.30 -24.51 -9.76
C GLN C 201 32.68 -23.87 -9.67
N LYS C 202 33.34 -24.01 -8.52
CA LYS C 202 34.66 -23.43 -8.31
C LYS C 202 35.61 -23.69 -9.47
N GLU C 203 35.85 -24.95 -9.77
CA GLU C 203 36.80 -25.34 -10.82
C GLU C 203 36.31 -24.97 -12.22
N VAL C 204 35.00 -24.91 -12.41
CA VAL C 204 34.44 -24.48 -13.68
C VAL C 204 34.78 -23.01 -13.93
N ARG C 205 34.53 -22.18 -12.91
CA ARG C 205 34.85 -20.76 -12.99
C ARG C 205 36.35 -20.57 -13.25
N LYS C 206 37.21 -21.30 -12.58
CA LYS C 206 38.65 -21.25 -12.77
C LYS C 206 39.06 -21.57 -14.17
N LYS C 207 38.53 -22.66 -14.71
CA LYS C 207 38.88 -23.03 -16.07
C LYS C 207 38.39 -21.98 -17.06
N LEU C 208 37.22 -21.41 -16.80
CA LEU C 208 36.72 -20.40 -17.72
C LEU C 208 37.69 -19.23 -17.85
N ARG C 209 38.13 -18.69 -16.71
CA ARG C 209 39.04 -17.56 -16.70
C ARG C 209 40.40 -17.95 -17.27
N GLY C 210 40.86 -19.14 -16.91
CA GLY C 210 42.20 -19.58 -17.26
C GLY C 210 42.42 -19.90 -18.73
N GLN C 211 41.44 -20.42 -19.41
CA GLN C 211 41.62 -20.83 -20.75
C GLN C 211 40.62 -20.39 -21.76
N TYR C 212 39.52 -19.86 -21.30
CA TYR C 212 38.47 -19.47 -22.25
C TYR C 212 37.94 -18.05 -22.07
N ALA C 213 38.80 -17.14 -21.61
CA ALA C 213 38.37 -15.77 -21.33
C ALA C 213 39.28 -14.68 -21.88
N LYS C 214 40.60 -14.89 -21.85
CA LYS C 214 41.62 -13.87 -22.20
C LYS C 214 41.38 -13.21 -23.55
N GLU C 215 41.16 -11.90 -23.51
CA GLU C 215 40.94 -11.11 -24.72
C GLU C 215 39.71 -11.57 -25.50
N ARG C 216 38.77 -12.18 -24.79
CA ARG C 216 37.52 -12.64 -25.41
C ARG C 216 36.36 -11.77 -24.95
N HIS C 217 35.35 -11.64 -25.81
CA HIS C 217 34.07 -11.10 -25.39
C HIS C 217 33.26 -12.26 -24.83
N VAL C 218 33.06 -12.26 -23.53
CA VAL C 218 32.39 -13.38 -22.86
C VAL C 218 30.92 -13.08 -22.57
N LEU C 219 30.05 -14.00 -22.94
CA LEU C 219 28.63 -13.90 -22.70
C LEU C 219 28.22 -14.90 -21.62
N ASN C 220 27.53 -14.41 -20.59
CA ASN C 220 27.12 -15.25 -19.47
C ASN C 220 25.60 -15.25 -19.33
N LEU C 221 24.98 -16.38 -19.63
CA LEU C 221 23.53 -16.50 -19.67
C LEU C 221 22.99 -17.18 -18.42
N PHE C 222 21.89 -16.66 -17.89
CA PHE C 222 21.37 -17.13 -16.60
C PHE C 222 22.41 -16.79 -15.55
N SER C 223 22.83 -15.53 -15.54
CA SER C 223 24.01 -15.10 -14.77
C SER C 223 23.83 -15.13 -13.24
N TYR C 224 22.59 -15.04 -12.77
CA TYR C 224 22.40 -15.05 -11.33
C TYR C 224 23.13 -13.84 -10.78
N THR C 225 24.13 -14.08 -9.94
CA THR C 225 24.87 -12.98 -9.30
C THR C 225 26.15 -12.62 -10.07
N GLY C 226 26.30 -13.21 -11.26
CA GLY C 226 27.38 -12.85 -12.16
C GLY C 226 28.74 -13.45 -11.88
N ALA C 227 28.79 -14.50 -11.07
CA ALA C 227 30.06 -15.10 -10.68
C ALA C 227 30.96 -15.46 -11.87
N PHE C 228 30.37 -16.04 -12.91
CA PHE C 228 31.14 -16.38 -14.12
C PHE C 228 31.71 -15.14 -14.79
N SER C 229 30.90 -14.09 -14.88
CA SER C 229 31.34 -12.84 -15.51
C SER C 229 32.43 -12.15 -14.70
N VAL C 230 32.25 -12.13 -13.39
CA VAL C 230 33.17 -11.46 -12.49
C VAL C 230 34.59 -12.04 -12.57
N ILE C 231 34.70 -13.37 -12.56
CA ILE C 231 36.02 -13.98 -12.64
C ILE C 231 36.60 -13.90 -14.04
N ALA C 232 35.73 -13.90 -15.05
CA ALA C 232 36.17 -13.82 -16.44
C ALA C 232 36.65 -12.42 -16.83
N ALA C 233 36.08 -11.41 -16.19
CA ALA C 233 36.39 -10.02 -16.53
C ALA C 233 37.84 -9.65 -16.20
N SER C 234 38.54 -10.52 -15.54
CA SER C 234 39.91 -10.35 -15.21
C SER C 234 40.81 -10.47 -16.37
N GLU C 235 40.45 -11.30 -17.32
CA GLU C 235 41.18 -11.48 -18.57
C GLU C 235 40.40 -11.10 -19.85
N ALA C 236 39.07 -11.00 -19.78
CA ALA C 236 38.27 -10.78 -20.97
C ALA C 236 38.35 -9.35 -21.51
N SER C 237 38.16 -9.19 -22.78
CA SER C 237 37.98 -7.88 -23.34
C SER C 237 36.68 -7.25 -22.88
N SER C 238 35.70 -8.08 -22.63
CA SER C 238 34.45 -7.64 -22.03
C SER C 238 33.60 -8.83 -21.62
N THR C 239 32.63 -8.60 -20.77
CA THR C 239 31.66 -9.64 -20.41
C THR C 239 30.27 -9.06 -20.55
N THR C 240 29.32 -9.92 -20.85
CA THR C 240 27.91 -9.54 -20.90
C THR C 240 27.12 -10.54 -20.08
N SER C 241 26.35 -10.04 -19.12
CA SER C 241 25.59 -10.88 -18.21
C SER C 241 24.10 -10.73 -18.46
N VAL C 242 23.40 -11.85 -18.56
CA VAL C 242 21.97 -11.82 -18.82
C VAL C 242 21.21 -12.66 -17.81
N ASP C 243 20.31 -12.01 -17.08
CA ASP C 243 19.45 -12.72 -16.13
C ASP C 243 18.07 -12.08 -16.13
N LEU C 244 17.05 -12.87 -16.02
CA LEU C 244 15.73 -12.39 -16.00
C LEU C 244 15.30 -11.61 -14.79
N ALA C 245 15.85 -11.97 -13.66
CA ALA C 245 15.49 -11.32 -12.41
C ALA C 245 16.14 -9.94 -12.29
N ASN C 246 15.38 -8.91 -11.95
CA ASN C 246 15.87 -7.53 -11.77
C ASN C 246 16.91 -7.36 -10.69
N ARG C 247 16.77 -8.15 -9.64
CA ARG C 247 17.72 -8.09 -8.53
C ARG C 247 19.12 -8.51 -8.95
N SER C 248 19.22 -9.29 -10.02
CA SER C 248 20.51 -9.81 -10.47
C SER C 248 21.46 -8.70 -10.90
N ARG C 249 20.94 -7.60 -11.44
CA ARG C 249 21.82 -6.49 -11.88
C ARG C 249 22.62 -5.80 -10.75
N SER C 250 21.94 -5.49 -9.65
CA SER C 250 22.52 -4.98 -8.48
C SER C 250 23.50 -5.91 -7.88
N LEU C 251 23.12 -7.15 -7.69
CA LEU C 251 24.02 -8.13 -7.11
C LEU C 251 25.27 -8.30 -7.99
N THR C 252 25.05 -8.40 -9.29
CA THR C 252 26.16 -8.55 -10.22
C THR C 252 27.07 -7.33 -10.15
N GLU C 253 26.46 -6.14 -10.15
CA GLU C 253 27.23 -4.91 -10.06
C GLU C 253 28.07 -4.87 -8.78
N GLU C 254 27.50 -5.26 -7.67
CA GLU C 254 28.20 -5.31 -6.43
C GLU C 254 29.41 -6.20 -6.48
N ASN C 255 29.26 -7.40 -7.02
CA ASN C 255 30.37 -8.33 -7.16
C ASN C 255 31.51 -7.79 -8.02
N PHE C 256 31.17 -7.11 -9.11
CA PHE C 256 32.18 -6.45 -9.93
C PHE C 256 32.97 -5.44 -9.11
N GLY C 257 32.26 -4.67 -8.30
CA GLY C 257 32.87 -3.67 -7.44
C GLY C 257 33.83 -4.26 -6.43
N LEU C 258 33.48 -5.42 -5.90
CA LEU C 258 34.34 -6.11 -4.94
C LEU C 258 35.71 -6.39 -5.53
N ASN C 259 35.76 -6.55 -6.84
CA ASN C 259 36.98 -6.95 -7.51
C ASN C 259 37.61 -5.84 -8.34
N ALA C 260 37.22 -4.64 -8.08
CA ALA C 260 37.80 -3.51 -8.73
C ALA C 260 37.73 -3.63 -10.22
N ILE C 261 36.55 -3.90 -10.71
CA ILE C 261 36.39 -4.06 -12.08
C ILE C 261 35.88 -2.87 -12.78
N ASP C 262 36.67 -2.52 -13.77
CA ASP C 262 36.29 -1.50 -14.70
C ASP C 262 34.97 -1.81 -15.38
N PRO C 263 33.96 -1.12 -14.97
CA PRO C 263 32.59 -1.30 -15.29
C PRO C 263 32.15 -0.77 -16.67
N LYS C 264 33.11 -0.53 -17.50
CA LYS C 264 32.85 0.26 -18.69
C LYS C 264 32.93 -0.76 -19.81
N SER C 265 33.45 -1.90 -19.45
CA SER C 265 33.57 -2.96 -20.39
C SER C 265 32.77 -4.14 -19.91
N GLN C 266 31.92 -3.88 -18.95
CA GLN C 266 30.96 -4.87 -18.50
C GLN C 266 29.53 -4.46 -18.86
N TYR C 267 28.82 -5.37 -19.51
CA TYR C 267 27.44 -5.11 -19.92
C TYR C 267 26.48 -6.04 -19.18
N ILE C 268 25.44 -5.47 -18.60
CA ILE C 268 24.48 -6.25 -17.83
C ILE C 268 23.06 -6.02 -18.32
N TYR C 269 22.41 -7.10 -18.74
CA TYR C 269 21.04 -7.05 -19.21
C TYR C 269 20.11 -7.81 -18.29
N VAL C 270 18.96 -7.21 -18.00
CA VAL C 270 17.89 -7.93 -17.34
C VAL C 270 16.91 -8.29 -18.44
N MET C 271 16.96 -9.55 -18.87
CA MET C 271 16.13 -10.01 -19.97
C MET C 271 16.00 -11.52 -19.90
N ASP C 272 14.98 -12.07 -20.55
CA ASP C 272 14.91 -13.51 -20.73
C ASP C 272 15.99 -13.89 -21.74
N THR C 273 16.74 -14.93 -21.44
CA THR C 273 17.81 -15.37 -22.33
C THR C 273 17.34 -15.51 -23.78
N PHE C 274 16.11 -15.99 -23.96
CA PHE C 274 15.59 -16.24 -25.30
C PHE C 274 15.31 -14.95 -26.07
N ASP C 275 14.88 -13.91 -25.36
CA ASP C 275 14.70 -12.61 -25.98
C ASP C 275 16.05 -11.99 -26.30
N PHE C 276 17.02 -12.22 -25.42
CA PHE C 276 18.37 -11.72 -25.64
C PHE C 276 18.97 -12.28 -26.91
N TYR C 277 18.75 -13.58 -27.15
CA TYR C 277 19.23 -14.22 -28.37
C TYR C 277 18.85 -13.39 -29.60
N LYS C 278 17.62 -12.94 -29.71
CA LYS C 278 17.14 -12.09 -30.80
C LYS C 278 17.69 -10.68 -30.83
N TYR C 279 17.70 -10.04 -29.66
CA TYR C 279 18.19 -8.68 -29.55
C TYR C 279 19.68 -8.65 -29.92
N ALA C 280 20.44 -9.62 -29.44
CA ALA C 280 21.84 -9.69 -29.82
C ALA C 280 22.00 -9.95 -31.32
N ALA C 281 21.20 -10.87 -31.86
CA ALA C 281 21.28 -11.24 -33.27
C ALA C 281 20.97 -10.06 -34.18
N ARG C 282 19.95 -9.29 -33.82
CA ARG C 282 19.54 -8.12 -34.58
C ARG C 282 20.64 -7.07 -34.65
N HIS C 283 21.38 -6.92 -33.56
CA HIS C 283 22.26 -5.81 -33.37
C HIS C 283 23.58 -6.28 -33.68
N GLY C 284 23.62 -7.42 -34.26
CA GLY C 284 24.88 -7.92 -34.80
C GLY C 284 25.88 -8.38 -33.75
N HIS C 285 25.54 -8.32 -32.46
CA HIS C 285 26.38 -8.91 -31.44
C HIS C 285 26.84 -10.30 -31.70
N SER C 286 28.11 -10.53 -31.42
CA SER C 286 28.71 -11.82 -31.40
C SER C 286 29.71 -12.03 -30.26
N TYR C 287 29.85 -13.27 -29.78
CA TYR C 287 30.71 -13.49 -28.63
C TYR C 287 31.67 -14.66 -28.83
N ASP C 288 32.81 -14.62 -28.14
CA ASP C 288 33.85 -15.62 -28.29
C ASP C 288 33.62 -16.81 -27.36
N THR C 289 33.02 -16.53 -26.21
CA THR C 289 32.65 -17.57 -25.26
C THR C 289 31.25 -17.33 -24.76
N ILE C 290 30.44 -18.38 -24.76
CA ILE C 290 29.07 -18.27 -24.26
C ILE C 290 28.85 -19.30 -23.16
N VAL C 291 28.62 -18.79 -21.95
CA VAL C 291 28.37 -19.65 -20.79
C VAL C 291 26.88 -19.80 -20.59
N ILE C 292 26.42 -21.05 -20.47
CA ILE C 292 25.02 -21.33 -20.27
C ILE C 292 24.85 -22.25 -19.07
N ASP C 293 24.15 -21.76 -18.04
CA ASP C 293 24.00 -22.49 -16.80
C ASP C 293 22.61 -22.23 -16.22
N PRO C 294 21.58 -22.84 -16.83
CA PRO C 294 20.19 -22.56 -16.45
C PRO C 294 19.69 -23.41 -15.29
N PRO C 295 18.61 -22.98 -14.64
CA PRO C 295 17.92 -23.77 -13.63
C PRO C 295 17.26 -24.96 -14.32
N SER C 296 16.93 -25.98 -13.63
CA SER C 296 16.36 -27.13 -14.22
C SER C 296 15.01 -26.94 -14.77
N PHE C 297 14.30 -26.01 -14.18
CA PHE C 297 13.00 -25.60 -14.62
C PHE C 297 12.77 -24.14 -14.31
N ALA C 298 12.02 -23.49 -15.18
CA ALA C 298 11.70 -22.08 -14.98
C ALA C 298 10.49 -21.66 -15.80
N ARG C 299 9.78 -20.64 -15.31
CA ARG C 299 8.61 -20.12 -16.01
C ARG C 299 8.62 -18.59 -16.03
N ASN C 300 8.32 -18.04 -17.18
CA ASN C 300 8.18 -16.62 -17.37
C ASN C 300 7.09 -16.19 -18.29
N LYS C 301 6.13 -15.56 -17.67
CA LYS C 301 4.89 -15.24 -18.26
C LYS C 301 4.25 -16.54 -18.68
N LYS C 302 4.08 -16.71 -19.96
CA LYS C 302 3.55 -17.91 -20.47
C LYS C 302 4.59 -18.88 -21.00
N ARG C 303 5.83 -18.46 -20.91
CA ARG C 303 6.99 -19.24 -21.30
C ARG C 303 7.38 -20.23 -20.21
N THR C 304 7.75 -21.44 -20.63
CA THR C 304 8.30 -22.41 -19.70
C THR C 304 9.61 -22.95 -20.23
N PHE C 305 10.49 -23.38 -19.33
CA PHE C 305 11.75 -23.98 -19.70
C PHE C 305 12.04 -25.20 -18.84
N SER C 306 12.34 -26.28 -19.50
CA SER C 306 12.81 -27.47 -18.86
C SER C 306 14.16 -27.89 -19.39
N VAL C 307 15.10 -28.09 -18.47
CA VAL C 307 16.47 -28.29 -18.90
C VAL C 307 16.61 -29.51 -19.81
N GLN C 308 15.78 -30.53 -19.59
CA GLN C 308 15.83 -31.74 -20.41
C GLN C 308 15.27 -31.49 -21.81
N LYS C 309 14.09 -30.87 -21.84
CA LYS C 309 13.38 -30.54 -23.08
C LYS C 309 14.00 -29.46 -23.98
N ASP C 310 14.52 -28.40 -23.36
CA ASP C 310 14.80 -27.15 -24.08
C ASP C 310 16.26 -26.77 -24.21
N TYR C 311 17.18 -27.65 -23.81
CA TYR C 311 18.58 -27.29 -23.92
C TYR C 311 19.00 -27.13 -25.38
N ASP C 312 18.38 -27.90 -26.27
CA ASP C 312 18.70 -27.76 -27.70
C ASP C 312 18.41 -26.34 -28.18
N LYS C 313 17.40 -25.69 -27.67
CA LYS C 313 17.10 -24.38 -28.04
C LYS C 313 18.08 -23.36 -27.52
N LEU C 314 18.58 -23.58 -26.32
CA LEU C 314 19.62 -22.73 -25.79
C LEU C 314 20.85 -22.79 -26.68
N ILE C 315 21.19 -24.00 -27.11
CA ILE C 315 22.37 -24.20 -27.95
C ILE C 315 22.22 -23.53 -29.31
N ASN C 316 21.08 -23.73 -29.96
CA ASN C 316 20.81 -23.10 -31.25
C ASN C 316 20.88 -21.57 -31.16
N GLY C 317 20.27 -21.01 -30.12
CA GLY C 317 20.30 -19.58 -29.92
C GLY C 317 21.71 -19.04 -29.77
N ALA C 318 22.53 -19.76 -29.00
CA ALA C 318 23.89 -19.32 -28.73
C ALA C 318 24.76 -19.40 -29.98
N LEU C 319 24.54 -20.42 -30.80
CA LEU C 319 25.29 -20.58 -32.05
C LEU C 319 25.12 -19.36 -32.95
N ASN C 320 23.91 -18.83 -32.99
CA ASN C 320 23.61 -17.67 -33.83
C ASN C 320 24.37 -16.42 -33.43
N ILE C 321 24.84 -16.36 -32.20
CA ILE C 321 25.61 -15.20 -31.74
C ILE C 321 27.00 -15.59 -31.25
N LEU C 322 27.48 -16.74 -31.73
CA LEU C 322 28.85 -17.17 -31.44
C LEU C 322 29.73 -16.85 -32.65
N SER C 323 30.91 -16.38 -32.40
CA SER C 323 31.86 -16.12 -33.41
C SER C 323 32.42 -17.34 -34.09
N SER C 324 32.80 -17.18 -35.34
CA SER C 324 33.21 -18.28 -36.19
C SER C 324 34.01 -19.35 -35.52
N GLU C 325 34.97 -18.96 -34.72
CA GLU C 325 35.62 -19.84 -33.82
C GLU C 325 35.30 -19.32 -32.42
N GLY C 326 34.76 -20.17 -31.57
CA GLY C 326 34.41 -19.82 -30.21
C GLY C 326 34.22 -21.02 -29.31
N THR C 327 33.85 -20.76 -28.07
CA THR C 327 33.65 -21.82 -27.09
C THR C 327 32.30 -21.72 -26.41
N LEU C 328 31.58 -22.84 -26.35
CA LEU C 328 30.37 -22.93 -25.55
C LEU C 328 30.73 -23.63 -24.24
N LEU C 329 30.32 -23.03 -23.14
CA LEU C 329 30.41 -23.71 -21.84
C LEU C 329 28.99 -24.04 -21.40
N LEU C 330 28.61 -25.31 -21.55
CA LEU C 330 27.24 -25.73 -21.31
C LEU C 330 27.12 -26.47 -19.98
N CYS C 331 26.33 -25.92 -19.06
CA CYS C 331 26.23 -26.47 -17.71
C CYS C 331 24.81 -26.83 -17.30
N THR C 332 24.69 -27.79 -16.40
CA THR C 332 23.44 -28.07 -15.71
C THR C 332 23.71 -28.70 -14.35
N ASN C 333 22.92 -28.31 -13.35
CA ASN C 333 23.04 -28.86 -12.01
C ASN C 333 21.92 -29.87 -11.70
N ALA C 334 21.18 -30.26 -12.74
CA ALA C 334 20.01 -31.13 -12.58
C ALA C 334 20.36 -32.61 -12.37
N SER C 335 20.08 -33.12 -11.18
CA SER C 335 20.43 -34.50 -10.84
C SER C 335 19.64 -35.53 -11.65
N VAL C 336 18.51 -35.17 -12.18
CA VAL C 336 17.76 -36.07 -12.97
C VAL C 336 18.08 -36.08 -14.42
N TYR C 337 19.06 -35.28 -14.75
CA TYR C 337 19.52 -35.13 -16.12
C TYR C 337 20.95 -35.64 -16.24
N PRO C 338 21.11 -36.95 -16.45
CA PRO C 338 22.43 -37.61 -16.45
C PRO C 338 23.36 -37.08 -17.54
N LEU C 339 24.66 -37.18 -17.29
CA LEU C 339 25.68 -36.73 -18.22
C LEU C 339 25.49 -37.32 -19.62
N LYS C 340 25.19 -38.61 -19.73
CA LYS C 340 24.99 -39.30 -21.00
C LYS C 340 23.97 -38.64 -21.86
N GLN C 341 22.86 -38.29 -21.25
CA GLN C 341 21.78 -37.64 -21.89
C GLN C 341 22.10 -36.19 -22.24
N PHE C 342 22.79 -35.52 -21.35
CA PHE C 342 23.23 -34.15 -21.59
C PHE C 342 24.18 -34.10 -22.78
N LYS C 343 25.20 -34.92 -22.76
CA LYS C 343 26.11 -35.11 -23.86
C LYS C 343 25.49 -35.41 -25.21
N ASN C 344 24.47 -36.23 -25.25
CA ASN C 344 23.75 -36.57 -26.44
C ASN C 344 22.92 -35.47 -26.97
N THR C 345 22.26 -34.76 -26.08
CA THR C 345 21.53 -33.59 -26.54
C THR C 345 22.48 -32.59 -27.18
N ILE C 346 23.58 -32.32 -26.51
CA ILE C 346 24.60 -31.41 -27.01
C ILE C 346 25.11 -31.86 -28.38
N LYS C 347 25.55 -33.08 -28.48
CA LYS C 347 25.99 -33.71 -29.70
C LYS C 347 25.01 -33.63 -30.85
N LYS C 348 23.78 -34.00 -30.56
CA LYS C 348 22.71 -34.07 -31.51
C LYS C 348 22.45 -32.74 -32.05
N THR C 349 22.37 -31.81 -31.15
CA THR C 349 22.05 -30.45 -31.55
C THR C 349 23.13 -29.85 -32.45
N LEU C 350 24.39 -30.01 -32.07
CA LEU C 350 25.49 -29.44 -32.84
C LEU C 350 25.61 -30.09 -34.21
N GLU C 351 25.42 -31.40 -34.27
CA GLU C 351 25.46 -32.12 -35.55
C GLU C 351 24.35 -31.66 -36.49
N GLU C 352 23.15 -31.48 -35.93
CA GLU C 352 21.99 -30.96 -36.65
C GLU C 352 22.32 -29.61 -37.26
N SER C 353 23.13 -28.82 -36.54
CA SER C 353 23.49 -27.50 -37.03
C SER C 353 24.69 -27.56 -37.96
N GLY C 354 25.28 -28.75 -38.07
CA GLY C 354 26.37 -28.99 -39.00
C GLY C 354 27.62 -28.17 -38.75
N VAL C 355 27.89 -27.83 -37.50
CA VAL C 355 29.11 -27.09 -37.18
C VAL C 355 30.19 -28.02 -36.67
N ASP C 356 31.45 -27.75 -37.03
CA ASP C 356 32.51 -28.50 -36.48
C ASP C 356 32.64 -28.14 -35.03
N TYR C 357 32.78 -29.16 -34.22
CA TYR C 357 32.89 -29.01 -32.78
C TYR C 357 33.81 -30.03 -32.15
N GLU C 358 34.29 -29.72 -30.98
CA GLU C 358 34.97 -30.63 -30.16
C GLU C 358 34.70 -30.42 -28.67
N LEU C 359 34.28 -31.49 -27.98
CA LEU C 359 34.19 -31.46 -26.53
C LEU C 359 35.59 -31.50 -25.96
N THR C 360 35.99 -30.42 -25.40
CA THR C 360 37.29 -30.28 -24.98
C THR C 360 37.47 -30.77 -23.59
N GLU C 361 36.54 -30.36 -22.74
CA GLU C 361 36.58 -30.78 -21.35
C GLU C 361 35.19 -31.13 -20.86
N VAL C 362 35.11 -32.19 -20.05
CA VAL C 362 33.89 -32.48 -19.33
C VAL C 362 34.24 -32.42 -17.85
N MET C 363 33.53 -31.58 -17.10
CA MET C 363 33.80 -31.45 -15.68
C MET C 363 32.59 -31.82 -14.83
N GLY C 364 32.85 -32.43 -13.68
CA GLY C 364 31.81 -32.77 -12.72
C GLY C 364 32.06 -32.06 -11.41
N LEU C 365 31.45 -32.56 -10.34
CA LEU C 365 31.59 -31.97 -9.02
C LEU C 365 33.05 -31.98 -8.56
N PRO C 366 33.52 -30.84 -8.03
CA PRO C 366 34.90 -30.75 -7.51
C PRO C 366 35.06 -31.58 -6.24
N LYS C 367 36.29 -31.70 -5.75
CA LYS C 367 36.57 -32.59 -4.61
C LYS C 367 35.80 -32.28 -3.35
N ASP C 368 35.57 -30.99 -3.07
CA ASP C 368 34.85 -30.64 -1.84
C ASP C 368 33.38 -31.03 -1.90
N PHE C 369 32.91 -31.38 -3.10
CA PHE C 369 31.57 -31.93 -3.29
C PHE C 369 31.67 -33.42 -3.57
N LYS C 370 32.31 -34.13 -2.65
CA LYS C 370 32.55 -35.57 -2.79
C LYS C 370 31.27 -36.30 -3.17
N THR C 371 31.36 -37.16 -4.17
CA THR C 371 30.21 -37.92 -4.65
C THR C 371 30.19 -39.34 -4.11
N HIS C 372 29.08 -40.04 -4.31
CA HIS C 372 28.94 -41.42 -3.87
C HIS C 372 29.15 -42.31 -5.09
N PRO C 373 30.17 -43.18 -5.02
CA PRO C 373 30.53 -44.00 -6.19
C PRO C 373 29.43 -44.97 -6.61
N HIS C 374 28.47 -45.25 -5.73
CA HIS C 374 27.39 -46.17 -6.07
C HIS C 374 26.02 -45.49 -6.14
N TYR C 375 26.01 -44.16 -6.22
CA TYR C 375 24.76 -43.44 -6.40
C TYR C 375 24.94 -42.35 -7.45
N LYS C 376 24.69 -42.65 -8.70
CA LYS C 376 24.94 -41.79 -9.82
C LYS C 376 24.30 -40.42 -9.76
N PRO C 377 23.07 -40.37 -9.24
CA PRO C 377 22.43 -39.05 -9.10
C PRO C 377 23.21 -38.08 -8.21
N SER C 378 24.12 -38.59 -7.39
CA SER C 378 24.95 -37.71 -6.57
C SER C 378 25.87 -36.86 -7.45
N LYS C 379 26.17 -37.37 -8.64
CA LYS C 379 27.03 -36.67 -9.60
C LYS C 379 26.20 -35.74 -10.46
N TYR C 380 25.61 -34.73 -9.84
CA TYR C 380 24.63 -33.90 -10.50
C TYR C 380 25.15 -32.74 -11.34
N LEU C 381 26.41 -32.37 -11.17
CA LEU C 381 26.97 -31.26 -11.95
C LEU C 381 27.60 -31.74 -13.26
N LYS C 382 27.22 -31.06 -14.34
CA LYS C 382 27.85 -31.29 -15.64
C LYS C 382 28.24 -29.96 -16.25
N ALA C 383 29.51 -29.80 -16.56
CA ALA C 383 30.00 -28.62 -17.25
C ALA C 383 30.80 -29.06 -18.47
N VAL C 384 30.28 -28.75 -19.66
CA VAL C 384 30.93 -29.19 -20.88
C VAL C 384 31.46 -28.02 -21.69
N PHE C 385 32.79 -27.94 -21.81
CA PHE C 385 33.44 -26.94 -22.67
C PHE C 385 33.50 -27.46 -24.10
N VAL C 386 32.93 -26.70 -25.04
CA VAL C 386 32.89 -27.13 -26.43
C VAL C 386 33.49 -26.09 -27.36
N ASN C 387 34.57 -26.46 -28.06
CA ASN C 387 35.13 -25.58 -29.08
C ASN C 387 34.40 -25.74 -30.40
N ILE C 388 33.99 -24.62 -30.98
CA ILE C 388 33.18 -24.63 -32.19
C ILE C 388 33.92 -23.98 -33.36
N ARG C 389 33.52 -24.36 -34.57
CA ARG C 389 34.08 -23.80 -35.78
C ARG C 389 33.03 -23.86 -36.90
N HIS C 390 32.60 -22.69 -37.37
CA HIS C 390 31.60 -22.63 -38.40
C HIS C 390 31.65 -21.32 -39.12
N LYS D 2 -27.55 -5.17 44.33
CA LYS D 2 -28.20 -4.90 43.11
C LYS D 2 -27.32 -5.29 41.94
N ILE D 3 -28.00 -5.83 40.96
CA ILE D 3 -27.39 -6.53 39.89
C ILE D 3 -27.97 -6.25 38.57
N ALA D 4 -27.12 -6.06 37.61
CA ALA D 4 -27.58 -5.96 36.24
C ALA D 4 -26.91 -7.05 35.41
N THR D 5 -27.71 -7.86 34.72
CA THR D 5 -27.19 -8.96 33.94
C THR D 5 -27.06 -8.58 32.46
N LEU D 6 -25.90 -8.87 31.89
CA LEU D 6 -25.66 -8.62 30.47
C LEU D 6 -26.44 -9.57 29.58
N ASN D 7 -27.00 -9.00 28.52
CA ASN D 7 -27.64 -9.75 27.45
C ASN D 7 -26.57 -10.54 26.70
N LYS D 8 -26.94 -11.71 26.16
CA LYS D 8 -25.93 -12.59 25.60
C LYS D 8 -25.30 -11.99 24.38
N GLY D 9 -23.98 -11.99 24.41
CA GLY D 9 -23.09 -11.42 23.43
C GLY D 9 -22.65 -9.99 23.72
N LYS D 10 -22.99 -9.52 24.90
CA LYS D 10 -22.68 -8.18 25.30
C LYS D 10 -21.64 -8.11 26.39
N GLU D 11 -21.07 -9.24 26.63
CA GLU D 11 -20.09 -9.42 27.62
C GLU D 11 -18.75 -8.78 27.28
N THR D 12 -18.28 -9.09 26.11
CA THR D 12 -16.93 -8.74 25.67
C THR D 12 -16.57 -7.26 25.83
N LYS D 13 -17.45 -6.38 25.40
CA LYS D 13 -17.15 -4.95 25.38
C LYS D 13 -16.88 -4.45 26.79
N TYR D 14 -17.63 -4.96 27.76
CA TYR D 14 -17.48 -4.51 29.15
C TYR D 14 -16.28 -5.16 29.82
N PHE D 15 -16.05 -6.43 29.54
CA PHE D 15 -14.83 -7.09 29.98
C PHE D 15 -13.61 -6.29 29.51
N ASN D 16 -13.73 -5.70 28.32
CA ASN D 16 -12.62 -4.97 27.71
C ASN D 16 -12.59 -3.48 28.03
N GLY D 17 -13.44 -3.06 28.97
CA GLY D 17 -13.32 -1.72 29.52
C GLY D 17 -14.30 -0.65 29.08
N TYR D 18 -15.34 -1.03 28.33
CA TYR D 18 -16.38 -0.07 27.95
C TYR D 18 -17.07 0.46 29.20
N PRO D 19 -17.02 1.78 29.42
CA PRO D 19 -17.41 2.39 30.70
C PRO D 19 -18.88 2.76 30.82
N LEU D 20 -19.59 2.92 29.71
CA LEU D 20 -20.99 3.30 29.75
C LEU D 20 -21.93 2.11 29.73
N ILE D 21 -22.72 1.96 30.79
CA ILE D 21 -23.69 0.88 30.86
C ILE D 21 -24.92 1.20 30.03
N GLU D 22 -25.00 0.60 28.85
CA GLU D 22 -26.13 0.81 27.94
C GLU D 22 -27.32 -0.03 28.38
N GLU D 23 -28.51 0.50 28.27
CA GLU D 23 -29.73 -0.15 28.62
C GLU D 23 -30.09 -1.34 27.77
N GLU D 24 -29.86 -1.20 26.49
CA GLU D 24 -30.02 -2.22 25.51
C GLU D 24 -29.07 -3.36 25.66
N ASP D 25 -28.12 -3.25 26.60
CA ASP D 25 -27.14 -4.30 26.82
C ASP D 25 -27.47 -5.17 28.04
N ILE D 26 -28.65 -4.92 28.61
CA ILE D 26 -29.10 -5.66 29.79
C ILE D 26 -30.44 -6.34 29.52
N GLN D 29 -32.37 -6.78 35.03
CA GLN D 29 -31.75 -6.07 36.15
C GLN D 29 -32.79 -5.70 37.19
N ASP D 30 -32.31 -5.19 38.34
CA ASP D 30 -33.19 -4.79 39.42
C ASP D 30 -33.80 -3.41 39.17
N HIS D 31 -34.40 -2.84 40.20
CA HIS D 31 -34.99 -1.56 40.08
C HIS D 31 -33.92 -0.65 40.53
N LEU D 32 -33.35 0.07 39.62
CA LEU D 32 -32.12 0.76 39.93
C LEU D 32 -32.43 2.24 40.10
N LYS D 33 -32.04 2.81 41.25
CA LYS D 33 -32.30 4.23 41.52
C LYS D 33 -31.04 5.06 41.28
N GLU D 34 -31.23 6.37 41.13
CA GLU D 34 -30.12 7.28 40.89
C GLU D 34 -29.10 7.21 42.03
N GLY D 35 -27.82 7.26 41.66
CA GLY D 35 -26.75 7.18 42.64
C GLY D 35 -26.47 5.77 43.09
N ASP D 36 -27.45 4.89 42.92
CA ASP D 36 -27.31 3.47 43.31
C ASP D 36 -26.05 2.76 42.76
N ILE D 37 -25.42 1.99 43.58
CA ILE D 37 -24.24 1.26 43.16
C ILE D 37 -24.66 -0.16 42.83
N PHE D 38 -24.31 -0.62 41.63
CA PHE D 38 -24.72 -1.94 41.18
C PHE D 38 -23.59 -2.68 40.47
N GLN D 39 -23.77 -3.95 40.25
CA GLN D 39 -22.76 -4.75 39.67
C GLN D 39 -23.27 -5.27 38.35
N ILE D 40 -22.39 -5.33 37.36
CA ILE D 40 -22.73 -5.93 36.08
C ILE D 40 -22.22 -7.35 36.10
N VAL D 41 -23.05 -8.30 35.68
CA VAL D 41 -22.62 -9.69 35.63
C VAL D 41 -22.99 -10.33 34.29
N THR D 42 -22.31 -11.41 33.96
CA THR D 42 -22.64 -12.19 32.77
C THR D 42 -23.88 -13.03 33.04
N ASP D 43 -24.39 -13.61 31.97
CA ASP D 43 -25.39 -14.70 31.90
C ASP D 43 -25.15 -15.86 32.85
N LYS D 44 -23.90 -16.08 33.14
CA LYS D 44 -23.44 -17.12 33.98
C LYS D 44 -22.95 -16.60 35.28
N SER D 45 -23.37 -15.40 35.57
CA SER D 45 -23.15 -14.79 36.88
C SER D 45 -21.70 -14.49 37.23
N GLN D 46 -20.83 -14.32 36.26
CA GLN D 46 -19.50 -13.80 36.50
C GLN D 46 -19.53 -12.32 36.69
N TYR D 47 -18.86 -11.89 37.74
CA TYR D 47 -18.73 -10.46 37.98
C TYR D 47 -17.96 -9.82 36.83
N VAL D 48 -18.42 -8.66 36.37
CA VAL D 48 -17.74 -7.92 35.32
C VAL D 48 -17.21 -6.59 35.85
N ALA D 49 -18.07 -5.83 36.52
CA ALA D 49 -17.69 -4.54 37.05
C ALA D 49 -18.74 -4.00 38.02
N THR D 50 -18.39 -2.97 38.71
CA THR D 50 -19.23 -2.16 39.53
C THR D 50 -19.49 -0.79 38.97
N ALA D 51 -20.75 -0.40 38.89
CA ALA D 51 -21.03 0.91 38.33
C ALA D 51 -21.97 1.66 39.24
N TYR D 52 -22.28 2.90 38.89
CA TYR D 52 -23.29 3.67 39.60
C TYR D 52 -24.38 4.10 38.62
N VAL D 53 -25.59 4.27 39.12
CA VAL D 53 -26.71 4.66 38.27
C VAL D 53 -26.78 6.17 38.12
N GLY D 54 -26.55 6.65 36.90
CA GLY D 54 -26.88 8.01 36.52
C GLY D 54 -27.40 7.93 35.10
N ARG D 55 -28.69 8.14 34.89
CA ARG D 55 -29.19 7.88 33.62
C ARG D 55 -29.10 8.99 32.60
N GLN D 56 -28.57 8.59 31.47
CA GLN D 56 -28.63 9.30 30.19
C GLN D 56 -29.53 8.60 29.18
N HIS D 57 -29.75 9.29 28.08
CA HIS D 57 -30.41 8.75 26.96
C HIS D 57 -29.67 7.55 26.49
N LYS D 58 -30.41 6.46 26.42
CA LYS D 58 -29.89 5.15 26.09
C LYS D 58 -28.90 4.62 27.16
N GLY D 59 -28.61 5.35 28.23
CA GLY D 59 -27.55 4.90 29.13
C GLY D 59 -28.00 4.82 30.59
N LEU D 60 -27.60 3.76 31.27
CA LEU D 60 -28.02 3.54 32.66
C LEU D 60 -27.08 4.19 33.68
N GLY D 61 -25.78 4.17 33.39
CA GLY D 61 -24.80 4.69 34.33
C GLY D 61 -23.38 4.41 33.88
N TRP D 62 -22.44 4.52 34.80
CA TRP D 62 -21.02 4.40 34.47
C TRP D 62 -20.28 3.40 35.36
N VAL D 63 -19.36 2.66 34.75
CA VAL D 63 -18.45 1.79 35.49
C VAL D 63 -17.51 2.63 36.36
N LEU D 64 -17.23 2.13 37.56
CA LEU D 64 -16.34 2.84 38.49
C LEU D 64 -15.11 2.03 38.86
N THR D 65 -15.26 0.71 38.96
CA THR D 65 -14.15 -0.16 39.36
C THR D 65 -14.37 -1.58 38.85
N TYR D 66 -13.28 -2.33 38.71
CA TYR D 66 -13.37 -3.73 38.28
C TYR D 66 -12.98 -4.63 39.43
N ASP D 67 -12.75 -4.01 40.59
CA ASP D 67 -12.42 -4.71 41.82
C ASP D 67 -13.71 -4.90 42.63
N LYS D 68 -14.25 -6.10 42.64
CA LYS D 68 -15.42 -6.55 43.42
C LYS D 68 -15.41 -6.14 44.88
N ALA D 69 -14.24 -5.94 45.43
CA ALA D 69 -14.11 -5.60 46.84
C ALA D 69 -13.99 -4.09 47.06
N GLN D 70 -13.94 -3.33 45.98
CA GLN D 70 -13.72 -1.89 46.08
C GLN D 70 -14.97 -1.12 46.51
N GLU D 71 -14.89 -0.47 47.65
CA GLU D 71 -15.98 0.37 48.14
C GLU D 71 -15.92 1.74 47.48
N ILE D 72 -17.09 2.26 47.09
CA ILE D 72 -17.15 3.58 46.47
C ILE D 72 -17.28 4.65 47.54
N ASN D 73 -16.15 5.09 48.06
CA ASN D 73 -16.12 6.03 49.17
C ASN D 73 -15.12 7.16 48.95
N THR D 74 -14.91 7.95 49.99
CA THR D 74 -14.03 9.12 49.91
C THR D 74 -12.60 8.74 49.51
N ALA D 75 -12.08 7.67 50.10
CA ALA D 75 -10.74 7.20 49.78
C ALA D 75 -10.64 6.80 48.31
N PHE D 76 -11.71 6.22 47.78
CA PHE D 76 -11.78 5.84 46.38
C PHE D 76 -11.60 7.05 45.48
N PHE D 77 -12.33 8.13 45.77
CA PHE D 77 -12.23 9.35 44.99
C PHE D 77 -10.89 10.04 45.16
N VAL D 78 -10.33 9.97 46.37
CA VAL D 78 -9.02 10.57 46.62
C VAL D 78 -7.98 9.98 45.66
N LYS D 79 -8.00 8.70 45.41
CA LYS D 79 -7.05 8.03 44.57
C LYS D 79 -7.28 8.44 43.11
N LEU D 80 -8.54 8.50 42.70
CA LEU D 80 -8.85 8.96 41.35
C LEU D 80 -8.38 10.39 41.12
N PHE D 81 -8.66 11.27 42.08
CA PHE D 81 -8.30 12.68 41.95
C PHE D 81 -6.79 12.89 41.95
N ASN D 82 -6.08 12.18 42.82
CA ASN D 82 -4.62 12.26 42.85
C ASN D 82 -4.00 11.82 41.54
N THR D 83 -4.52 10.74 40.97
CA THR D 83 -4.06 10.26 39.68
C THR D 83 -4.32 11.31 38.59
N ALA D 84 -5.52 11.88 38.61
CA ALA D 84 -5.87 12.91 37.64
C ALA D 84 -4.95 14.12 37.78
N LEU D 85 -4.70 14.53 39.02
CA LEU D 85 -3.84 15.67 39.29
C LEU D 85 -2.42 15.42 38.80
N ALA D 86 -1.90 14.23 39.09
CA ALA D 86 -0.54 13.87 38.67
C ALA D 86 -0.41 13.85 37.16
N GLU D 87 -1.42 13.40 36.43
CA GLU D 87 -1.40 13.42 34.98
C GLU D 87 -1.30 14.80 34.38
N ARG D 88 -1.63 15.82 35.15
CA ARG D 88 -1.64 17.18 34.62
C ARG D 88 -0.59 18.11 35.22
N ASP D 89 0.54 17.57 35.57
CA ASP D 89 1.68 18.30 36.02
C ASP D 89 2.09 19.45 35.13
N TYR D 90 2.03 19.19 33.83
CA TYR D 90 2.49 20.14 32.84
C TYR D 90 1.71 21.43 32.95
N TYR D 91 0.40 21.35 33.20
CA TYR D 91 -0.40 22.58 33.23
C TYR D 91 -0.07 23.47 34.43
N PHE D 92 0.61 22.91 35.40
CA PHE D 92 1.06 23.64 36.55
C PHE D 92 2.41 24.30 36.31
N ASN D 93 3.11 23.89 35.27
CA ASN D 93 4.41 24.43 34.97
C ASN D 93 4.45 25.27 33.70
N ILE D 94 3.30 25.71 33.24
CA ILE D 94 3.24 26.54 32.08
C ILE D 94 2.83 27.95 32.36
N ASP D 95 3.77 28.84 32.13
CA ASP D 95 3.48 30.26 32.22
C ASP D 95 2.49 30.64 31.18
N GLY D 96 1.67 31.58 31.58
CA GLY D 96 0.68 32.15 30.68
C GLY D 96 -0.69 31.51 30.74
N THR D 97 -0.82 30.43 31.51
CA THR D 97 -2.10 29.76 31.68
C THR D 97 -2.37 29.40 33.13
N ASN D 98 -3.46 29.94 33.68
CA ASN D 98 -3.84 29.63 35.05
C ASN D 98 -5.25 29.04 35.16
N ALA D 99 -5.77 28.58 34.03
CA ALA D 99 -7.07 27.93 33.99
C ALA D 99 -7.02 26.70 33.09
N PHE D 100 -7.55 25.59 33.60
CA PHE D 100 -7.54 24.33 32.87
C PHE D 100 -8.38 23.29 33.60
N ARG D 101 -8.64 22.16 32.95
CA ARG D 101 -9.46 21.12 33.58
C ARG D 101 -8.62 20.15 34.41
N LEU D 102 -9.12 19.82 35.59
CA LEU D 102 -8.42 18.94 36.51
C LEU D 102 -8.94 17.51 36.43
N PHE D 103 -10.22 17.37 36.08
CA PHE D 103 -10.86 16.07 36.04
C PHE D 103 -11.92 16.04 34.96
N ASN D 104 -11.78 15.12 34.00
CA ASN D 104 -12.66 15.09 32.84
C ASN D 104 -13.53 13.85 32.75
N ALA D 105 -14.42 13.68 33.72
CA ALA D 105 -15.44 12.64 33.66
C ALA D 105 -14.87 11.24 33.44
N GLU D 106 -15.49 10.49 32.54
CA GLU D 106 -15.15 9.08 32.36
C GLU D 106 -13.68 8.90 32.00
N GLY D 107 -13.09 9.90 31.34
CA GLY D 107 -11.69 9.86 30.99
C GLY D 107 -10.78 9.78 32.21
N ASP D 108 -11.25 10.29 33.35
CA ASP D 108 -10.47 10.24 34.58
C ASP D 108 -11.04 9.26 35.61
N GLY D 109 -12.06 8.50 35.20
CA GLY D 109 -12.54 7.41 36.03
C GLY D 109 -13.94 7.57 36.61
N VAL D 110 -14.55 8.73 36.41
CA VAL D 110 -15.91 8.96 36.92
C VAL D 110 -16.77 9.69 35.90
N GLY D 111 -17.52 8.94 35.10
CA GLY D 111 -18.43 9.53 34.14
C GLY D 111 -19.42 10.45 34.83
N GLY D 112 -19.70 11.59 34.20
CA GLY D 112 -20.71 12.50 34.71
C GLY D 112 -20.18 13.51 35.71
N LEU D 113 -18.87 13.52 35.92
CA LEU D 113 -18.25 14.44 36.85
C LEU D 113 -17.08 15.17 36.21
N THR D 114 -17.11 16.50 36.22
CA THR D 114 -15.96 17.28 35.77
C THR D 114 -15.55 18.29 36.83
N ILE D 115 -14.26 18.57 36.87
CA ILE D 115 -13.71 19.58 37.77
C ILE D 115 -12.75 20.48 37.01
N ASP D 116 -13.05 21.77 37.01
CA ASP D 116 -12.21 22.75 36.34
C ASP D 116 -11.51 23.66 37.35
N ASN D 117 -10.28 24.02 37.03
CA ASN D 117 -9.53 24.98 37.82
C ASN D 117 -9.47 26.34 37.13
N TYR D 118 -10.29 27.29 37.58
CA TYR D 118 -10.27 28.63 37.05
C TYR D 118 -9.43 29.56 37.94
N ASP D 119 -8.11 29.51 37.76
CA ASP D 119 -7.19 30.30 38.57
C ASP D 119 -7.51 30.20 40.06
N GLY D 120 -7.53 28.97 40.58
CA GLY D 120 -7.75 28.74 42.00
C GLY D 120 -9.20 28.53 42.38
N HIS D 121 -10.11 28.97 41.52
CA HIS D 121 -11.54 28.81 41.77
C HIS D 121 -12.09 27.59 41.03
N LEU D 122 -12.37 26.53 41.78
CA LEU D 122 -12.80 25.26 41.21
C LEU D 122 -14.26 25.29 40.78
N LEU D 123 -14.54 24.64 39.66
CA LEU D 123 -15.92 24.42 39.23
C LEU D 123 -16.18 22.92 39.06
N ILE D 124 -17.06 22.39 39.91
CA ILE D 124 -17.49 21.01 39.81
C ILE D 124 -18.81 20.96 39.07
N GLN D 125 -18.92 20.08 38.08
CA GLN D 125 -20.17 19.92 37.34
C GLN D 125 -20.75 18.52 37.49
N TRP D 126 -22.04 18.45 37.80
CA TRP D 126 -22.74 17.18 38.00
C TRP D 126 -23.70 16.97 36.83
N TYR D 127 -23.54 15.85 36.14
CA TYR D 127 -24.35 15.60 34.94
C TYR D 127 -25.56 14.69 35.19
N SER D 128 -25.74 14.27 36.43
CA SER D 128 -26.94 13.52 36.81
C SER D 128 -27.19 13.56 38.30
N LYS D 129 -28.43 13.30 38.68
CA LYS D 129 -28.86 13.10 40.05
C LYS D 129 -28.03 12.06 40.70
N GLY D 130 -27.76 11.04 39.91
CA GLY D 130 -27.01 9.88 40.35
C GLY D 130 -25.64 10.23 40.90
N ILE D 131 -24.82 10.89 40.09
CA ILE D 131 -23.48 11.25 40.53
C ILE D 131 -23.54 12.28 41.65
N TYR D 132 -24.54 13.12 41.67
CA TYR D 132 -24.74 14.11 42.69
C TYR D 132 -24.93 13.49 44.05
N LYS D 133 -25.51 12.31 44.05
CA LYS D 133 -25.74 11.58 45.29
C LYS D 133 -24.44 11.39 46.08
N PHE D 134 -23.31 11.47 45.38
CA PHE D 134 -22.01 11.25 46.00
C PHE D 134 -21.30 12.55 46.36
N LYS D 135 -22.05 13.65 46.35
CA LYS D 135 -21.46 14.97 46.55
C LYS D 135 -20.57 15.08 47.79
N TYR D 136 -21.06 14.67 48.94
CA TYR D 136 -20.32 14.79 50.17
C TYR D 136 -19.03 14.00 50.18
N ALA D 137 -19.03 12.79 49.68
CA ALA D 137 -17.83 11.98 49.59
C ALA D 137 -16.83 12.63 48.64
N ILE D 138 -17.32 13.12 47.51
CA ILE D 138 -16.47 13.74 46.50
C ILE D 138 -15.86 15.04 47.02
N LEU D 139 -16.64 15.81 47.76
CA LEU D 139 -16.14 17.05 48.35
C LEU D 139 -15.02 16.80 49.35
N GLU D 140 -15.17 15.78 50.20
CA GLU D 140 -14.12 15.46 51.15
C GLU D 140 -12.84 15.07 50.44
N ALA D 141 -12.97 14.33 49.34
CA ALA D 141 -11.81 13.93 48.54
C ALA D 141 -11.15 15.15 47.90
N VAL D 142 -11.98 16.09 47.45
CA VAL D 142 -11.44 17.32 46.86
C VAL D 142 -10.61 18.08 47.89
N ARG D 143 -11.13 18.19 49.11
CA ARG D 143 -10.44 18.90 50.18
C ARG D 143 -9.09 18.27 50.48
N LYS D 144 -8.99 16.97 50.38
CA LYS D 144 -7.79 16.25 50.63
C LYS D 144 -6.76 16.25 49.51
N VAL D 145 -7.20 16.50 48.30
CA VAL D 145 -6.33 16.40 47.13
C VAL D 145 -5.87 17.73 46.53
N PHE D 146 -6.78 18.70 46.45
CA PHE D 146 -6.50 19.93 45.72
C PHE D 146 -6.30 21.16 46.60
N ASP D 147 -5.54 22.12 46.09
CA ASP D 147 -5.46 23.45 46.67
C ASP D 147 -6.43 24.34 45.90
N TYR D 148 -7.06 25.30 46.58
CA TYR D 148 -8.00 26.19 45.91
C TYR D 148 -8.38 27.41 46.74
N LYS D 149 -8.92 28.36 46.06
CA LYS D 149 -9.43 29.51 46.67
C LYS D 149 -10.88 29.38 47.02
N SER D 150 -11.61 28.75 46.13
CA SER D 150 -13.03 28.51 46.32
C SER D 150 -13.53 27.33 45.51
N ILE D 151 -14.73 26.87 45.83
CA ILE D 151 -15.37 25.80 45.10
C ILE D 151 -16.79 26.19 44.70
N TYR D 152 -17.06 26.14 43.41
CA TYR D 152 -18.39 26.35 42.88
C TYR D 152 -18.82 25.05 42.20
N GLU D 153 -20.12 24.88 42.01
CA GLU D 153 -20.62 23.68 41.38
C GLU D 153 -21.84 24.00 40.52
N LYS D 154 -21.98 23.27 39.45
CA LYS D 154 -23.18 23.30 38.70
C LYS D 154 -23.91 21.99 38.49
N VAL D 155 -25.23 22.06 38.56
CA VAL D 155 -26.05 20.89 38.33
C VAL D 155 -26.52 20.98 36.89
N ARG D 156 -26.13 20.01 36.09
CA ARG D 156 -26.40 20.08 34.66
C ARG D 156 -27.46 19.08 34.19
N PHE D 157 -28.44 18.80 35.04
CA PHE D 157 -29.51 17.87 34.68
C PHE D 157 -30.90 18.46 34.89
N SER D 163 -29.76 24.33 39.73
CA SER D 163 -29.28 24.82 41.00
C SER D 163 -27.78 25.02 40.87
N GLY D 164 -27.03 24.72 41.93
CA GLY D 164 -25.61 25.02 41.94
C GLY D 164 -25.32 26.35 42.61
N GLY D 165 -24.06 26.79 42.51
CA GLY D 165 -23.66 28.05 43.11
C GLY D 165 -22.44 27.88 43.98
N PHE D 166 -22.19 28.87 44.84
CA PHE D 166 -21.06 28.84 45.77
C PHE D 166 -21.18 27.65 46.71
N VAL D 167 -20.10 26.88 46.83
CA VAL D 167 -20.07 25.76 47.75
C VAL D 167 -19.32 26.09 49.04
N GLU D 168 -18.07 26.53 48.91
CA GLU D 168 -17.27 26.88 50.08
C GLU D 168 -15.99 27.60 49.68
N GLY D 169 -15.30 28.15 50.67
CA GLY D 169 -14.06 28.86 50.44
C GLY D 169 -14.23 30.36 50.39
N ASP D 170 -13.41 31.02 49.57
CA ASP D 170 -13.42 32.48 49.47
C ASP D 170 -14.03 32.96 48.15
N ALA D 171 -15.32 33.24 48.18
CA ALA D 171 -16.03 33.69 46.99
C ALA D 171 -15.42 34.96 46.40
N PRO D 172 -15.05 34.92 45.12
CA PRO D 172 -14.51 36.10 44.45
C PRO D 172 -15.64 36.93 43.87
N GLU D 173 -15.34 38.13 43.49
CA GLU D 173 -16.20 38.97 42.71
C GLU D 173 -16.17 38.58 41.26
N PHE D 174 -17.33 38.38 40.68
CA PHE D 174 -17.33 38.08 39.25
C PHE D 174 -17.58 39.33 38.43
N PRO D 175 -16.96 39.41 37.24
CA PRO D 175 -16.17 38.30 36.72
C PRO D 175 -14.78 38.22 37.34
N ILE D 176 -14.17 37.03 37.29
CA ILE D 176 -12.75 36.88 37.57
C ILE D 176 -12.03 36.86 36.24
N VAL D 177 -10.77 37.27 36.24
CA VAL D 177 -9.99 37.25 35.02
C VAL D 177 -9.03 36.07 35.07
N ILE D 178 -9.12 35.20 34.08
CA ILE D 178 -8.20 34.09 33.96
C ILE D 178 -7.20 34.36 32.86
N GLU D 179 -6.14 33.60 32.84
CA GLU D 179 -5.15 33.65 31.82
C GLU D 179 -4.94 32.36 31.07
N GLU D 180 -4.89 32.43 29.74
CA GLU D 180 -4.66 31.24 28.93
C GLU D 180 -3.91 31.65 27.66
N ASN D 181 -2.78 31.02 27.41
CA ASN D 181 -1.94 31.40 26.28
C ASN D 181 -1.58 32.87 26.36
N PHE D 182 -1.28 33.33 27.57
CA PHE D 182 -0.89 34.72 27.78
C PHE D 182 -1.98 35.68 27.31
N THR D 183 -3.23 35.22 27.39
CA THR D 183 -4.37 36.00 26.99
C THR D 183 -5.40 36.00 28.13
N PHE D 184 -6.05 37.15 28.34
CA PHE D 184 -6.98 37.29 29.47
C PHE D 184 -8.44 37.24 29.04
N TYR D 185 -9.26 36.58 29.85
CA TYR D 185 -10.68 36.46 29.59
C TYR D 185 -11.47 36.60 30.89
N ASN D 186 -12.69 37.09 30.79
CA ASN D 186 -13.59 37.12 31.93
C ASN D 186 -14.25 35.77 32.15
N VAL D 187 -14.39 35.39 33.42
CA VAL D 187 -15.09 34.16 33.77
C VAL D 187 -16.13 34.40 34.87
N ASP D 188 -17.27 33.75 34.74
CA ASP D 188 -18.31 33.83 35.75
C ASP D 188 -18.78 32.41 36.07
N LEU D 189 -18.57 32.00 37.32
CA LEU D 189 -18.86 30.63 37.72
C LEU D 189 -20.27 30.42 38.26
N GLU D 190 -21.01 31.50 38.47
CA GLU D 190 -22.31 31.36 39.13
C GLU D 190 -23.52 31.85 38.34
N ASP D 191 -23.33 32.42 37.19
CA ASP D 191 -24.44 32.74 36.35
C ASP D 191 -24.64 31.91 35.10
N GLY D 192 -25.73 31.16 35.10
CA GLY D 192 -26.09 30.33 33.98
C GLY D 192 -25.27 29.06 33.89
N LEU D 193 -25.46 28.38 32.79
CA LEU D 193 -24.73 27.16 32.47
C LEU D 193 -23.24 27.38 32.14
N MET D 194 -22.90 28.54 31.53
CA MET D 194 -21.67 28.72 30.85
C MET D 194 -20.84 29.65 31.63
N THR D 195 -19.54 29.59 31.43
CA THR D 195 -18.60 30.32 32.29
C THR D 195 -17.98 31.51 31.58
N GLY D 196 -18.14 31.58 30.27
CA GLY D 196 -17.55 32.64 29.48
C GLY D 196 -16.45 32.15 28.55
N ILE D 197 -15.99 30.92 28.79
CA ILE D 197 -14.96 30.32 27.95
C ILE D 197 -15.03 28.80 27.92
N PHE D 198 -14.72 28.23 26.77
CA PHE D 198 -14.59 26.78 26.64
C PHE D 198 -13.13 26.40 26.73
N LEU D 199 -12.73 25.89 27.88
CA LEU D 199 -11.33 25.54 28.12
C LEU D 199 -10.80 24.50 27.13
N ASP D 200 -11.70 23.68 26.59
CA ASP D 200 -11.25 22.59 25.72
C ASP D 200 -10.62 23.05 24.41
N GLN D 201 -10.78 24.30 24.04
CA GLN D 201 -10.25 24.90 22.84
C GLN D 201 -8.91 25.62 23.04
N LYS D 202 -8.26 25.39 24.18
CA LYS D 202 -7.01 26.08 24.50
C LYS D 202 -5.96 26.00 23.39
N GLU D 203 -5.72 24.79 22.89
CA GLU D 203 -4.68 24.57 21.88
C GLU D 203 -5.13 25.02 20.50
N VAL D 204 -6.43 24.93 20.23
CA VAL D 204 -6.96 25.42 18.97
C VAL D 204 -6.80 26.93 18.89
N ARG D 205 -7.10 27.62 19.99
CA ARG D 205 -6.90 29.07 20.07
C ARG D 205 -5.44 29.44 19.86
N LYS D 206 -4.55 28.70 20.52
CA LYS D 206 -3.12 28.89 20.38
C LYS D 206 -2.67 28.71 18.93
N LYS D 207 -3.15 27.65 18.30
CA LYS D 207 -2.80 27.36 16.91
C LYS D 207 -3.28 28.47 15.97
N LEU D 208 -4.49 28.96 16.21
CA LEU D 208 -5.05 30.03 15.39
C LEU D 208 -4.16 31.28 15.42
N ARG D 209 -3.67 31.71 16.55
CA ARG D 209 -2.85 32.88 16.67
C ARG D 209 -1.52 32.64 16.16
N GLY D 210 -1.01 31.48 16.51
CA GLY D 210 0.34 31.16 16.15
C GLY D 210 0.62 31.01 14.66
N GLN D 211 -0.32 30.57 13.90
CA GLN D 211 -0.06 30.18 12.56
C GLN D 211 -1.09 30.61 11.52
N TYR D 212 -2.27 31.01 11.91
CA TYR D 212 -3.30 31.37 10.94
C TYR D 212 -3.95 32.74 11.21
N ALA D 213 -3.19 33.67 11.77
CA ALA D 213 -3.74 34.97 12.13
C ALA D 213 -2.88 36.18 11.73
N LYS D 214 -1.56 36.07 11.68
CA LYS D 214 -0.71 37.23 11.46
C LYS D 214 -0.97 38.01 10.21
N GLU D 215 -1.30 39.24 10.44
CA GLU D 215 -1.57 40.12 9.37
C GLU D 215 -2.76 39.73 8.51
N ARG D 216 -3.66 38.91 9.04
CA ARG D 216 -4.82 38.49 8.27
C ARG D 216 -6.09 39.20 8.73
N HIS D 217 -7.10 39.19 7.87
CA HIS D 217 -8.44 39.59 8.27
C HIS D 217 -9.16 38.33 8.75
N VAL D 218 -9.35 38.24 10.07
CA VAL D 218 -9.88 37.03 10.68
C VAL D 218 -11.35 37.16 11.01
N LEU D 219 -12.13 36.17 10.59
CA LEU D 219 -13.56 36.14 10.86
C LEU D 219 -13.90 35.00 11.81
N ASN D 220 -14.72 35.31 12.81
CA ASN D 220 -15.07 34.36 13.85
C ASN D 220 -16.58 34.18 13.98
N LEU D 221 -17.08 33.04 13.52
CA LEU D 221 -18.52 32.79 13.46
C LEU D 221 -19.01 31.96 14.65
N PHE D 222 -20.19 32.23 15.13
CA PHE D 222 -20.70 31.66 16.40
C PHE D 222 -19.70 31.97 17.56
N SER D 223 -19.33 33.23 17.64
CA SER D 223 -18.24 33.75 18.44
C SER D 223 -18.38 33.62 19.97
N TYR D 224 -19.59 33.49 20.48
CA TYR D 224 -19.72 33.46 21.92
C TYR D 224 -19.10 34.75 22.44
N THR D 225 -18.14 34.62 23.34
CA THR D 225 -17.54 35.75 23.98
C THR D 225 -16.31 36.22 23.25
N GLY D 226 -16.11 35.78 22.03
CA GLY D 226 -15.03 36.28 21.18
C GLY D 226 -13.64 35.73 21.46
N ALA D 227 -13.56 34.62 22.19
CA ALA D 227 -12.27 34.07 22.57
C ALA D 227 -11.29 33.90 21.39
N PHE D 228 -11.77 33.38 20.27
CA PHE D 228 -10.93 33.21 19.09
C PHE D 228 -10.46 34.55 18.54
N SER D 229 -11.37 35.53 18.53
CA SER D 229 -11.05 36.85 18.00
C SER D 229 -10.04 37.54 18.91
N VAL D 230 -10.28 37.43 20.22
CA VAL D 230 -9.43 38.09 21.21
C VAL D 230 -7.96 37.69 21.08
N ILE D 231 -7.71 36.38 21.05
CA ILE D 231 -6.33 35.90 20.95
C ILE D 231 -5.74 36.15 19.56
N ALA D 232 -6.58 36.09 18.54
CA ALA D 232 -6.13 36.32 17.17
C ALA D 232 -5.75 37.78 16.96
N ALA D 233 -6.52 38.67 17.57
CA ALA D 233 -6.34 40.11 17.38
C ALA D 233 -4.93 40.59 17.75
N SER D 234 -4.17 39.74 18.41
CA SER D 234 -2.80 40.10 18.80
C SER D 234 -1.84 40.01 17.62
N GLU D 235 -2.29 39.48 16.50
CA GLU D 235 -1.50 39.36 15.34
C GLU D 235 -2.28 39.69 14.08
N ALA D 236 -3.58 39.53 14.12
CA ALA D 236 -4.43 39.84 12.98
C ALA D 236 -4.42 41.34 12.63
N SER D 237 -4.64 41.62 11.38
CA SER D 237 -4.79 42.94 10.90
C SER D 237 -6.10 43.46 11.38
N SER D 238 -7.08 42.59 11.39
CA SER D 238 -8.39 42.85 11.98
C SER D 238 -9.10 41.56 12.34
N THR D 239 -10.12 41.65 13.19
CA THR D 239 -10.96 40.50 13.50
C THR D 239 -12.42 40.93 13.44
N THR D 240 -13.26 40.00 12.98
CA THR D 240 -14.70 40.24 12.90
C THR D 240 -15.43 39.09 13.56
N SER D 241 -16.22 39.40 14.58
CA SER D 241 -16.92 38.39 15.36
C SER D 241 -18.42 38.45 15.13
N VAL D 242 -19.01 37.28 14.90
CA VAL D 242 -20.44 37.19 14.65
C VAL D 242 -21.11 36.19 15.59
N ASP D 243 -22.11 36.67 16.33
CA ASP D 243 -22.88 35.80 17.21
C ASP D 243 -24.33 36.29 17.29
N LEU D 244 -25.27 35.35 17.32
CA LEU D 244 -26.69 35.70 17.28
C LEU D 244 -27.21 36.34 18.59
N ALA D 245 -26.54 36.07 19.70
CA ALA D 245 -27.02 36.54 21.00
C ALA D 245 -26.58 37.97 21.28
N ASN D 246 -27.49 38.78 21.80
CA ASN D 246 -27.20 40.18 22.10
C ASN D 246 -26.09 40.35 23.14
N ARG D 247 -26.09 39.48 24.14
CA ARG D 247 -25.11 39.50 25.18
C ARG D 247 -23.67 39.40 24.70
N SER D 248 -23.52 38.85 23.51
CA SER D 248 -22.18 38.60 22.98
C SER D 248 -21.36 39.86 22.70
N ARG D 249 -21.99 40.94 22.26
CA ARG D 249 -21.26 42.16 21.94
C ARG D 249 -20.56 42.81 23.14
N SER D 250 -21.27 42.92 24.26
CA SER D 250 -20.69 43.42 25.51
C SER D 250 -19.58 42.51 26.02
N LEU D 251 -19.89 41.22 26.15
CA LEU D 251 -18.92 40.26 26.65
C LEU D 251 -17.64 40.25 25.82
N THR D 252 -17.79 40.36 24.50
CA THR D 252 -16.63 40.34 23.61
C THR D 252 -15.79 41.60 23.73
N GLU D 253 -16.44 42.75 23.75
CA GLU D 253 -15.77 44.02 23.99
C GLU D 253 -14.97 44.03 25.27
N GLU D 254 -15.55 43.55 26.34
CA GLU D 254 -14.86 43.46 27.63
C GLU D 254 -13.61 42.59 27.53
N ASN D 255 -13.72 41.46 26.84
CA ASN D 255 -12.57 40.57 26.65
C ASN D 255 -11.46 41.26 25.86
N PHE D 256 -11.85 42.01 24.82
CA PHE D 256 -10.87 42.79 24.08
C PHE D 256 -10.19 43.81 25.00
N GLY D 257 -11.00 44.48 25.82
CA GLY D 257 -10.48 45.47 26.75
C GLY D 257 -9.44 44.92 27.71
N LEU D 258 -9.60 43.70 28.13
CA LEU D 258 -8.67 43.06 29.02
C LEU D 258 -7.28 42.85 28.46
N ASN D 259 -7.16 42.92 27.17
CA ASN D 259 -5.93 42.65 26.54
C ASN D 259 -5.40 43.84 25.79
N ALA D 260 -6.10 44.95 25.87
CA ALA D 260 -5.66 46.24 25.41
C ALA D 260 -5.39 46.05 23.98
N ILE D 261 -6.50 45.87 23.34
CA ILE D 261 -6.52 45.60 21.98
C ILE D 261 -7.16 46.76 21.35
N ASP D 262 -6.58 47.18 20.23
CA ASP D 262 -7.16 48.33 19.53
C ASP D 262 -8.39 47.94 18.79
N PRO D 263 -9.51 48.45 19.31
CA PRO D 263 -10.87 48.15 18.87
C PRO D 263 -11.17 48.65 17.47
N LYS D 264 -10.39 49.62 17.03
CA LYS D 264 -10.61 50.26 15.77
C LYS D 264 -10.53 49.21 14.68
N SER D 265 -9.74 48.20 14.96
CA SER D 265 -9.50 47.14 14.04
C SER D 265 -10.31 45.90 14.38
N GLN D 266 -11.24 46.07 15.34
CA GLN D 266 -12.10 44.98 15.77
C GLN D 266 -13.55 45.28 15.42
N TYR D 267 -14.17 44.34 14.71
CA TYR D 267 -15.55 44.47 14.28
C TYR D 267 -16.44 43.42 14.97
N ILE D 268 -17.60 43.88 15.43
CA ILE D 268 -18.54 43.04 16.14
C ILE D 268 -19.93 43.11 15.65
N TYR D 269 -20.44 42.00 15.23
CA TYR D 269 -21.79 41.91 14.81
C TYR D 269 -22.67 40.97 15.66
N VAL D 270 -23.91 41.36 15.86
CA VAL D 270 -24.88 40.48 16.49
C VAL D 270 -25.89 40.10 15.42
N MET D 271 -25.80 38.86 14.96
CA MET D 271 -26.53 38.48 13.75
C MET D 271 -26.41 36.98 13.51
N ASP D 272 -27.40 36.43 12.81
CA ASP D 272 -27.39 35.02 12.44
C ASP D 272 -26.28 34.79 11.42
N THR D 273 -25.39 33.85 11.71
CA THR D 273 -24.26 33.55 10.82
C THR D 273 -24.69 33.50 9.37
N PHE D 274 -25.80 32.83 9.10
CA PHE D 274 -26.26 32.64 7.74
C PHE D 274 -26.69 33.95 7.09
N ASP D 275 -27.24 34.86 7.89
CA ASP D 275 -27.57 36.19 7.40
C ASP D 275 -26.29 36.97 7.12
N PHE D 276 -25.27 36.76 7.96
CA PHE D 276 -23.99 37.45 7.78
C PHE D 276 -23.29 37.02 6.50
N TYR D 277 -23.44 35.74 6.13
CA TYR D 277 -22.88 35.27 4.86
C TYR D 277 -23.38 36.14 3.71
N LYS D 278 -24.69 36.34 3.66
CA LYS D 278 -25.34 37.15 2.62
C LYS D 278 -24.95 38.64 2.64
N TYR D 279 -24.91 39.21 3.84
CA TYR D 279 -24.47 40.59 4.03
C TYR D 279 -23.01 40.81 3.68
N ALA D 280 -22.17 39.86 4.10
CA ALA D 280 -20.73 39.95 3.87
C ALA D 280 -20.44 39.93 2.38
N ALA D 281 -21.08 39.02 1.65
CA ALA D 281 -20.90 38.97 0.19
C ALA D 281 -21.46 40.16 -0.59
N ARG D 282 -22.69 40.57 -0.28
CA ARG D 282 -23.33 41.68 -0.94
C ARG D 282 -22.53 42.95 -0.76
N HIS D 283 -21.76 43.05 0.29
CA HIS D 283 -20.88 44.16 0.49
C HIS D 283 -19.44 43.89 0.10
N GLY D 284 -19.23 42.83 -0.64
CA GLY D 284 -17.95 42.48 -1.20
C GLY D 284 -16.87 42.30 -0.13
N HIS D 285 -17.23 41.67 0.97
CA HIS D 285 -16.33 41.35 2.04
C HIS D 285 -15.65 40.01 1.85
N SER D 286 -14.36 39.93 2.11
CA SER D 286 -13.66 38.66 2.09
C SER D 286 -12.64 38.58 3.21
N TYR D 287 -12.45 37.39 3.78
CA TYR D 287 -11.54 37.23 4.91
C TYR D 287 -10.47 36.17 4.63
N ASP D 288 -9.35 36.30 5.32
CA ASP D 288 -8.19 35.43 5.11
C ASP D 288 -8.28 34.16 5.96
N THR D 289 -8.91 34.26 7.12
CA THR D 289 -9.15 33.11 7.97
C THR D 289 -10.56 33.17 8.51
N ILE D 290 -11.30 32.07 8.35
CA ILE D 290 -12.67 32.00 8.82
C ILE D 290 -12.84 30.87 9.82
N VAL D 291 -13.12 31.24 11.06
CA VAL D 291 -13.33 30.30 12.14
C VAL D 291 -14.81 29.98 12.30
N ILE D 292 -15.13 28.68 12.34
CA ILE D 292 -16.51 28.25 12.45
C ILE D 292 -16.63 27.22 13.57
N ASP D 293 -17.33 27.59 14.64
CA ASP D 293 -17.46 26.73 15.81
C ASP D 293 -18.86 26.81 16.38
N PRO D 294 -19.83 26.21 15.67
CA PRO D 294 -21.26 26.31 15.99
C PRO D 294 -21.72 25.34 17.08
N PRO D 295 -22.87 25.61 17.69
CA PRO D 295 -23.49 24.65 18.61
C PRO D 295 -23.93 23.42 17.81
N SER D 296 -24.09 22.31 18.43
CA SER D 296 -24.63 21.14 17.81
C SER D 296 -25.96 21.20 17.21
N PHE D 297 -26.79 21.90 17.90
CA PHE D 297 -28.14 22.20 17.42
C PHE D 297 -28.46 23.66 17.72
N ALA D 298 -29.12 24.33 16.78
CA ALA D 298 -29.52 25.72 17.00
C ALA D 298 -30.90 25.99 16.42
N ARG D 299 -31.73 26.68 17.17
CA ARG D 299 -33.01 27.13 16.67
C ARG D 299 -33.11 28.64 16.72
N ASN D 300 -33.49 29.24 15.59
CA ASN D 300 -33.65 30.68 15.50
C ASN D 300 -35.02 30.98 14.92
N LYS D 301 -36.03 30.96 15.79
CA LYS D 301 -37.41 31.04 15.32
C LYS D 301 -37.66 29.84 14.41
N LYS D 302 -38.18 30.06 13.21
CA LYS D 302 -38.45 28.94 12.30
C LYS D 302 -37.17 28.20 11.91
N ARG D 303 -36.11 28.95 11.68
CA ARG D 303 -34.86 28.35 11.19
C ARG D 303 -34.21 27.37 12.17
N THR D 304 -33.79 26.23 11.64
CA THR D 304 -33.05 25.22 12.36
C THR D 304 -31.66 24.92 11.82
N PHE D 305 -30.74 24.66 12.73
CA PHE D 305 -29.41 24.21 12.34
C PHE D 305 -29.02 22.95 13.10
N SER D 306 -28.56 21.95 12.37
CA SER D 306 -27.93 20.79 12.92
C SER D 306 -26.58 20.53 12.37
N VAL D 307 -25.66 20.36 13.27
CA VAL D 307 -24.27 20.25 12.87
C VAL D 307 -24.03 19.03 11.98
N GLN D 308 -24.81 17.98 12.09
CA GLN D 308 -24.73 16.78 11.29
C GLN D 308 -25.35 16.80 9.92
N LYS D 309 -26.17 17.79 9.68
CA LYS D 309 -26.90 17.91 8.46
C LYS D 309 -26.53 19.20 7.69
N ASP D 310 -26.11 20.23 8.38
CA ASP D 310 -26.02 21.55 7.76
C ASP D 310 -24.60 22.11 7.65
N TYR D 311 -23.59 21.33 8.01
CA TYR D 311 -22.24 21.86 7.99
C TYR D 311 -21.75 22.21 6.58
N ASP D 312 -22.27 21.49 5.58
CA ASP D 312 -21.94 21.83 4.20
C ASP D 312 -22.32 23.27 3.87
N LYS D 313 -23.43 23.73 4.39
CA LYS D 313 -23.85 25.07 4.25
C LYS D 313 -22.95 26.10 4.87
N LEU D 314 -22.46 25.79 6.04
CA LEU D 314 -21.49 26.65 6.70
C LEU D 314 -20.23 26.80 5.85
N ILE D 315 -19.78 25.68 5.28
CA ILE D 315 -18.57 25.67 4.47
C ILE D 315 -18.74 26.45 3.16
N ASN D 316 -19.95 26.28 2.52
CA ASN D 316 -20.22 26.97 1.27
C ASN D 316 -20.38 28.47 1.47
N GLY D 317 -21.00 28.81 2.49
CA GLY D 317 -21.17 30.21 2.82
C GLY D 317 -19.85 30.88 3.11
N ALA D 318 -18.95 30.17 3.79
CA ALA D 318 -17.65 30.71 4.13
C ALA D 318 -16.78 30.89 2.88
N LEU D 319 -16.79 29.89 2.01
CA LEU D 319 -16.04 29.94 0.76
C LEU D 319 -16.36 31.20 -0.03
N ASN D 320 -17.64 31.57 -0.03
CA ASN D 320 -18.11 32.74 -0.77
C ASN D 320 -17.54 34.07 -0.26
N ILE D 321 -16.98 34.08 0.94
CA ILE D 321 -16.38 35.30 1.48
C ILE D 321 -14.95 35.06 1.96
N LEU D 322 -14.31 34.02 1.42
CA LEU D 322 -12.93 33.72 1.74
C LEU D 322 -12.04 34.24 0.62
N SER D 323 -10.88 34.81 0.99
CA SER D 323 -9.92 35.30 0.01
C SER D 323 -9.47 34.17 -0.92
N SER D 324 -8.80 34.50 -2.02
CA SER D 324 -8.45 33.49 -3.01
C SER D 324 -7.59 32.43 -2.36
N GLU D 325 -6.68 32.87 -1.49
CA GLU D 325 -5.94 32.03 -0.64
C GLU D 325 -6.30 32.29 0.80
N GLY D 326 -6.75 31.27 1.50
CA GLY D 326 -7.19 31.46 2.87
C GLY D 326 -7.24 30.18 3.66
N THR D 327 -7.70 30.28 4.90
CA THR D 327 -7.77 29.13 5.78
C THR D 327 -9.14 29.04 6.44
N LEU D 328 -9.70 27.82 6.44
CA LEU D 328 -10.91 27.55 7.19
C LEU D 328 -10.53 26.77 8.46
N LEU D 329 -10.99 27.25 9.60
CA LEU D 329 -10.86 26.51 10.84
C LEU D 329 -12.26 25.99 11.19
N LEU D 330 -12.49 24.71 10.94
CA LEU D 330 -13.81 24.13 11.08
C LEU D 330 -13.89 23.23 12.31
N CYS D 331 -14.73 23.62 13.25
CA CYS D 331 -14.81 22.92 14.53
C CYS D 331 -16.21 22.40 14.82
N THR D 332 -16.29 21.38 15.68
CA THR D 332 -17.54 20.97 16.27
C THR D 332 -17.23 20.28 17.60
N ASN D 333 -18.10 20.46 18.58
CA ASN D 333 -17.97 19.79 19.88
C ASN D 333 -18.96 18.65 20.07
N ALA D 334 -19.72 18.34 19.03
CA ALA D 334 -20.81 17.38 19.13
C ALA D 334 -20.34 15.94 19.25
N SER D 335 -20.59 15.32 20.40
CA SER D 335 -20.20 13.94 20.64
C SER D 335 -20.84 12.98 19.65
N VAL D 336 -22.02 13.35 19.15
CA VAL D 336 -22.75 12.50 18.21
C VAL D 336 -22.18 12.58 16.80
N TYR D 337 -21.24 13.50 16.58
CA TYR D 337 -20.71 13.76 15.25
C TYR D 337 -19.24 13.35 15.17
N PRO D 338 -18.98 12.05 14.93
CA PRO D 338 -17.61 11.52 14.94
C PRO D 338 -16.70 12.20 13.93
N LEU D 339 -15.41 12.27 14.27
CA LEU D 339 -14.39 12.87 13.41
C LEU D 339 -14.43 12.35 11.97
N LYS D 340 -14.61 11.06 11.76
CA LYS D 340 -14.66 10.45 10.44
C LYS D 340 -15.70 11.06 9.55
N GLN D 341 -16.88 11.21 10.16
CA GLN D 341 -18.00 11.84 9.48
C GLN D 341 -17.70 13.28 9.17
N PHE D 342 -17.31 13.96 10.21
CA PHE D 342 -16.98 15.37 10.04
C PHE D 342 -15.98 15.57 8.91
N LYS D 343 -14.90 14.83 8.91
CA LYS D 343 -13.90 14.83 7.87
C LYS D 343 -14.43 14.54 6.48
N ASN D 344 -15.32 13.56 6.40
CA ASN D 344 -16.01 13.22 5.15
C ASN D 344 -16.91 14.35 4.65
N THR D 345 -17.64 15.00 5.56
CA THR D 345 -18.45 16.14 5.18
C THR D 345 -17.58 17.27 4.64
N ILE D 346 -16.51 17.57 5.36
CA ILE D 346 -15.59 18.62 4.94
C ILE D 346 -15.04 18.35 3.53
N LYS D 347 -14.46 17.17 3.35
CA LYS D 347 -13.84 16.81 2.08
C LYS D 347 -14.86 16.76 0.95
N LYS D 348 -16.03 16.21 1.13
CA LYS D 348 -17.02 16.17 0.11
C LYS D 348 -17.54 17.47 -0.29
N THR D 349 -17.74 18.31 0.69
CA THR D 349 -18.21 19.64 0.37
C THR D 349 -17.17 20.42 -0.43
N LEU D 350 -15.90 20.30 -0.04
CA LEU D 350 -14.82 20.98 -0.74
C LEU D 350 -14.59 20.40 -2.13
N GLU D 351 -14.74 19.09 -2.25
CA GLU D 351 -14.60 18.44 -3.55
C GLU D 351 -15.66 18.94 -4.52
N GLU D 352 -16.90 19.09 -4.06
CA GLU D 352 -17.94 19.57 -4.91
C GLU D 352 -17.81 21.04 -5.24
N SER D 353 -17.15 21.80 -4.39
CA SER D 353 -16.93 23.22 -4.67
C SER D 353 -15.92 23.42 -5.80
N GLY D 354 -14.98 22.48 -5.92
CA GLY D 354 -13.97 22.54 -6.98
C GLY D 354 -12.73 23.29 -6.59
N VAL D 355 -12.64 23.72 -5.33
CA VAL D 355 -11.49 24.50 -4.87
C VAL D 355 -10.29 23.60 -4.58
N ASP D 356 -9.11 24.20 -4.57
CA ASP D 356 -7.92 23.51 -4.07
C ASP D 356 -7.96 23.57 -2.55
N TYR D 357 -7.63 22.46 -1.87
CA TYR D 357 -7.71 22.38 -0.39
C TYR D 357 -6.78 21.30 0.17
N GLU D 358 -6.15 21.64 1.30
CA GLU D 358 -5.28 20.86 2.14
C GLU D 358 -5.68 20.91 3.61
N LEU D 359 -6.15 19.79 4.19
CA LEU D 359 -6.27 19.73 5.64
C LEU D 359 -4.87 19.74 6.22
N THR D 360 -4.53 20.82 6.91
CA THR D 360 -3.18 20.97 7.44
C THR D 360 -3.09 20.46 8.87
N GLU D 361 -4.21 20.55 9.58
CA GLU D 361 -4.25 20.08 10.96
C GLU D 361 -5.58 19.56 11.43
N VAL D 362 -5.51 18.45 12.15
CA VAL D 362 -6.70 17.89 12.77
C VAL D 362 -6.44 17.76 14.28
N MET D 363 -7.17 18.56 15.07
CA MET D 363 -6.94 18.56 16.51
C MET D 363 -8.14 17.97 17.27
N GLY D 364 -7.84 17.28 18.36
CA GLY D 364 -8.87 16.78 19.25
C GLY D 364 -8.72 17.44 20.61
N LEU D 365 -9.30 16.84 21.64
CA LEU D 365 -9.24 17.38 23.00
C LEU D 365 -7.81 17.45 23.51
N PRO D 366 -7.48 18.51 24.25
CA PRO D 366 -6.14 18.66 24.82
C PRO D 366 -5.95 17.75 26.04
N LYS D 367 -4.77 17.66 26.57
CA LYS D 367 -4.41 16.73 27.59
C LYS D 367 -5.13 16.88 28.91
N ASP D 368 -5.51 18.09 29.26
CA ASP D 368 -6.27 18.29 30.50
C ASP D 368 -7.71 17.80 30.36
N PHE D 369 -8.12 17.52 29.12
CA PHE D 369 -9.42 16.92 28.86
C PHE D 369 -9.23 15.45 28.50
N LYS D 370 -8.67 14.70 29.44
CA LYS D 370 -8.38 13.29 29.23
C LYS D 370 -9.60 12.52 28.74
N THR D 371 -9.42 11.77 27.66
CA THR D 371 -10.53 11.00 27.09
C THR D 371 -10.45 9.54 27.50
N HIS D 372 -11.52 8.80 27.24
CA HIS D 372 -11.59 7.38 27.59
C HIS D 372 -11.33 6.53 26.35
N PRO D 373 -10.28 5.70 26.41
CA PRO D 373 -9.82 4.96 25.22
C PRO D 373 -10.84 3.93 24.72
N HIS D 374 -11.84 3.61 25.55
CA HIS D 374 -12.84 2.63 25.14
C HIS D 374 -14.22 3.25 25.00
N TYR D 375 -14.27 4.57 24.88
CA TYR D 375 -15.53 5.27 24.66
C TYR D 375 -15.30 6.44 23.71
N LYS D 376 -15.41 6.18 22.44
CA LYS D 376 -15.16 7.13 21.36
C LYS D 376 -15.84 8.48 21.53
N PRO D 377 -17.11 8.47 21.90
CA PRO D 377 -17.84 9.73 22.05
C PRO D 377 -17.19 10.70 23.04
N SER D 378 -16.31 10.19 23.90
CA SER D 378 -15.60 11.05 24.84
C SER D 378 -14.61 11.95 24.10
N LYS D 379 -14.29 11.61 22.87
CA LYS D 379 -13.42 12.36 22.02
C LYS D 379 -14.28 13.32 21.14
N TYR D 380 -14.90 14.24 21.82
CA TYR D 380 -15.90 14.99 21.24
C TYR D 380 -15.48 16.24 20.51
N LEU D 381 -14.37 16.83 20.51
CA LEU D 381 -13.85 18.05 19.87
C LEU D 381 -13.16 17.70 18.59
N LYS D 382 -13.62 18.43 17.60
CA LYS D 382 -12.89 18.32 16.34
C LYS D 382 -12.56 19.69 15.80
N ALA D 383 -11.27 19.94 15.60
CA ALA D 383 -10.83 21.16 14.97
C ALA D 383 -10.06 20.79 13.73
N VAL D 384 -10.48 21.28 12.57
CA VAL D 384 -9.77 21.02 11.34
C VAL D 384 -9.36 22.33 10.70
N PHE D 385 -8.07 22.49 10.47
CA PHE D 385 -7.56 23.61 9.70
C PHE D 385 -7.42 23.20 8.25
N VAL D 386 -8.05 23.97 7.38
CA VAL D 386 -7.97 23.73 5.95
C VAL D 386 -7.34 24.95 5.30
N ASN D 387 -6.40 24.74 4.41
CA ASN D 387 -5.89 25.79 3.56
C ASN D 387 -6.61 25.68 2.25
N ILE D 388 -7.01 26.82 1.74
CA ILE D 388 -7.80 26.91 0.53
C ILE D 388 -7.17 27.82 -0.52
N ARG D 389 -7.23 27.38 -1.76
CA ARG D 389 -7.00 28.24 -2.90
C ARG D 389 -8.18 28.07 -3.85
N HIS D 390 -8.83 29.18 -4.21
CA HIS D 390 -9.91 29.10 -5.18
C HIS D 390 -9.96 30.33 -6.07
N LEU D 391 -10.73 30.26 -7.11
CA LEU D 391 -10.83 31.25 -8.10
C LEU D 391 -12.22 31.51 -8.59
N GLU D 392 -12.55 32.75 -8.81
CA GLU D 392 -13.90 33.08 -9.23
C GLU D 392 -13.83 33.91 -10.51
N HIS D 393 -14.51 33.45 -11.55
CA HIS D 393 -14.42 34.07 -12.85
C HIS D 393 -15.78 34.18 -13.52
N HIS D 394 -16.20 35.40 -13.79
CA HIS D 394 -17.41 35.65 -14.56
C HIS D 394 -17.29 37.03 -15.18
N HIS D 395 -18.25 37.39 -16.02
CA HIS D 395 -18.24 38.70 -16.66
C HIS D 395 -18.76 39.79 -15.72
N HIS D 396 -17.95 40.77 -15.45
CA HIS D 396 -18.35 41.91 -14.73
C HIS D 396 -18.78 43.02 -15.70
N HIS D 397 -19.97 43.56 -15.49
CA HIS D 397 -20.49 44.56 -16.40
C HIS D 397 -19.55 45.77 -16.49
N HIS D 398 -19.28 46.24 -17.72
CA HIS D 398 -18.36 47.30 -18.01
C HIS D 398 -18.40 47.62 -19.48
N SAH E . -19.59 2.64 -22.26
CA SAH E . -20.85 3.35 -22.38
CB SAH E . -20.64 4.73 -22.98
CG SAH E . -19.69 5.51 -22.12
SD SAH E . -19.96 7.26 -22.34
C SAH E . -21.82 2.55 -23.20
O SAH E . -21.63 1.32 -23.36
OXT SAH E . -22.80 3.11 -23.72
C5' SAH E . -19.11 8.14 -21.03
C4' SAH E . -19.88 7.94 -19.73
O4' SAH E . -19.04 7.72 -18.62
C3' SAH E . -20.76 9.09 -19.36
O3' SAH E . -22.07 8.69 -19.21
C2' SAH E . -20.21 9.64 -18.11
O2' SAH E . -21.21 10.12 -17.29
C1' SAH E . -19.50 8.47 -17.54
N9 SAH E . -18.41 8.80 -16.68
C8 SAH E . -17.48 9.83 -16.89
N7 SAH E . -16.59 9.79 -15.85
C5 SAH E . -16.94 8.77 -14.97
C6 SAH E . -16.40 8.31 -13.80
N6 SAH E . -15.24 8.94 -13.25
N1 SAH E . -16.96 7.26 -13.15
C2 SAH E . -18.08 6.66 -13.68
N3 SAH E . -18.63 7.11 -14.85
C4 SAH E . -18.06 8.15 -15.49
N SAH F . 15.41 5.57 8.94
CA SAH F . 15.36 4.34 8.09
CB SAH F . 15.46 3.09 8.96
CG SAH F . 16.69 3.01 9.85
SD SAH F . 17.27 1.29 10.05
C SAH F . 14.10 4.29 7.23
O SAH F . 13.39 5.28 7.05
OXT SAH F . 13.78 3.24 6.68
C5' SAH F . 18.87 1.85 10.68
C4' SAH F . 19.89 2.11 9.58
O4' SAH F . 20.90 2.96 10.08
C3' SAH F . 20.59 0.86 9.08
O3' SAH F . 20.33 0.71 7.70
C2' SAH F . 22.07 1.09 9.34
O2' SAH F . 22.89 0.64 8.29
C1' SAH F . 22.15 2.60 9.51
N9 SAH F . 23.21 3.11 10.38
C8 SAH F . 23.68 2.60 11.57
N7 SAH F . 24.65 3.42 12.03
C5 SAH F . 24.80 4.45 11.17
C6 SAH F . 25.64 5.56 11.16
N6 SAH F . 26.50 5.75 12.15
N1 SAH F . 25.55 6.47 10.12
C2 SAH F . 24.64 6.26 9.11
N3 SAH F . 23.83 5.16 9.12
C4 SAH F . 23.89 4.27 10.14
N SAH G . 24.36 -19.77 -13.71
CA SAH G . 24.24 -19.03 -12.42
CB SAH G . 23.18 -19.66 -11.53
CG SAH G . 21.81 -19.79 -12.20
SD SAH G . 20.46 -19.86 -10.99
C SAH G . 25.59 -18.96 -11.71
O SAH G . 26.63 -19.26 -12.30
OXT SAH G . 25.69 -18.57 -10.54
C5' SAH G . 19.22 -19.66 -12.31
C4' SAH G . 19.06 -18.22 -12.77
O4' SAH G . 18.45 -18.17 -14.03
C3' SAH G . 18.20 -17.38 -11.84
O3' SAH G . 18.98 -16.32 -11.33
C2' SAH G . 17.05 -16.88 -12.70
O2' SAH G . 16.70 -15.54 -12.43
C1' SAH G . 17.60 -17.05 -14.10
N9 SAH G . 16.59 -17.26 -15.16
C8 SAH G . 15.44 -17.99 -15.09
N7 SAH G . 14.83 -17.92 -16.30
C5 SAH G . 15.58 -17.17 -17.12
C6 SAH G . 15.43 -16.78 -18.45
N6 SAH G . 14.35 -17.18 -19.13
N1 SAH G . 16.37 -15.98 -19.04
C2 SAH G . 17.49 -15.57 -18.32
N3 SAH G . 17.63 -15.96 -17.00
C4 SAH G . 16.69 -16.74 -16.43
N SAH H . -17.30 29.29 19.24
CA SAH H . -17.53 29.86 20.60
CB SAH H . -18.55 29.00 21.35
CG SAH H . -19.88 28.89 20.62
SD SAH H . -21.25 28.54 21.75
C SAH H . -16.23 29.99 21.38
O SAH H . -16.24 30.22 22.60
OXT SAH H . -15.14 29.85 20.84
C5' SAH H . -22.44 28.72 20.39
C4' SAH H . -22.76 30.17 20.07
O4' SAH H . -23.39 30.27 18.81
C3' SAH H . -23.72 30.81 21.07
O3' SAH H . -23.07 31.93 21.66
C2' SAH H . -24.92 31.24 20.26
O2' SAH H . -25.44 32.49 20.67
C1' SAH H . -24.37 31.28 18.85
N9 SAH H . -25.36 31.04 17.78
C8 SAH H . -26.45 30.21 17.78
N7 SAH H . -27.04 30.30 16.57
C5 SAH H . -26.35 31.17 15.82
C6 SAH H . -26.52 31.64 14.51
N6 SAH H . -27.54 31.20 13.78
N1 SAH H . -25.63 32.54 13.98
C2 SAH H . -24.57 33.00 14.75
N3 SAH H . -24.40 32.53 16.04
C4 SAH H . -25.28 31.64 16.56
#